data_4M7E
#
_entry.id   4M7E
#
_cell.length_a   145.911
_cell.length_b   145.911
_cell.length_c   166.240
_cell.angle_alpha   90.00
_cell.angle_beta   90.00
_cell.angle_gamma   120.00
#
_symmetry.space_group_name_H-M   'P 31'
#
loop_
_entity.id
_entity.type
_entity.pdbx_description
1 polymer 'Protein BRASSINOSTEROID INSENSITIVE 1'
2 polymer 'BRASSINOSTEROID INSENSITIVE 1-associated receptor kinase 1'
3 branched 2-acetamido-2-deoxy-beta-D-glucopyranose-(1-4)-2-acetamido-2-deoxy-beta-D-glucopyranose
4 non-polymer 2-acetamido-2-deoxy-beta-D-glucopyranose
5 non-polymer 'SULFATE ION'
6 non-polymer Brassinolide
#
loop_
_entity_poly.entity_id
_entity_poly.type
_entity_poly.pdbx_seq_one_letter_code
_entity_poly.pdbx_strand_id
1 'polypeptide(L)'
;FQASPSQSLYREIHQLISFKDVLPDKNLLPDWSSNKNPCTFDGVTCRDDKVTSIDLSSKPLNVGFSAVSSSLLSLTGLES
LFLSNSHINGSVSGFKCSASLTSLDLSRNSLSGPVTTLTSLGSCSGLKFLNVSSNTLDFPGKVSGGLKLNSLEVLDLSAN
SISGANVVGWVLSDGCGELKHLAISGNKISGDVDVSRCVNLEFLDVSSNNFSTGIPFLGDCSALQHLDISGNKLSGDFSR
AISTCTELKLLNISSNQFVGPIPPLPLKSLQYLSLAENKFTGEIPDFLSGACDTLTGLDLSGNHFYGAVPPFFGSCSLLE
SLALSSNNFSGELPMDTLLKMRGLKVLDLSFNEFSGELPESLTNLSASLLTLDLSSNNFSGPILPNLCQNPKNTLQELYL
QNNGFTGKIPPTLSNCSELVSLHLSFNYLSGTIPSSLGSLSKLRDLKLWLNMLEGEIPQELMYVKTLETLILDFNDLTGE
IPSGLSNCTNLNWISLSNNRLTGEIPKWIGRLENLAILKLSNNSFSGNIPAELGDCRSLIWLDLNTNLFNGTIPAAMFKQ
SGKIAANFIAGKRYVYIKNDGMKKECHGAGNLLEFQGIRSEQLNRLSTRNPCNITSRVYGGHTSPTFDNNGSMMFLDMSY
NMLSGYIPKEIGSMPYLFILNLGHNDISGSIPDEVGDLRGLNILDLSSNKLDGRIPQAMSALTMLTEIDLSNNNLSGPIP
EMGQFETFPPAKFLNNPGLCGYPLPRCDPSNADGYAHHQRSHHHHHH
;
A,B
2 'polypeptide(L)'
;NAEGDALSALKNSLADPNKVLQSWDATLVTPCTWFHVTCNSDNSVTRVDLGNANLSGQLVMQLGQLPNLQYLELYSNNIT
GTIPEQLGNLTELVSLDLYLNNLSGPIPSTLGRLKKLRFLRLNNNSLSGEIPRSLTAVLTLQVLDLSNNPLTGDIPVNGS
FSLFTPISFANTKLTPLPASPPPPISPTPPSPAGSHHHHHH
;
D,C
#
# COMPACT_ATOMS: atom_id res chain seq x y z
N ARG A 11 -16.29 8.10 -33.60
CA ARG A 11 -14.90 8.37 -33.94
C ARG A 11 -14.23 9.19 -32.85
N GLU A 12 -14.86 10.32 -32.55
CA GLU A 12 -14.46 11.30 -31.54
C GLU A 12 -14.27 10.69 -30.14
N ILE A 13 -15.31 9.97 -29.73
CA ILE A 13 -15.35 9.27 -28.46
C ILE A 13 -14.07 8.48 -28.27
N HIS A 14 -13.69 7.81 -29.35
CA HIS A 14 -12.54 6.92 -29.31
C HIS A 14 -11.21 7.67 -29.19
N GLN A 15 -11.18 8.93 -29.66
CA GLN A 15 -10.04 9.81 -29.41
C GLN A 15 -9.98 10.10 -27.92
N LEU A 16 -11.15 10.34 -27.33
CA LEU A 16 -11.25 10.69 -25.90
C LEU A 16 -10.82 9.53 -24.95
N ILE A 17 -11.16 8.29 -25.31
CA ILE A 17 -10.65 7.17 -24.49
C ILE A 17 -9.17 6.87 -24.83
N SER A 18 -8.83 7.08 -26.10
CA SER A 18 -7.45 6.96 -26.53
C SER A 18 -6.59 7.87 -25.65
N PHE A 19 -7.15 9.03 -25.27
CA PHE A 19 -6.47 9.91 -24.32
C PHE A 19 -6.48 9.16 -23.01
N LYS A 20 -7.65 8.71 -22.58
CA LYS A 20 -7.76 8.25 -21.20
C LYS A 20 -6.66 7.25 -20.85
N ASP A 21 -6.24 6.47 -21.84
CA ASP A 21 -5.25 5.41 -21.61
C ASP A 21 -3.97 5.89 -20.94
N VAL A 22 -3.42 7.00 -21.40
CA VAL A 22 -2.10 7.45 -20.94
C VAL A 22 -2.03 7.91 -19.49
N LEU A 23 -3.18 8.21 -18.89
CA LEU A 23 -3.18 8.66 -17.52
C LEU A 23 -2.67 7.50 -16.67
N PRO A 24 -1.73 7.76 -15.76
CA PRO A 24 -1.10 6.64 -15.03
C PRO A 24 -1.90 5.68 -14.05
N ASP A 25 -2.70 6.03 -13.04
CA ASP A 25 -3.50 7.24 -12.83
C ASP A 25 -4.66 7.22 -13.80
N LYS A 26 -5.22 6.04 -14.02
CA LYS A 26 -6.40 5.85 -14.85
C LYS A 26 -7.65 6.32 -14.11
N ASN A 27 -7.50 6.53 -12.81
CA ASN A 27 -8.61 6.86 -11.91
C ASN A 27 -9.27 8.22 -12.15
N LEU A 28 -8.55 9.14 -12.76
CA LEU A 28 -9.10 10.43 -13.20
C LEU A 28 -9.93 10.15 -14.44
N LEU A 29 -10.78 11.09 -14.80
CA LEU A 29 -11.73 10.89 -15.90
C LEU A 29 -12.55 9.57 -15.78
N PRO A 30 -13.12 9.29 -14.58
CA PRO A 30 -13.87 8.05 -14.39
C PRO A 30 -15.19 8.07 -15.10
N ASP A 31 -15.79 9.24 -15.31
CA ASP A 31 -17.09 9.24 -15.99
C ASP A 31 -16.89 9.18 -17.48
N TRP A 32 -15.62 9.06 -17.90
CA TRP A 32 -15.25 8.84 -19.29
C TRP A 32 -15.24 7.35 -19.55
N SER A 33 -16.21 6.90 -20.34
CA SER A 33 -16.41 5.47 -20.57
C SER A 33 -17.06 5.26 -21.94
N SER A 34 -16.74 4.13 -22.57
CA SER A 34 -17.08 3.90 -23.97
C SER A 34 -18.57 3.83 -24.30
N ASN A 35 -19.37 3.35 -23.36
CA ASN A 35 -20.81 3.28 -23.59
C ASN A 35 -21.43 4.65 -23.77
N LYS A 36 -21.15 5.53 -22.80
CA LYS A 36 -21.84 6.80 -22.66
C LYS A 36 -21.55 7.76 -23.83
N ASN A 37 -22.43 8.74 -23.99
CA ASN A 37 -22.26 9.80 -24.99
C ASN A 37 -21.30 10.86 -24.44
N PRO A 38 -20.27 11.23 -25.22
CA PRO A 38 -19.12 12.02 -24.78
C PRO A 38 -19.53 13.23 -23.94
N CYS A 39 -20.72 13.78 -24.20
CA CYS A 39 -21.19 15.03 -23.59
C CYS A 39 -21.39 14.99 -22.08
N THR A 40 -21.61 13.79 -21.56
CA THR A 40 -21.88 13.57 -20.15
C THR A 40 -20.60 13.46 -19.32
N PHE A 41 -19.47 13.59 -20.01
CA PHE A 41 -18.13 13.50 -19.43
C PHE A 41 -17.70 14.78 -18.67
N ASP A 42 -16.97 14.57 -17.58
CA ASP A 42 -16.39 15.64 -16.75
C ASP A 42 -15.59 16.52 -17.69
N GLY A 43 -15.72 17.83 -17.56
CA GLY A 43 -14.93 18.71 -18.39
C GLY A 43 -15.28 18.73 -19.86
N VAL A 44 -16.16 17.84 -20.31
CA VAL A 44 -16.44 17.83 -21.74
C VAL A 44 -17.71 18.62 -22.06
N THR A 45 -17.54 19.68 -22.84
CA THR A 45 -18.63 20.58 -23.19
C THR A 45 -19.00 20.48 -24.69
N CYS A 46 -20.29 20.25 -24.94
CA CYS A 46 -20.78 20.05 -26.30
C CYS A 46 -21.68 21.21 -26.75
N ARG A 47 -21.74 21.43 -28.06
CA ARG A 47 -22.68 22.42 -28.58
C ARG A 47 -23.39 21.74 -29.76
N ASP A 48 -24.68 21.49 -29.57
CA ASP A 48 -25.51 20.69 -30.48
C ASP A 48 -25.01 19.25 -30.65
N ASP A 49 -24.67 18.64 -29.51
CA ASP A 49 -24.10 17.29 -29.40
C ASP A 49 -22.85 17.01 -30.24
N LYS A 50 -21.88 17.93 -30.19
CA LYS A 50 -20.54 17.74 -30.76
C LYS A 50 -19.59 18.40 -29.76
N VAL A 51 -18.37 17.90 -29.57
CA VAL A 51 -17.57 18.42 -28.45
C VAL A 51 -16.67 19.59 -28.81
N THR A 52 -17.05 20.79 -28.35
CA THR A 52 -16.24 21.97 -28.62
C THR A 52 -15.13 22.25 -27.61
N SER A 53 -15.26 21.74 -26.39
CA SER A 53 -14.17 21.92 -25.45
C SER A 53 -13.97 20.89 -24.35
N ILE A 54 -12.71 20.62 -24.05
CA ILE A 54 -12.32 19.77 -22.92
C ILE A 54 -11.67 20.72 -21.91
N ASP A 55 -12.03 20.57 -20.65
CA ASP A 55 -11.27 21.27 -19.64
C ASP A 55 -10.89 20.30 -18.52
N LEU A 56 -9.61 19.99 -18.46
CA LEU A 56 -9.09 19.09 -17.46
C LEU A 56 -8.41 19.79 -16.30
N SER A 57 -8.54 21.10 -16.23
CA SER A 57 -7.75 21.92 -15.32
C SER A 57 -7.69 21.40 -13.91
N SER A 58 -6.52 21.51 -13.29
CA SER A 58 -6.34 21.06 -11.92
C SER A 58 -6.72 19.58 -11.71
N LYS A 59 -6.64 18.80 -12.79
CA LYS A 59 -6.66 17.33 -12.70
C LYS A 59 -5.23 16.86 -12.95
N PRO A 60 -4.66 16.08 -12.02
CA PRO A 60 -3.26 15.68 -12.13
C PRO A 60 -3.08 14.69 -13.25
N LEU A 61 -3.10 15.15 -14.50
CA LEU A 61 -2.94 14.27 -15.63
C LEU A 61 -1.56 13.52 -15.59
N ASN A 62 -0.48 14.23 -15.21
CA ASN A 62 0.87 13.65 -15.11
C ASN A 62 1.28 12.88 -16.35
N VAL A 63 1.08 13.49 -17.50
CA VAL A 63 1.34 12.87 -18.80
C VAL A 63 2.15 13.75 -19.80
N GLY A 64 2.49 13.24 -20.98
CA GLY A 64 3.28 14.08 -21.86
C GLY A 64 2.41 15.03 -22.64
N PHE A 65 2.98 16.15 -23.11
CA PHE A 65 2.24 17.04 -23.99
C PHE A 65 1.86 16.35 -25.30
N SER A 66 2.78 15.53 -25.78
CA SER A 66 2.64 14.94 -27.10
C SER A 66 1.55 13.87 -27.07
N ALA A 67 1.26 13.40 -25.85
CA ALA A 67 0.09 12.56 -25.58
C ALA A 67 -1.20 13.33 -25.85
N VAL A 68 -1.33 14.42 -25.11
CA VAL A 68 -2.47 15.28 -25.21
C VAL A 68 -2.72 15.61 -26.66
N SER A 69 -1.69 16.09 -27.36
CA SER A 69 -1.90 16.54 -28.72
C SER A 69 -2.23 15.41 -29.71
N SER A 70 -1.62 14.24 -29.51
CA SER A 70 -1.92 13.12 -30.40
C SER A 70 -3.40 12.80 -30.30
N SER A 71 -3.92 12.80 -29.08
CA SER A 71 -5.34 12.47 -28.83
C SER A 71 -6.39 13.56 -29.09
N LEU A 72 -6.32 14.61 -28.27
CA LEU A 72 -7.27 15.71 -28.28
C LEU A 72 -7.14 16.70 -29.43
N LEU A 73 -5.95 17.24 -29.66
CA LEU A 73 -5.79 18.37 -30.60
C LEU A 73 -6.27 18.05 -32.01
N SER A 74 -6.49 16.75 -32.25
CA SER A 74 -6.92 16.21 -33.53
C SER A 74 -8.43 16.07 -33.64
N LEU A 75 -9.15 16.49 -32.59
CA LEU A 75 -10.62 16.46 -32.54
C LEU A 75 -11.11 17.31 -33.69
N THR A 76 -11.90 16.74 -34.59
CA THR A 76 -12.35 17.56 -35.68
C THR A 76 -13.31 18.51 -35.01
N GLY A 77 -13.07 19.81 -35.15
CA GLY A 77 -13.99 20.78 -34.61
C GLY A 77 -13.75 21.38 -33.23
N LEU A 78 -12.88 20.78 -32.43
CA LEU A 78 -12.60 21.27 -31.07
C LEU A 78 -12.16 22.74 -31.15
N GLU A 79 -12.92 23.62 -30.46
CA GLU A 79 -12.63 25.07 -30.41
C GLU A 79 -11.63 25.51 -29.35
N SER A 80 -11.68 24.90 -28.18
CA SER A 80 -10.71 25.21 -27.14
C SER A 80 -10.28 24.00 -26.29
N LEU A 81 -9.11 24.13 -25.65
CA LEU A 81 -8.60 23.14 -24.70
C LEU A 81 -8.02 23.90 -23.50
N PHE A 82 -8.39 23.46 -22.31
CA PHE A 82 -7.86 24.05 -21.12
C PHE A 82 -7.22 22.98 -20.31
N LEU A 83 -5.91 22.97 -20.30
CA LEU A 83 -5.18 22.04 -19.47
C LEU A 83 -4.52 22.64 -18.24
N SER A 84 -4.80 23.90 -17.95
CA SER A 84 -4.02 24.61 -16.94
C SER A 84 -3.85 23.84 -15.61
N ASN A 85 -2.65 23.85 -15.09
CA ASN A 85 -2.33 23.05 -13.91
C ASN A 85 -2.75 21.60 -14.04
N SER A 86 -2.44 20.94 -15.16
CA SER A 86 -2.66 19.50 -15.31
C SER A 86 -1.40 18.66 -15.02
N HIS A 87 -0.34 19.33 -14.59
CA HIS A 87 0.99 18.73 -14.57
C HIS A 87 1.32 18.08 -15.91
N ILE A 88 0.87 18.72 -16.99
CA ILE A 88 1.25 18.35 -18.33
C ILE A 88 2.78 18.41 -18.44
N ASN A 89 3.38 17.32 -18.91
CA ASN A 89 4.83 17.14 -18.94
C ASN A 89 5.35 17.37 -20.34
N GLY A 90 6.65 17.36 -20.48
CA GLY A 90 7.20 17.31 -21.80
C GLY A 90 7.50 18.60 -22.54
N SER A 91 7.38 18.57 -23.85
CA SER A 91 7.80 19.66 -24.71
C SER A 91 6.90 19.68 -25.90
N VAL A 92 6.61 20.88 -26.38
CA VAL A 92 5.57 21.08 -27.36
C VAL A 92 6.09 20.84 -28.77
N SER A 93 5.51 19.87 -29.47
CA SER A 93 5.99 19.51 -30.80
C SER A 93 5.01 19.90 -31.91
N GLY A 94 5.41 19.69 -33.16
CA GLY A 94 4.50 19.79 -34.28
C GLY A 94 3.48 18.68 -34.08
N PHE A 95 2.25 18.92 -34.50
CA PHE A 95 1.17 17.92 -34.43
C PHE A 95 0.08 18.28 -35.41
N LYS A 96 -0.73 17.30 -35.81
CA LYS A 96 -1.87 17.65 -36.63
C LYS A 96 -2.84 18.35 -35.71
N CYS A 97 -3.36 19.48 -36.17
CA CYS A 97 -4.29 20.24 -35.36
C CYS A 97 -5.33 20.92 -36.22
N SER A 98 -6.54 21.00 -35.66
CA SER A 98 -7.72 21.49 -36.36
C SER A 98 -7.82 23.00 -36.38
N ALA A 99 -8.39 23.53 -37.45
CA ALA A 99 -8.43 24.97 -37.66
C ALA A 99 -9.47 25.61 -36.74
N SER A 100 -10.22 24.78 -36.06
CA SER A 100 -11.21 25.23 -35.09
C SER A 100 -10.69 25.44 -33.65
N LEU A 101 -9.55 24.83 -33.29
CA LEU A 101 -9.05 25.04 -31.92
C LEU A 101 -8.42 26.41 -31.96
N THR A 102 -9.09 27.32 -31.24
CA THR A 102 -8.72 28.73 -31.12
C THR A 102 -8.11 29.15 -29.78
N SER A 103 -8.16 28.25 -28.81
CA SER A 103 -7.69 28.59 -27.48
C SER A 103 -7.03 27.43 -26.76
N LEU A 104 -5.89 27.72 -26.15
CA LEU A 104 -5.16 26.71 -25.44
C LEU A 104 -4.64 27.28 -24.14
N ASP A 105 -4.97 26.66 -23.01
CA ASP A 105 -4.40 27.11 -21.76
C ASP A 105 -3.56 25.99 -21.25
N LEU A 106 -2.25 26.12 -21.43
CA LEU A 106 -1.31 25.10 -20.97
C LEU A 106 -0.57 25.49 -19.71
N SER A 107 -0.97 26.60 -19.13
CA SER A 107 -0.26 27.23 -18.03
C SER A 107 -0.36 26.53 -16.69
N ARG A 108 0.36 27.08 -15.71
CA ARG A 108 0.47 26.49 -14.38
C ARG A 108 0.96 24.99 -14.58
N ASN A 109 1.87 24.80 -15.54
CA ASN A 109 2.36 23.46 -15.97
C ASN A 109 3.87 23.22 -15.93
N SER A 110 4.26 22.05 -16.43
CA SER A 110 5.65 21.58 -16.51
C SER A 110 6.36 21.69 -17.87
N LEU A 111 5.71 22.27 -18.88
CA LEU A 111 6.23 22.31 -20.26
C LEU A 111 7.70 22.77 -20.35
N SER A 112 8.47 22.12 -21.24
CA SER A 112 9.94 22.29 -21.34
C SER A 112 10.49 22.52 -22.77
N GLY A 113 11.83 22.58 -22.85
CA GLY A 113 12.50 22.92 -24.11
C GLY A 113 13.04 24.33 -24.36
N PRO A 114 13.26 24.66 -25.62
CA PRO A 114 13.45 26.02 -26.10
C PRO A 114 12.09 26.62 -26.26
N VAL A 115 11.97 27.94 -26.31
CA VAL A 115 10.65 28.55 -26.55
C VAL A 115 10.23 28.37 -28.01
N THR A 116 11.21 27.99 -28.78
CA THR A 116 10.99 27.83 -30.19
C THR A 116 10.01 26.69 -30.45
N THR A 117 9.84 25.80 -29.46
CA THR A 117 8.86 24.71 -29.53
C THR A 117 7.51 25.25 -29.97
N LEU A 118 7.19 26.45 -29.46
CA LEU A 118 5.85 27.04 -29.62
C LEU A 118 5.55 27.36 -31.08
N THR A 119 6.58 27.56 -31.88
CA THR A 119 6.39 27.84 -33.29
C THR A 119 5.56 26.73 -33.92
N SER A 120 5.73 25.51 -33.41
CA SER A 120 5.10 24.34 -34.04
C SER A 120 3.60 24.49 -34.13
N LEU A 121 3.03 25.27 -33.17
CA LEU A 121 1.56 25.55 -33.00
C LEU A 121 0.97 26.32 -34.17
N GLY A 122 1.86 26.78 -35.06
CA GLY A 122 1.50 27.32 -36.35
C GLY A 122 0.68 26.32 -37.16
N SER A 123 0.73 25.03 -36.81
CA SER A 123 -0.15 24.07 -37.50
C SER A 123 -1.61 24.17 -37.02
N CYS A 124 -1.82 24.81 -35.87
CA CYS A 124 -3.18 25.07 -35.39
C CYS A 124 -3.58 26.42 -35.94
N SER A 125 -4.52 26.39 -36.89
CA SER A 125 -4.64 27.51 -37.81
C SER A 125 -5.59 28.55 -37.37
N GLY A 126 -6.41 28.22 -36.37
CA GLY A 126 -7.41 29.17 -35.91
C GLY A 126 -7.06 29.76 -34.58
N LEU A 127 -5.94 29.31 -34.02
CA LEU A 127 -5.65 29.51 -32.62
C LEU A 127 -5.28 30.95 -32.41
N LYS A 128 -6.16 31.66 -31.68
CA LYS A 128 -5.93 33.03 -31.27
C LYS A 128 -5.46 33.19 -29.83
N PHE A 129 -5.56 32.15 -29.01
CA PHE A 129 -5.27 32.26 -27.56
C PHE A 129 -4.32 31.21 -27.01
N LEU A 130 -3.17 31.66 -26.52
CA LEU A 130 -2.19 30.77 -25.94
C LEU A 130 -1.69 31.34 -24.60
N ASN A 131 -1.85 30.56 -23.55
CA ASN A 131 -1.25 30.91 -22.28
C ASN A 131 -0.46 29.74 -21.75
N VAL A 132 0.86 29.88 -21.84
CA VAL A 132 1.85 28.88 -21.43
C VAL A 132 2.51 29.27 -20.13
N SER A 133 2.03 30.33 -19.51
CA SER A 133 2.76 30.92 -18.41
C SER A 133 2.98 29.98 -17.22
N SER A 134 3.95 30.32 -16.39
CA SER A 134 4.27 29.54 -15.20
C SER A 134 4.86 28.15 -15.51
N ASN A 135 5.68 28.06 -16.55
CA ASN A 135 6.35 26.81 -16.97
C ASN A 135 7.85 27.02 -17.04
N THR A 136 8.55 26.05 -17.61
CA THR A 136 10.01 26.10 -17.74
C THR A 136 10.67 26.53 -19.06
N LEU A 137 9.94 26.94 -20.09
CA LEU A 137 10.58 27.28 -21.36
C LEU A 137 11.80 28.25 -21.24
N ASP A 138 12.92 27.93 -21.92
CA ASP A 138 14.13 28.80 -21.99
C ASP A 138 14.45 29.15 -23.44
N PHE A 139 15.30 30.14 -23.67
CA PHE A 139 15.59 30.45 -25.05
C PHE A 139 17.10 30.40 -25.33
N PRO A 140 17.69 29.16 -25.41
CA PRO A 140 19.06 28.93 -24.96
C PRO A 140 20.12 29.50 -25.85
N GLY A 141 20.01 29.38 -27.17
CA GLY A 141 21.11 29.91 -27.92
C GLY A 141 21.27 31.38 -28.24
N LYS A 142 20.56 31.85 -29.25
CA LYS A 142 20.68 33.26 -29.62
C LYS A 142 19.50 33.63 -30.48
N VAL A 143 19.21 34.91 -30.47
CA VAL A 143 17.88 35.29 -30.76
C VAL A 143 17.79 35.56 -32.23
N SER A 144 17.14 34.65 -32.95
CA SER A 144 16.64 34.99 -34.25
C SER A 144 15.81 33.86 -34.74
N GLY A 145 15.27 34.05 -35.93
CA GLY A 145 14.19 33.25 -36.46
C GLY A 145 13.00 34.05 -36.00
N GLY A 146 11.83 33.43 -35.97
CA GLY A 146 10.67 34.05 -35.38
C GLY A 146 9.85 33.05 -34.62
N LEU A 147 8.89 33.53 -33.84
CA LEU A 147 7.86 32.67 -33.26
C LEU A 147 6.91 32.25 -34.39
N LYS A 148 6.68 33.16 -35.33
CA LYS A 148 5.80 32.88 -36.47
C LYS A 148 4.44 32.26 -36.04
N LEU A 149 3.89 32.76 -34.91
CA LEU A 149 2.47 32.59 -34.58
C LEU A 149 1.81 34.00 -34.65
N ASN A 150 1.24 34.35 -35.81
CA ASN A 150 0.68 35.70 -36.05
C ASN A 150 -0.83 35.79 -36.17
N SER A 151 -1.50 34.69 -35.95
CA SER A 151 -2.95 34.72 -35.95
C SER A 151 -3.37 34.91 -34.51
N LEU A 152 -2.42 35.22 -33.64
CA LEU A 152 -2.68 35.30 -32.20
C LEU A 152 -3.16 36.70 -31.74
N GLU A 153 -4.34 36.74 -31.09
CA GLU A 153 -4.82 37.92 -30.36
C GLU A 153 -4.22 37.99 -28.95
N VAL A 154 -4.07 36.84 -28.31
CA VAL A 154 -3.51 36.80 -26.96
C VAL A 154 -2.39 35.73 -26.71
N LEU A 155 -1.25 36.17 -26.17
CA LEU A 155 -0.16 35.27 -25.87
C LEU A 155 0.42 35.54 -24.47
N ASP A 156 0.41 34.55 -23.57
CA ASP A 156 1.07 34.79 -22.28
C ASP A 156 2.17 33.78 -21.98
N LEU A 157 3.41 34.26 -22.15
CA LEU A 157 4.68 33.52 -22.00
C LEU A 157 5.30 33.78 -20.63
N SER A 158 4.53 34.36 -19.73
CA SER A 158 5.13 34.87 -18.52
C SER A 158 5.59 33.83 -17.51
N ALA A 159 6.54 34.27 -16.66
CA ALA A 159 7.04 33.45 -15.58
C ALA A 159 7.41 32.04 -16.07
N ASN A 160 8.24 32.01 -17.12
CA ASN A 160 8.85 30.84 -17.72
C ASN A 160 10.31 31.05 -17.40
N SER A 161 11.18 30.23 -17.99
CA SER A 161 12.65 30.28 -17.77
C SER A 161 13.42 31.11 -18.77
N ILE A 162 12.71 31.82 -19.64
CA ILE A 162 13.26 32.62 -20.74
C ILE A 162 14.31 33.74 -20.40
N SER A 163 15.51 33.65 -20.97
CA SER A 163 16.63 34.62 -20.84
C SER A 163 17.08 35.04 -22.21
N GLY A 164 17.25 36.34 -22.45
CA GLY A 164 17.66 36.82 -23.77
C GLY A 164 17.66 38.32 -24.00
N ALA A 165 17.62 38.76 -25.25
CA ALA A 165 17.35 40.17 -25.58
C ALA A 165 16.70 40.32 -26.96
N ASN A 166 15.74 41.23 -27.05
CA ASN A 166 14.90 41.34 -28.24
C ASN A 166 14.13 40.07 -28.50
N VAL A 167 13.98 39.27 -27.44
CA VAL A 167 13.05 38.15 -27.45
C VAL A 167 11.62 38.71 -27.64
N VAL A 168 11.41 39.95 -27.16
CA VAL A 168 10.14 40.65 -27.35
C VAL A 168 10.01 40.96 -28.82
N GLY A 169 11.14 41.29 -29.41
CA GLY A 169 11.24 41.45 -30.85
C GLY A 169 11.02 40.13 -31.56
N TRP A 170 11.40 39.04 -30.93
CA TRP A 170 11.30 37.73 -31.56
C TRP A 170 9.85 37.27 -31.64
N VAL A 171 9.10 37.53 -30.56
CA VAL A 171 7.71 37.11 -30.45
C VAL A 171 6.89 37.85 -31.49
N LEU A 172 7.10 39.17 -31.53
CA LEU A 172 6.38 40.05 -32.44
C LEU A 172 6.96 40.05 -33.87
N SER A 173 8.02 39.25 -34.09
CA SER A 173 8.85 39.32 -35.31
C SER A 173 8.13 39.16 -36.65
N ASP A 174 7.22 38.20 -36.75
CA ASP A 174 6.53 37.97 -38.01
C ASP A 174 5.38 38.97 -38.15
N GLY A 175 5.29 39.85 -37.16
CA GLY A 175 4.31 40.91 -37.11
C GLY A 175 3.17 40.58 -36.18
N CYS A 176 2.75 41.62 -35.47
CA CYS A 176 1.81 41.50 -34.38
C CYS A 176 0.38 41.94 -34.66
N GLY A 177 0.04 42.32 -35.88
CA GLY A 177 -1.11 43.21 -36.08
C GLY A 177 -2.44 43.00 -35.32
N GLU A 178 -2.83 41.75 -35.13
CA GLU A 178 -4.07 41.45 -34.46
C GLU A 178 -3.94 41.15 -32.94
N LEU A 179 -2.74 41.31 -32.41
CA LEU A 179 -2.48 40.98 -31.04
C LEU A 179 -3.02 42.10 -30.18
N LYS A 180 -4.02 41.78 -29.35
CA LYS A 180 -4.54 42.68 -28.29
C LYS A 180 -3.74 42.60 -26.99
N HIS A 181 -3.41 41.39 -26.53
CA HIS A 181 -2.85 41.16 -25.17
C HIS A 181 -1.47 40.47 -25.21
N LEU A 182 -0.43 41.10 -24.67
CA LEU A 182 0.88 40.43 -24.68
C LEU A 182 1.48 40.42 -23.29
N ALA A 183 1.70 39.24 -22.74
CA ALA A 183 2.40 39.26 -21.49
C ALA A 183 3.52 38.24 -21.41
N ILE A 184 4.74 38.81 -21.36
CA ILE A 184 6.10 38.24 -21.09
C ILE A 184 6.74 38.41 -19.70
N SER A 185 6.00 38.73 -18.66
CA SER A 185 6.56 38.95 -17.33
C SER A 185 7.27 37.80 -16.58
N GLY A 186 8.19 38.15 -15.68
CA GLY A 186 8.69 37.16 -14.75
C GLY A 186 9.70 36.21 -15.37
N ASN A 187 10.33 36.69 -16.42
CA ASN A 187 11.39 36.01 -17.14
C ASN A 187 12.60 36.88 -16.96
N LYS A 188 13.67 36.56 -17.67
CA LYS A 188 14.85 37.41 -17.80
C LYS A 188 14.97 38.23 -19.10
N ILE A 189 13.94 38.28 -19.94
CA ILE A 189 14.04 38.96 -21.25
C ILE A 189 14.57 40.39 -21.16
N SER A 190 15.29 40.89 -22.15
CA SER A 190 15.91 42.22 -22.01
C SER A 190 15.96 43.04 -23.30
N GLY A 191 16.73 44.13 -23.29
CA GLY A 191 16.93 44.89 -24.51
C GLY A 191 15.77 45.72 -25.01
N ASP A 192 15.33 45.50 -26.25
CA ASP A 192 14.33 46.39 -26.85
C ASP A 192 12.93 45.80 -26.91
N VAL A 193 11.94 46.62 -26.53
CA VAL A 193 10.51 46.36 -26.81
C VAL A 193 9.94 47.31 -27.86
N ASP A 194 9.33 46.79 -28.91
CA ASP A 194 8.59 47.62 -29.81
C ASP A 194 7.23 46.99 -30.03
N VAL A 195 6.20 47.55 -29.46
CA VAL A 195 4.86 47.06 -29.81
C VAL A 195 4.23 48.00 -30.82
N SER A 196 5.04 48.97 -31.28
CA SER A 196 4.60 50.07 -32.13
C SER A 196 3.78 49.61 -33.34
N ARG A 197 4.15 48.49 -33.91
CA ARG A 197 3.38 47.93 -34.99
C ARG A 197 1.99 47.44 -34.53
N CYS A 198 1.83 47.12 -33.25
CA CYS A 198 0.61 46.45 -32.81
C CYS A 198 -0.39 47.49 -32.41
N VAL A 199 -1.38 47.70 -33.26
CA VAL A 199 -2.27 48.82 -33.08
C VAL A 199 -3.58 48.42 -32.42
N ASN A 200 -3.73 47.13 -32.18
CA ASN A 200 -4.84 46.64 -31.38
C ASN A 200 -4.47 46.35 -29.96
N LEU A 201 -3.22 46.67 -29.59
CA LEU A 201 -2.67 46.15 -28.35
C LEU A 201 -3.20 46.95 -27.15
N GLU A 202 -4.03 46.29 -26.33
CA GLU A 202 -4.66 46.87 -25.15
C GLU A 202 -3.94 46.56 -23.90
N PHE A 203 -3.11 45.51 -23.93
CA PHE A 203 -2.44 45.01 -22.73
C PHE A 203 -1.04 44.54 -23.09
N LEU A 204 -0.05 45.15 -22.43
CA LEU A 204 1.36 44.80 -22.53
C LEU A 204 1.92 44.65 -21.11
N ASP A 205 2.23 43.44 -20.68
CA ASP A 205 2.81 43.26 -19.35
C ASP A 205 4.23 42.76 -19.53
N VAL A 206 5.23 43.64 -19.32
CA VAL A 206 6.66 43.28 -19.30
C VAL A 206 7.33 43.16 -17.90
N SER A 207 6.53 43.08 -16.85
CA SER A 207 7.05 43.08 -15.46
C SER A 207 8.07 42.01 -15.11
N SER A 208 8.92 42.32 -14.13
CA SER A 208 9.85 41.34 -13.56
C SER A 208 10.79 40.71 -14.60
N ASN A 209 11.56 41.58 -15.28
CA ASN A 209 12.43 41.21 -16.39
C ASN A 209 13.78 41.85 -16.26
N ASN A 210 14.59 41.70 -17.30
CA ASN A 210 15.89 42.37 -17.35
C ASN A 210 15.96 43.67 -18.14
N PHE A 211 14.84 44.27 -18.59
CA PHE A 211 15.01 45.48 -19.42
C PHE A 211 15.72 46.59 -18.63
N SER A 212 16.94 46.90 -19.05
CA SER A 212 17.69 48.03 -18.51
C SER A 212 17.79 49.16 -19.51
N THR A 213 17.25 48.96 -20.71
CA THR A 213 17.59 49.91 -21.74
C THR A 213 16.38 50.56 -22.44
N GLY A 214 15.79 49.85 -23.37
CA GLY A 214 14.74 50.43 -24.17
C GLY A 214 13.57 50.59 -23.24
N ILE A 215 12.98 51.77 -23.27
CA ILE A 215 11.69 52.02 -22.62
C ILE A 215 10.66 51.90 -23.77
N PRO A 216 9.70 50.96 -23.67
CA PRO A 216 9.10 50.34 -24.86
C PRO A 216 8.63 51.30 -25.95
N PHE A 217 8.63 50.90 -27.21
CA PHE A 217 8.05 51.83 -28.16
C PHE A 217 6.68 51.39 -28.55
N LEU A 218 5.71 52.13 -28.02
CA LEU A 218 4.28 51.85 -28.15
C LEU A 218 3.72 52.42 -29.45
N GLY A 219 4.42 53.44 -29.97
CA GLY A 219 4.03 54.08 -31.21
C GLY A 219 2.77 54.90 -31.07
N ASP A 220 1.76 54.53 -31.86
CA ASP A 220 0.45 55.18 -31.85
C ASP A 220 -0.27 55.04 -30.51
N CYS A 221 -0.19 53.86 -29.91
CA CYS A 221 -0.74 53.64 -28.56
C CYS A 221 -2.25 53.88 -28.51
N SER A 222 -2.85 53.79 -29.69
CA SER A 222 -4.26 54.07 -29.87
C SER A 222 -5.13 53.21 -28.96
N ALA A 223 -4.81 51.93 -28.86
CA ALA A 223 -5.66 51.00 -28.13
C ALA A 223 -5.23 50.63 -26.72
N LEU A 224 -4.06 51.06 -26.28
CA LEU A 224 -3.46 50.40 -25.11
C LEU A 224 -4.07 50.89 -23.82
N GLN A 225 -4.75 50.01 -23.05
CA GLN A 225 -5.22 50.39 -21.71
C GLN A 225 -4.35 49.96 -20.52
N HIS A 226 -3.44 49.01 -20.72
CA HIS A 226 -2.70 48.37 -19.62
C HIS A 226 -1.23 48.32 -19.95
N LEU A 227 -0.41 48.99 -19.15
CA LEU A 227 1.02 48.97 -19.37
C LEU A 227 1.69 48.57 -18.05
N ASP A 228 2.28 47.38 -18.00
CA ASP A 228 3.08 47.04 -16.83
C ASP A 228 4.54 46.83 -17.19
N ILE A 229 5.34 47.85 -16.93
CA ILE A 229 6.79 47.82 -17.07
C ILE A 229 7.53 47.69 -15.74
N SER A 230 6.78 47.34 -14.68
CA SER A 230 7.33 47.24 -13.32
C SER A 230 8.40 46.19 -13.14
N GLY A 231 9.31 46.40 -12.19
CA GLY A 231 10.34 45.39 -11.88
C GLY A 231 11.41 45.11 -12.93
N ASN A 232 12.09 46.18 -13.32
CA ASN A 232 13.19 46.14 -14.25
C ASN A 232 14.23 47.15 -13.77
N LYS A 233 15.33 47.26 -14.48
CA LYS A 233 16.34 48.24 -14.15
C LYS A 233 16.08 49.43 -15.03
N LEU A 234 14.93 49.40 -15.69
CA LEU A 234 14.50 50.48 -16.59
C LEU A 234 14.47 51.91 -16.00
N SER A 235 15.02 52.85 -16.76
CA SER A 235 14.87 54.27 -16.45
C SER A 235 14.86 55.00 -17.81
N GLY A 236 14.96 56.32 -17.86
CA GLY A 236 14.88 57.01 -19.14
C GLY A 236 13.54 57.70 -19.26
N ASP A 237 13.23 58.38 -20.36
CA ASP A 237 12.02 59.23 -20.35
C ASP A 237 10.81 58.42 -20.78
N PHE A 238 10.01 58.06 -19.78
CA PHE A 238 8.77 57.31 -19.97
C PHE A 238 7.53 58.15 -20.25
N SER A 239 7.50 59.35 -19.66
CA SER A 239 6.41 60.29 -19.86
C SER A 239 6.18 60.51 -21.37
N ARG A 240 7.25 60.91 -22.05
CA ARG A 240 7.21 61.17 -23.47
C ARG A 240 6.77 59.92 -24.21
N ALA A 241 7.09 58.77 -23.62
CA ALA A 241 6.77 57.51 -24.26
C ALA A 241 5.27 57.27 -24.30
N ILE A 242 4.63 57.47 -23.14
CA ILE A 242 3.21 57.14 -22.92
C ILE A 242 2.24 58.27 -23.28
N SER A 243 2.78 59.43 -23.63
CA SER A 243 1.97 60.59 -24.02
C SER A 243 0.96 60.34 -25.15
N THR A 244 1.15 59.27 -25.92
CA THR A 244 0.32 59.06 -27.10
C THR A 244 -1.00 58.43 -26.75
N CYS A 245 -1.16 57.99 -25.50
CA CYS A 245 -2.34 57.19 -25.16
C CYS A 245 -3.54 57.99 -24.67
N THR A 246 -3.49 58.41 -23.41
CA THR A 246 -4.64 59.09 -22.80
C THR A 246 -5.85 58.12 -22.79
N GLU A 247 -5.66 56.95 -23.39
CA GLU A 247 -6.64 55.90 -23.46
C GLU A 247 -6.52 54.84 -22.36
N LEU A 248 -5.50 55.04 -21.53
CA LEU A 248 -4.90 54.03 -20.62
C LEU A 248 -5.56 53.82 -19.24
N LYS A 249 -5.97 52.60 -18.89
CA LYS A 249 -6.49 52.34 -17.53
C LYS A 249 -5.49 52.03 -16.38
N LEU A 250 -4.41 51.33 -16.67
CA LEU A 250 -3.37 51.01 -15.65
C LEU A 250 -2.00 51.38 -16.19
N LEU A 251 -1.19 52.05 -15.36
CA LEU A 251 0.22 52.32 -15.65
C LEU A 251 1.03 51.85 -14.45
N ASN A 252 1.77 50.76 -14.60
CA ASN A 252 2.65 50.34 -13.52
C ASN A 252 4.12 50.41 -13.94
N ILE A 253 4.78 51.48 -13.53
CA ILE A 253 6.22 51.76 -13.71
C ILE A 253 7.06 51.54 -12.44
N SER A 254 6.49 50.87 -11.45
CA SER A 254 7.19 50.62 -10.20
C SER A 254 8.43 49.68 -10.24
N SER A 255 9.25 49.79 -9.19
CA SER A 255 10.44 48.95 -8.99
C SER A 255 11.47 49.10 -10.10
N ASN A 256 11.83 50.35 -10.39
CA ASN A 256 12.71 50.69 -11.48
C ASN A 256 13.67 51.79 -11.09
N GLN A 257 14.36 52.31 -12.09
CA GLN A 257 15.41 53.28 -11.86
C GLN A 257 15.02 54.71 -12.13
N PHE A 258 13.75 54.98 -12.45
CA PHE A 258 13.26 56.34 -12.79
C PHE A 258 13.64 57.40 -11.75
N VAL A 259 14.17 58.53 -12.22
CA VAL A 259 14.51 59.64 -11.33
C VAL A 259 13.71 60.88 -11.74
N GLY A 260 13.85 61.97 -10.98
CA GLY A 260 13.19 63.23 -11.33
C GLY A 260 11.80 63.45 -10.74
N PRO A 261 11.22 64.64 -11.04
CA PRO A 261 9.89 65.07 -10.60
C PRO A 261 8.81 64.32 -11.33
N ILE A 262 7.63 64.16 -10.72
CA ILE A 262 6.59 63.38 -11.39
C ILE A 262 6.17 64.09 -12.66
N PRO A 263 6.43 63.49 -13.79
CA PRO A 263 6.34 64.04 -15.15
C PRO A 263 4.93 64.16 -15.68
N PRO A 264 4.70 64.92 -16.75
CA PRO A 264 3.32 64.89 -17.25
C PRO A 264 2.98 63.53 -17.84
N LEU A 265 1.89 62.93 -17.39
CA LEU A 265 1.48 61.60 -17.82
C LEU A 265 -0.01 61.65 -18.07
N PRO A 266 -0.55 60.88 -19.03
CA PRO A 266 -1.96 60.99 -19.45
C PRO A 266 -3.02 60.62 -18.40
N LEU A 267 -3.93 61.55 -18.13
CA LEU A 267 -4.91 61.36 -17.05
C LEU A 267 -6.36 60.99 -17.39
N LYS A 268 -6.74 60.94 -18.68
CA LYS A 268 -8.17 60.85 -19.02
C LYS A 268 -8.85 59.60 -18.48
N SER A 269 -8.42 58.40 -18.86
CA SER A 269 -9.00 57.20 -18.22
C SER A 269 -8.22 56.51 -17.10
N LEU A 270 -7.09 57.11 -16.72
CA LEU A 270 -6.21 56.52 -15.72
C LEU A 270 -6.97 56.16 -14.41
N GLN A 271 -6.88 54.89 -14.01
CA GLN A 271 -7.53 54.36 -12.82
C GLN A 271 -6.54 53.86 -11.78
N TYR A 272 -5.70 52.89 -12.15
CA TYR A 272 -4.54 52.58 -11.33
C TYR A 272 -3.23 53.17 -11.87
N LEU A 273 -2.47 53.78 -10.97
CA LEU A 273 -1.17 54.39 -11.21
C LEU A 273 -0.26 54.07 -10.04
N SER A 274 0.82 53.29 -10.29
CA SER A 274 1.95 53.12 -9.34
C SER A 274 3.29 53.54 -9.95
N LEU A 275 3.84 54.62 -9.42
CA LEU A 275 5.15 55.17 -9.69
C LEU A 275 6.07 54.70 -8.59
N ALA A 276 5.58 53.75 -7.80
CA ALA A 276 6.25 53.36 -6.56
C ALA A 276 7.64 52.78 -6.73
N GLU A 277 8.43 52.87 -5.67
CA GLU A 277 9.75 52.22 -5.61
C GLU A 277 10.67 52.61 -6.77
N ASN A 278 11.16 53.84 -6.74
CA ASN A 278 11.94 54.43 -7.81
C ASN A 278 12.76 55.54 -7.18
N LYS A 279 13.44 56.31 -7.99
CA LYS A 279 14.25 57.39 -7.48
C LYS A 279 13.55 58.76 -7.51
N PHE A 280 12.25 58.77 -7.82
CA PHE A 280 11.40 59.98 -8.01
C PHE A 280 11.43 60.96 -6.85
N THR A 281 11.68 62.23 -7.14
CA THR A 281 11.81 63.23 -6.08
C THR A 281 10.78 64.32 -6.28
N GLY A 282 10.60 65.12 -5.26
CA GLY A 282 9.74 66.28 -5.40
C GLY A 282 8.40 66.19 -4.68
N GLU A 283 7.60 67.23 -4.92
CA GLU A 283 6.33 67.45 -4.25
C GLU A 283 5.19 66.99 -5.13
N ILE A 284 4.19 66.33 -4.54
CA ILE A 284 3.15 65.71 -5.36
C ILE A 284 2.45 66.76 -6.17
N PRO A 285 2.52 66.65 -7.49
CA PRO A 285 2.23 67.83 -8.33
C PRO A 285 0.74 68.21 -8.42
N ASP A 286 0.44 69.48 -8.66
CA ASP A 286 -0.97 69.85 -8.80
C ASP A 286 -1.54 69.25 -10.07
N PHE A 287 -0.78 69.31 -11.16
CA PHE A 287 -1.28 68.94 -12.48
C PHE A 287 -1.92 67.55 -12.54
N LEU A 288 -1.63 66.74 -11.53
CA LEU A 288 -2.11 65.37 -11.36
C LEU A 288 -3.65 65.47 -11.34
N SER A 289 -4.19 66.24 -10.41
CA SER A 289 -5.48 66.89 -10.65
C SER A 289 -6.61 66.05 -11.21
N GLY A 290 -7.06 66.45 -12.40
CA GLY A 290 -8.22 65.91 -13.08
C GLY A 290 -8.21 64.41 -13.24
N ALA A 291 -7.04 63.82 -13.03
CA ALA A 291 -6.98 62.35 -12.99
C ALA A 291 -7.91 61.72 -11.90
N CYS A 292 -8.43 62.59 -11.01
CA CYS A 292 -9.37 62.25 -9.93
C CYS A 292 -10.76 61.83 -10.43
N ASP A 293 -11.07 62.18 -11.69
CA ASP A 293 -12.32 61.78 -12.31
C ASP A 293 -12.51 60.30 -12.05
N THR A 294 -11.50 59.48 -12.41
CA THR A 294 -11.45 58.05 -11.99
C THR A 294 -10.45 57.69 -10.92
N LEU A 295 -9.20 57.54 -11.33
CA LEU A 295 -8.10 57.19 -10.40
C LEU A 295 -8.56 56.31 -9.19
N THR A 296 -8.81 55.04 -9.37
CA THR A 296 -9.29 54.30 -8.22
C THR A 296 -8.19 53.79 -7.28
N GLY A 297 -6.93 54.01 -7.62
CA GLY A 297 -5.86 53.68 -6.70
C GLY A 297 -4.52 54.28 -7.08
N LEU A 298 -3.69 54.57 -6.10
CA LEU A 298 -2.51 55.39 -6.32
C LEU A 298 -1.36 54.87 -5.48
N ASP A 299 -0.20 54.65 -6.11
CA ASP A 299 0.99 54.30 -5.32
C ASP A 299 2.21 55.16 -5.66
N LEU A 300 2.48 56.10 -4.77
CA LEU A 300 3.67 56.93 -4.78
C LEU A 300 4.69 56.53 -3.72
N SER A 301 4.46 55.38 -3.09
CA SER A 301 5.32 54.90 -2.03
C SER A 301 6.72 54.52 -2.51
N GLY A 302 7.68 54.57 -1.59
CA GLY A 302 9.06 54.23 -1.91
C GLY A 302 9.77 55.10 -2.95
N ASN A 303 9.81 56.39 -2.73
CA ASN A 303 10.46 57.30 -3.65
C ASN A 303 11.03 58.39 -2.78
N HIS A 304 11.37 59.52 -3.39
CA HIS A 304 11.87 60.71 -2.70
C HIS A 304 10.95 61.89 -2.40
N PHE A 305 9.64 61.73 -2.61
CA PHE A 305 8.65 62.81 -2.42
C PHE A 305 8.56 63.44 -1.04
N TYR A 306 8.26 64.73 -1.02
CA TYR A 306 8.05 65.46 0.24
C TYR A 306 6.83 66.41 0.31
N GLY A 307 6.74 67.13 1.42
CA GLY A 307 5.65 68.07 1.61
C GLY A 307 4.48 67.33 2.22
N ALA A 308 3.26 67.89 2.10
CA ALA A 308 2.06 67.15 2.54
C ALA A 308 1.03 66.88 1.43
N VAL A 309 0.13 65.94 1.76
CA VAL A 309 -0.83 65.35 0.84
C VAL A 309 -1.58 66.47 0.20
N PRO A 310 -1.42 66.67 -1.11
CA PRO A 310 -2.02 67.87 -1.68
C PRO A 310 -3.51 67.68 -1.61
N PRO A 311 -4.23 68.73 -1.17
CA PRO A 311 -5.62 68.71 -0.74
C PRO A 311 -6.54 68.28 -1.87
N PHE A 312 -6.14 68.46 -3.13
CA PHE A 312 -6.97 68.05 -4.25
C PHE A 312 -7.35 66.58 -4.15
N PHE A 313 -6.61 65.83 -3.36
CA PHE A 313 -6.86 64.40 -3.12
C PHE A 313 -8.18 64.10 -2.42
N GLY A 314 -8.89 65.16 -2.08
CA GLY A 314 -10.26 65.06 -1.60
C GLY A 314 -11.26 64.79 -2.70
N SER A 315 -10.86 65.05 -3.93
CA SER A 315 -11.76 64.88 -5.04
C SER A 315 -11.88 63.44 -5.56
N CYS A 316 -10.93 62.57 -5.23
CA CYS A 316 -11.05 61.21 -5.73
C CYS A 316 -11.82 60.48 -4.66
N SER A 317 -13.11 60.35 -4.97
CA SER A 317 -14.03 59.70 -4.09
C SER A 317 -14.16 58.33 -4.70
N LEU A 318 -13.46 58.20 -5.81
CA LEU A 318 -13.29 56.95 -6.52
C LEU A 318 -12.02 56.17 -6.17
N LEU A 319 -11.08 56.85 -5.52
CA LEU A 319 -9.81 56.26 -5.10
C LEU A 319 -10.05 55.44 -3.85
N GLU A 320 -9.86 54.13 -3.97
CA GLU A 320 -10.15 53.23 -2.86
C GLU A 320 -8.98 53.21 -1.91
N SER A 321 -7.78 53.31 -2.48
CA SER A 321 -6.57 53.21 -1.68
C SER A 321 -5.43 54.15 -2.10
N LEU A 322 -5.01 55.00 -1.18
CA LEU A 322 -3.88 55.87 -1.41
C LEU A 322 -2.75 55.40 -0.52
N ALA A 323 -1.60 55.04 -1.13
CA ALA A 323 -0.37 54.61 -0.44
C ALA A 323 0.82 55.49 -0.77
N LEU A 324 1.19 56.32 0.20
CA LEU A 324 2.31 57.27 0.13
C LEU A 324 3.61 56.86 0.83
N SER A 325 3.67 55.60 1.29
CA SER A 325 4.67 55.12 2.24
C SER A 325 6.15 55.22 1.85
N SER A 326 6.98 55.57 2.84
CA SER A 326 8.42 55.78 2.63
C SER A 326 8.77 56.91 1.68
N ASN A 327 8.49 58.13 2.11
CA ASN A 327 8.92 59.39 1.47
C ASN A 327 9.16 60.47 2.55
N ASN A 328 9.43 61.70 2.13
CA ASN A 328 9.76 62.74 3.10
C ASN A 328 8.55 63.52 3.62
N PHE A 329 7.34 63.05 3.26
CA PHE A 329 6.06 63.72 3.59
C PHE A 329 5.95 64.11 5.07
N SER A 330 5.57 65.37 5.30
CA SER A 330 5.51 65.91 6.65
C SER A 330 4.26 66.74 6.89
N GLY A 331 4.17 67.32 8.07
CA GLY A 331 2.95 68.01 8.42
C GLY A 331 2.06 67.04 9.16
N GLU A 332 0.98 67.56 9.75
CA GLU A 332 0.16 66.72 10.60
C GLU A 332 -0.88 66.02 9.76
N LEU A 333 -1.64 65.16 10.41
CA LEU A 333 -2.39 64.16 9.67
C LEU A 333 -3.55 64.78 8.94
N PRO A 334 -3.48 64.85 7.59
CA PRO A 334 -4.40 65.73 6.83
C PRO A 334 -5.86 65.27 6.77
N MET A 335 -6.50 65.21 7.95
CA MET A 335 -7.90 64.85 8.17
C MET A 335 -8.91 65.59 7.31
N ASP A 336 -8.58 66.86 7.07
CA ASP A 336 -9.36 67.79 6.26
C ASP A 336 -9.59 67.21 4.88
N THR A 337 -8.52 66.69 4.30
CA THR A 337 -8.63 65.97 3.05
C THR A 337 -9.21 64.59 3.33
N LEU A 338 -8.61 63.84 4.23
CA LEU A 338 -8.96 62.43 4.39
C LEU A 338 -10.45 62.06 4.58
N LEU A 339 -11.29 62.99 5.07
CA LEU A 339 -12.74 62.71 5.22
C LEU A 339 -13.56 62.90 3.94
N LYS A 340 -12.99 63.69 3.03
CA LYS A 340 -13.60 64.06 1.78
C LYS A 340 -13.65 62.92 0.79
N MET A 341 -12.72 61.98 0.93
CA MET A 341 -12.71 60.91 -0.04
C MET A 341 -13.45 59.81 0.63
N ARG A 342 -14.70 59.64 0.23
CA ARG A 342 -15.45 58.56 0.83
C ARG A 342 -15.20 57.30 -0.02
N GLY A 343 -14.29 57.43 -0.99
CA GLY A 343 -13.85 56.27 -1.75
C GLY A 343 -12.98 55.36 -0.90
N LEU A 344 -12.12 56.02 -0.11
CA LEU A 344 -11.01 55.37 0.60
C LEU A 344 -11.35 54.20 1.49
N LYS A 345 -10.46 53.22 1.36
CA LYS A 345 -10.54 51.87 1.95
C LYS A 345 -9.23 51.55 2.71
N VAL A 346 -8.09 51.70 2.03
CA VAL A 346 -6.78 51.65 2.69
C VAL A 346 -5.88 52.89 2.49
N LEU A 347 -5.42 53.44 3.60
CA LEU A 347 -4.57 54.60 3.59
C LEU A 347 -3.25 54.11 4.13
N ASP A 348 -2.20 54.19 3.32
CA ASP A 348 -0.87 53.84 3.78
C ASP A 348 -0.03 55.09 3.90
N LEU A 349 0.21 55.51 5.13
CA LEU A 349 1.09 56.64 5.41
C LEU A 349 2.49 56.25 5.91
N SER A 350 2.75 54.94 5.95
CA SER A 350 3.96 54.34 6.56
C SER A 350 5.35 54.85 6.09
N PHE A 351 6.25 54.96 7.07
CA PHE A 351 7.60 55.46 6.83
C PHE A 351 7.58 56.89 6.29
N ASN A 352 7.17 57.83 7.12
CA ASN A 352 7.23 59.23 6.73
C ASN A 352 7.48 60.16 7.94
N GLU A 353 7.54 61.46 7.64
CA GLU A 353 7.74 62.48 8.65
C GLU A 353 6.49 63.19 9.19
N PHE A 354 5.31 62.64 8.91
CA PHE A 354 4.09 63.08 9.57
C PHE A 354 4.30 63.15 11.09
N SER A 355 3.73 64.19 11.69
CA SER A 355 3.96 64.52 13.09
C SER A 355 2.67 64.79 13.86
N GLY A 356 2.82 65.05 15.14
CA GLY A 356 1.69 65.52 15.93
C GLY A 356 1.02 64.50 16.82
N GLU A 357 -0.14 64.89 17.38
CA GLU A 357 -0.98 63.98 18.16
C GLU A 357 -2.02 63.41 17.22
N LEU A 358 -2.79 62.47 17.74
CA LEU A 358 -3.68 61.69 16.89
C LEU A 358 -5.10 62.28 16.81
N PRO A 359 -5.47 62.93 15.68
CA PRO A 359 -6.77 63.62 15.65
C PRO A 359 -8.04 62.83 16.06
N GLU A 360 -8.78 63.45 16.99
CA GLU A 360 -10.08 63.00 17.51
C GLU A 360 -11.01 62.97 16.33
N SER A 361 -10.75 63.99 15.53
CA SER A 361 -11.37 64.30 14.28
C SER A 361 -11.21 63.08 13.32
N LEU A 362 -10.33 62.13 13.71
CA LEU A 362 -10.04 60.91 12.94
C LEU A 362 -10.89 59.69 13.33
N THR A 363 -11.74 59.82 14.34
CA THR A 363 -12.48 58.65 14.77
C THR A 363 -13.38 58.09 13.65
N ASN A 364 -13.65 58.92 12.64
CA ASN A 364 -14.51 58.54 11.53
C ASN A 364 -13.91 57.53 10.57
N LEU A 365 -12.64 57.74 10.23
CA LEU A 365 -11.89 56.92 9.28
C LEU A 365 -12.13 55.54 9.81
N SER A 366 -11.94 55.40 11.11
CA SER A 366 -12.02 54.13 11.80
C SER A 366 -13.31 53.35 11.42
N ALA A 367 -14.35 54.08 11.01
CA ALA A 367 -15.54 53.44 10.44
C ALA A 367 -15.53 53.11 8.95
N SER A 368 -14.90 53.97 8.15
CA SER A 368 -14.81 53.84 6.67
C SER A 368 -13.68 52.92 6.19
N LEU A 369 -12.54 53.09 6.86
CA LEU A 369 -11.28 52.50 6.51
C LEU A 369 -11.28 51.02 6.82
N LEU A 370 -10.67 50.26 5.90
CA LEU A 370 -10.24 48.88 6.08
C LEU A 370 -8.91 48.81 6.79
N THR A 371 -7.97 49.60 6.25
CA THR A 371 -6.60 49.63 6.76
C THR A 371 -5.96 51.00 6.90
N LEU A 372 -5.61 51.30 8.14
CA LEU A 372 -4.95 52.55 8.47
C LEU A 372 -3.54 52.15 8.80
N ASP A 373 -2.59 52.61 7.95
CA ASP A 373 -1.15 52.44 8.21
C ASP A 373 -0.47 53.78 8.41
N LEU A 374 -0.24 54.12 9.68
CA LEU A 374 0.44 55.34 10.09
C LEU A 374 1.87 55.10 10.58
N SER A 375 2.29 53.84 10.57
CA SER A 375 3.55 53.41 11.19
C SER A 375 4.81 54.05 10.62
N SER A 376 5.82 54.15 11.48
CA SER A 376 7.11 54.77 11.16
C SER A 376 7.04 56.25 10.82
N ASN A 377 6.36 56.98 11.68
CA ASN A 377 6.25 58.41 11.54
C ASN A 377 6.61 59.03 12.87
N ASN A 378 6.37 60.33 13.03
CA ASN A 378 6.69 60.99 14.29
C ASN A 378 5.55 61.14 15.34
N PHE A 379 4.35 60.59 15.09
CA PHE A 379 3.15 60.83 15.93
C PHE A 379 3.31 60.64 17.46
N SER A 380 2.72 61.52 18.27
CA SER A 380 2.87 61.46 19.74
C SER A 380 1.58 61.51 20.51
N GLY A 381 1.70 61.59 21.84
CA GLY A 381 0.52 61.61 22.68
C GLY A 381 0.04 60.18 22.72
N PRO A 382 -1.16 59.95 23.24
CA PRO A 382 -1.63 58.55 23.31
C PRO A 382 -2.46 58.18 22.12
N ILE A 383 -2.91 56.94 22.19
CA ILE A 383 -3.78 56.41 21.16
C ILE A 383 -5.18 56.80 21.57
N LEU A 384 -5.94 57.42 20.65
CA LEU A 384 -7.29 57.93 20.95
C LEU A 384 -8.17 56.86 21.53
N PRO A 385 -8.65 57.05 22.76
CA PRO A 385 -9.48 55.97 23.35
C PRO A 385 -10.80 55.97 22.60
N ASN A 386 -11.00 57.12 22.00
CA ASN A 386 -12.20 57.47 21.34
C ASN A 386 -12.15 57.03 19.89
N LEU A 387 -10.98 56.58 19.45
CA LEU A 387 -10.76 56.15 18.05
C LEU A 387 -11.78 55.17 17.54
N CYS A 388 -12.03 54.16 18.34
CA CYS A 388 -12.92 53.09 17.94
C CYS A 388 -14.37 53.29 18.43
N GLN A 389 -14.68 54.50 18.92
CA GLN A 389 -16.04 54.91 19.42
C GLN A 389 -17.23 54.85 18.45
N ASN A 390 -16.97 55.09 17.16
CA ASN A 390 -17.96 54.81 16.12
C ASN A 390 -18.61 53.43 16.32
N PRO A 391 -19.95 53.31 16.22
CA PRO A 391 -20.56 51.97 16.15
C PRO A 391 -20.32 51.31 14.79
N LYS A 392 -19.99 52.17 13.84
CA LYS A 392 -19.94 51.74 12.48
C LYS A 392 -18.70 50.88 12.22
N ASN A 393 -17.71 50.90 13.12
CA ASN A 393 -16.26 50.70 12.73
C ASN A 393 -15.72 49.40 12.01
N THR A 394 -15.09 49.61 10.87
CA THR A 394 -14.64 48.49 10.03
C THR A 394 -13.18 48.12 10.13
N LEU A 395 -12.37 48.86 10.91
CA LEU A 395 -10.92 48.93 10.64
C LEU A 395 -10.34 47.55 10.76
N GLN A 396 -9.77 47.01 9.68
CA GLN A 396 -9.21 45.66 9.74
C GLN A 396 -7.79 45.72 10.28
N GLU A 397 -7.07 46.70 9.78
CA GLU A 397 -5.66 46.74 9.98
C GLU A 397 -5.21 48.07 10.49
N LEU A 398 -4.70 48.05 11.71
CA LEU A 398 -4.24 49.24 12.37
C LEU A 398 -2.73 49.12 12.56
N TYR A 399 -1.97 49.90 11.80
CA TYR A 399 -0.53 49.90 12.02
C TYR A 399 -0.13 51.25 12.55
N LEU A 400 0.00 51.27 13.87
CA LEU A 400 0.50 52.41 14.63
C LEU A 400 1.93 52.20 15.13
N GLN A 401 2.54 51.07 14.74
CA GLN A 401 3.88 50.67 15.23
C GLN A 401 5.04 51.58 14.77
N ASN A 402 6.08 51.64 15.62
CA ASN A 402 7.14 52.62 15.48
C ASN A 402 6.64 54.05 15.41
N ASN A 403 6.16 54.55 16.54
CA ASN A 403 5.80 55.95 16.66
C ASN A 403 6.18 56.38 18.09
N GLY A 404 5.79 57.58 18.49
CA GLY A 404 6.07 58.09 19.83
C GLY A 404 4.95 58.05 20.86
N PHE A 405 3.99 57.14 20.67
CA PHE A 405 2.76 57.11 21.47
C PHE A 405 3.00 56.77 22.92
N THR A 406 2.55 57.65 23.82
CA THR A 406 2.81 57.53 25.25
C THR A 406 1.61 56.86 25.96
N GLY A 407 1.77 56.51 27.24
CA GLY A 407 0.62 56.09 28.03
C GLY A 407 -0.08 54.80 27.64
N LYS A 408 -1.09 54.39 28.42
CA LYS A 408 -1.66 53.04 28.37
C LYS A 408 -2.37 52.73 27.04
N ILE A 409 -2.50 51.42 26.78
CA ILE A 409 -3.24 50.93 25.64
C ILE A 409 -4.69 51.08 25.96
N PRO A 410 -5.42 51.93 25.19
CA PRO A 410 -6.86 52.13 25.45
C PRO A 410 -7.63 50.85 25.26
N PRO A 411 -8.31 50.34 26.30
CA PRO A 411 -9.06 49.07 26.16
C PRO A 411 -10.31 49.24 25.30
N THR A 412 -10.79 50.48 25.26
CA THR A 412 -11.95 50.90 24.47
C THR A 412 -11.71 50.52 23.01
N LEU A 413 -10.44 50.28 22.70
CA LEU A 413 -10.02 49.85 21.39
C LEU A 413 -10.73 48.56 20.97
N SER A 414 -11.26 47.79 21.92
CA SER A 414 -11.91 46.52 21.59
C SER A 414 -13.11 46.77 20.72
N ASN A 415 -13.58 48.03 20.81
CA ASN A 415 -14.74 48.49 20.06
C ASN A 415 -14.49 48.47 18.54
N CYS A 416 -13.24 48.22 18.12
CA CYS A 416 -12.99 47.95 16.69
C CYS A 416 -13.09 46.45 16.54
N SER A 417 -14.20 45.99 15.97
CA SER A 417 -14.56 44.58 15.97
C SER A 417 -14.21 43.89 14.66
N GLU A 418 -13.72 44.65 13.70
CA GLU A 418 -13.28 44.04 12.47
C GLU A 418 -11.75 43.85 12.43
N LEU A 419 -11.12 44.31 13.51
CA LEU A 419 -9.67 44.43 13.56
C LEU A 419 -9.08 43.05 13.57
N VAL A 420 -8.27 42.77 12.54
CA VAL A 420 -7.51 41.52 12.46
C VAL A 420 -6.10 41.78 12.97
N SER A 421 -5.38 42.68 12.32
CA SER A 421 -4.04 43.04 12.79
C SER A 421 -3.95 44.34 13.59
N LEU A 422 -3.57 44.19 14.86
CA LEU A 422 -3.20 45.29 15.74
C LEU A 422 -1.67 45.31 16.05
N HIS A 423 -0.99 46.29 15.47
CA HIS A 423 0.43 46.46 15.72
C HIS A 423 0.64 47.84 16.40
N LEU A 424 0.89 47.80 17.71
CA LEU A 424 1.19 49.01 18.52
C LEU A 424 2.69 49.21 18.84
N SER A 425 3.52 48.34 18.28
CA SER A 425 4.89 48.16 18.73
C SER A 425 5.90 49.28 18.41
N PHE A 426 6.98 49.29 19.17
CA PHE A 426 8.02 50.31 19.05
C PHE A 426 7.50 51.66 19.46
N ASN A 427 6.62 51.64 20.45
CA ASN A 427 6.14 52.86 21.04
C ASN A 427 6.51 52.88 22.52
N TYR A 428 6.10 53.95 23.19
CA TYR A 428 6.38 54.17 24.59
C TYR A 428 5.22 53.76 25.53
N LEU A 429 4.22 53.04 24.99
CA LEU A 429 3.02 52.67 25.74
C LEU A 429 3.29 52.09 27.14
N SER A 430 2.60 52.63 28.15
CA SER A 430 2.83 52.20 29.52
C SER A 430 1.66 51.42 30.11
N GLY A 431 1.89 50.91 31.32
CA GLY A 431 0.87 50.20 32.05
C GLY A 431 0.40 48.99 31.29
N THR A 432 -0.65 48.33 31.76
CA THR A 432 -0.95 46.98 31.31
C THR A 432 -1.51 46.80 29.90
N ILE A 433 -1.62 45.52 29.56
CA ILE A 433 -2.25 45.02 28.34
C ILE A 433 -3.72 44.89 28.63
N PRO A 434 -4.57 45.50 27.78
CA PRO A 434 -6.00 45.31 27.98
C PRO A 434 -6.39 43.87 27.84
N SER A 435 -7.01 43.41 28.91
CA SER A 435 -7.60 42.09 29.01
C SER A 435 -8.71 42.07 27.99
N SER A 436 -9.18 43.30 27.78
CA SER A 436 -10.26 43.68 26.89
C SER A 436 -10.03 42.98 25.57
N LEU A 437 -8.78 43.03 25.11
CA LEU A 437 -8.44 42.60 23.76
C LEU A 437 -8.90 41.19 23.46
N GLY A 438 -9.20 40.41 24.53
CA GLY A 438 -9.66 39.05 24.38
C GLY A 438 -10.92 38.92 23.53
N SER A 439 -11.63 40.03 23.39
CA SER A 439 -12.90 40.02 22.68
C SER A 439 -12.78 40.27 21.19
N LEU A 440 -11.56 40.40 20.66
CA LEU A 440 -11.46 40.76 19.26
C LEU A 440 -11.50 39.45 18.53
N SER A 441 -12.68 39.16 18.00
CA SER A 441 -13.07 37.80 17.64
C SER A 441 -12.57 37.40 16.25
N LYS A 442 -12.19 38.39 15.46
CA LYS A 442 -11.53 38.14 14.20
C LYS A 442 -10.03 38.39 14.24
N LEU A 443 -9.48 38.75 15.41
CA LEU A 443 -8.04 39.06 15.52
C LEU A 443 -7.11 37.87 15.29
N ARG A 444 -6.11 38.14 14.44
CA ARG A 444 -5.04 37.23 14.09
C ARG A 444 -3.68 37.74 14.56
N ASP A 445 -3.15 38.81 13.98
CA ASP A 445 -1.88 39.31 14.47
C ASP A 445 -1.98 40.36 15.57
N LEU A 446 -1.45 40.04 16.76
CA LEU A 446 -1.30 41.05 17.84
C LEU A 446 0.20 41.34 18.20
N LYS A 447 0.70 42.54 17.87
CA LYS A 447 2.13 42.81 18.12
C LYS A 447 2.37 43.96 19.08
N LEU A 448 2.73 43.63 20.31
CA LEU A 448 2.97 44.66 21.33
C LEU A 448 4.44 44.96 21.67
N TRP A 449 5.38 44.27 21.02
CA TRP A 449 6.80 44.22 21.43
C TRP A 449 7.62 45.56 21.43
N LEU A 450 8.64 45.60 22.29
CA LEU A 450 9.35 46.84 22.66
C LEU A 450 8.37 47.93 23.08
N ASN A 451 7.74 47.72 24.23
CA ASN A 451 6.99 48.76 24.91
C ASN A 451 7.20 48.55 26.40
N MET A 452 6.69 49.47 27.23
CA MET A 452 6.84 49.43 28.70
C MET A 452 5.66 48.75 29.43
N LEU A 453 4.80 48.09 28.64
CA LEU A 453 3.71 47.28 29.18
C LEU A 453 4.21 46.32 30.24
N GLU A 454 3.41 46.20 31.30
CA GLU A 454 3.71 45.36 32.45
C GLU A 454 2.60 44.42 32.84
N GLY A 455 2.77 43.87 34.03
CA GLY A 455 1.77 43.00 34.58
C GLY A 455 1.78 41.64 33.97
N GLU A 456 0.64 41.15 33.52
CA GLU A 456 0.55 39.75 33.14
C GLU A 456 0.11 39.70 31.70
N ILE A 457 0.25 38.53 31.10
CA ILE A 457 -0.21 38.31 29.73
C ILE A 457 -1.64 37.81 29.82
N PRO A 458 -2.59 38.67 29.40
CA PRO A 458 -4.01 38.51 29.73
C PRO A 458 -4.64 37.23 29.23
N GLN A 459 -5.14 36.48 30.19
CA GLN A 459 -5.59 35.11 29.99
C GLN A 459 -6.77 35.06 29.00
N GLU A 460 -7.52 36.15 29.00
CA GLU A 460 -8.71 36.28 28.20
C GLU A 460 -8.37 36.13 26.73
N LEU A 461 -7.06 36.26 26.40
CA LEU A 461 -6.59 36.21 25.03
C LEU A 461 -7.01 34.89 24.43
N MET A 462 -7.48 33.98 25.30
CA MET A 462 -8.00 32.66 24.95
C MET A 462 -9.28 32.58 24.15
N TYR A 463 -10.08 33.64 24.21
CA TYR A 463 -11.34 33.61 23.48
C TYR A 463 -11.09 33.97 22.01
N VAL A 464 -9.80 34.19 21.68
CA VAL A 464 -9.40 34.48 20.28
C VAL A 464 -9.06 33.17 19.61
N LYS A 465 -9.94 32.72 18.73
CA LYS A 465 -9.77 31.41 18.13
C LYS A 465 -9.00 31.54 16.83
N THR A 466 -8.82 32.76 16.34
CA THR A 466 -7.99 32.99 15.16
C THR A 466 -6.56 33.48 15.44
N LEU A 467 -6.23 33.75 16.70
CA LEU A 467 -4.95 34.36 17.03
C LEU A 467 -3.82 33.49 16.50
N GLU A 468 -2.98 34.13 15.68
CA GLU A 468 -1.86 33.48 14.97
C GLU A 468 -0.52 33.98 15.48
N THR A 469 -0.23 35.24 15.29
CA THR A 469 0.95 35.87 15.85
C THR A 469 0.71 36.26 17.31
N LEU A 470 1.70 36.14 18.19
CA LEU A 470 1.67 36.94 19.43
C LEU A 470 3.08 37.50 19.75
N ILE A 471 3.33 38.79 19.62
CA ILE A 471 4.72 39.24 19.83
C ILE A 471 4.93 40.23 21.00
N LEU A 472 5.38 39.74 22.14
CA LEU A 472 5.33 40.59 23.34
C LEU A 472 6.64 41.26 23.77
N ASP A 473 7.70 41.05 22.99
CA ASP A 473 9.10 41.29 23.37
C ASP A 473 9.52 42.65 23.99
N PHE A 474 10.43 42.57 24.96
CA PHE A 474 11.09 43.73 25.56
C PHE A 474 10.17 44.62 26.37
N ASN A 475 9.21 43.95 27.02
CA ASN A 475 8.24 44.52 27.96
C ASN A 475 8.55 44.01 29.37
N ASP A 476 7.72 44.37 30.37
CA ASP A 476 7.92 43.93 31.75
C ASP A 476 7.06 42.80 32.15
N LEU A 477 6.31 42.28 31.18
CA LEU A 477 5.23 41.35 31.45
C LEU A 477 5.77 40.31 32.37
N THR A 478 5.05 40.05 33.45
CA THR A 478 5.53 39.15 34.48
C THR A 478 4.62 37.93 34.46
N GLY A 479 4.79 37.07 35.44
CA GLY A 479 3.89 35.95 35.60
C GLY A 479 4.03 34.91 34.52
N GLU A 480 3.31 33.81 34.68
CA GLU A 480 3.48 32.70 33.76
C GLU A 480 2.83 32.90 32.41
N ILE A 481 2.88 31.83 31.64
CA ILE A 481 2.18 31.75 30.38
C ILE A 481 0.72 31.55 30.74
N PRO A 482 -0.15 32.38 30.16
CA PRO A 482 -1.58 32.11 30.31
C PRO A 482 -1.97 30.78 29.70
N SER A 483 -2.62 29.94 30.50
CA SER A 483 -2.90 28.56 30.10
C SER A 483 -3.98 28.48 29.03
N GLY A 484 -4.91 29.43 29.10
CA GLY A 484 -6.06 29.49 28.23
C GLY A 484 -5.68 29.56 26.76
N LEU A 485 -4.44 29.99 26.50
CA LEU A 485 -3.90 30.01 25.14
C LEU A 485 -3.98 28.60 24.48
N SER A 486 -4.13 27.54 25.28
CA SER A 486 -4.27 26.19 24.73
C SER A 486 -5.56 26.08 23.93
N ASN A 487 -6.39 27.11 24.02
CA ASN A 487 -7.57 27.22 23.20
C ASN A 487 -7.28 27.91 21.86
N CYS A 488 -6.04 28.35 21.62
CA CYS A 488 -5.73 29.01 20.34
C CYS A 488 -5.17 28.00 19.35
N THR A 489 -6.00 27.59 18.39
CA THR A 489 -5.61 26.51 17.50
C THR A 489 -4.65 27.06 16.48
N ASN A 490 -4.84 28.32 16.12
CA ASN A 490 -4.07 28.90 15.05
C ASN A 490 -2.81 29.69 15.42
N LEU A 491 -2.45 29.69 16.70
CA LEU A 491 -1.17 30.28 17.13
C LEU A 491 0.02 29.61 16.44
N ASN A 492 0.83 30.43 15.75
CA ASN A 492 2.07 29.99 15.10
C ASN A 492 3.35 30.64 15.67
N TRP A 493 3.42 31.97 15.66
CA TRP A 493 4.61 32.66 16.14
C TRP A 493 4.41 33.32 17.51
N ILE A 494 4.91 32.72 18.57
CA ILE A 494 4.82 33.31 19.91
C ILE A 494 6.21 33.84 20.31
N SER A 495 6.39 35.15 20.32
CA SER A 495 7.66 35.69 20.73
C SER A 495 7.51 36.45 22.05
N LEU A 496 7.92 35.84 23.16
CA LEU A 496 7.79 36.49 24.47
C LEU A 496 9.08 37.12 25.02
N SER A 497 10.16 37.06 24.23
CA SER A 497 11.53 37.35 24.67
C SER A 497 11.79 38.71 25.39
N ASN A 498 12.77 38.71 26.29
CA ASN A 498 13.18 39.89 27.05
C ASN A 498 12.19 40.45 28.06
N ASN A 499 11.48 39.56 28.74
CA ASN A 499 10.54 39.93 29.79
C ASN A 499 10.96 39.31 31.12
N ARG A 500 10.17 39.55 32.17
CA ARG A 500 10.37 38.95 33.48
C ARG A 500 9.57 37.70 33.69
N LEU A 501 8.98 37.20 32.62
CA LEU A 501 8.05 36.07 32.70
C LEU A 501 8.57 34.90 33.56
N THR A 502 7.68 34.27 34.31
CA THR A 502 8.10 33.20 35.19
C THR A 502 7.56 31.89 34.65
N GLY A 503 7.77 30.81 35.40
CA GLY A 503 7.03 29.57 35.18
C GLY A 503 7.55 28.69 34.09
N GLU A 504 6.82 27.63 33.75
CA GLU A 504 7.34 26.67 32.79
C GLU A 504 6.79 26.81 31.38
N ILE A 505 7.36 25.99 30.51
CA ILE A 505 6.75 25.72 29.23
C ILE A 505 5.60 24.78 29.51
N PRO A 506 4.44 25.14 29.01
CA PRO A 506 3.22 24.37 29.07
C PRO A 506 3.40 23.07 28.36
N LYS A 507 3.11 21.97 29.04
CA LYS A 507 3.22 20.65 28.45
C LYS A 507 2.09 20.47 27.45
N TRP A 508 1.23 21.48 27.38
CA TRP A 508 0.25 21.49 26.33
C TRP A 508 0.78 22.15 25.06
N ILE A 509 1.95 22.79 25.13
CA ILE A 509 2.44 23.56 23.96
C ILE A 509 2.50 22.68 22.73
N GLY A 510 2.67 21.38 22.95
CA GLY A 510 2.73 20.43 21.85
C GLY A 510 1.40 20.24 21.15
N ARG A 511 0.37 20.89 21.66
CA ARG A 511 -0.93 20.72 21.06
C ARG A 511 -1.18 21.64 19.87
N LEU A 512 -0.35 22.67 19.70
CA LEU A 512 -0.66 23.65 18.66
C LEU A 512 -0.03 23.16 17.37
N GLU A 513 -0.87 22.68 16.48
CA GLU A 513 -0.42 22.07 15.24
C GLU A 513 0.27 23.13 14.44
N ASN A 514 -0.10 24.39 14.68
CA ASN A 514 0.46 25.45 13.87
C ASN A 514 1.62 26.25 14.41
N LEU A 515 1.97 26.05 15.68
CA LEU A 515 3.09 26.80 16.27
C LEU A 515 4.38 26.57 15.46
N ALA A 516 5.02 27.67 15.04
CA ALA A 516 6.24 27.61 14.21
C ALA A 516 7.43 28.22 14.91
N ILE A 517 7.36 29.51 15.20
CA ILE A 517 8.44 30.21 15.91
C ILE A 517 8.13 30.48 17.37
N LEU A 518 8.80 29.78 18.27
CA LEU A 518 8.59 30.03 19.70
C LEU A 518 9.89 30.59 20.31
N LYS A 519 9.86 31.85 20.72
CA LYS A 519 11.07 32.48 21.26
C LYS A 519 10.87 33.02 22.72
N LEU A 520 11.45 32.29 23.68
CA LEU A 520 11.35 32.55 25.13
C LEU A 520 12.57 33.21 25.79
N SER A 521 13.47 33.76 24.98
CA SER A 521 14.72 34.35 25.49
C SER A 521 14.63 35.45 26.59
N ASN A 522 15.68 35.48 27.42
CA ASN A 522 15.97 36.49 28.45
C ASN A 522 15.01 36.58 29.61
N ASN A 523 14.36 35.47 29.88
CA ASN A 523 13.36 35.49 30.89
C ASN A 523 13.80 34.63 32.02
N SER A 524 12.91 34.46 32.98
CA SER A 524 13.17 33.54 34.07
C SER A 524 12.51 32.17 33.92
N PHE A 525 11.87 31.86 32.79
CA PHE A 525 11.12 30.59 32.66
C PHE A 525 11.99 29.45 33.15
N SER A 526 11.46 28.58 33.98
CA SER A 526 12.29 27.58 34.66
C SER A 526 11.84 26.14 34.41
N GLY A 527 12.57 25.20 34.98
CA GLY A 527 12.13 23.82 34.95
C GLY A 527 12.31 23.16 33.60
N ASN A 528 11.92 21.90 33.52
CA ASN A 528 12.32 21.04 32.41
C ASN A 528 11.82 21.43 31.03
N ILE A 529 12.54 20.93 30.05
CA ILE A 529 12.20 21.08 28.65
C ILE A 529 11.17 20.00 28.29
N PRO A 530 9.95 20.43 27.99
CA PRO A 530 8.81 19.55 27.71
C PRO A 530 8.99 18.68 26.49
N ALA A 531 8.85 17.38 26.63
CA ALA A 531 9.06 16.47 25.49
C ALA A 531 7.89 16.54 24.53
N GLU A 532 6.78 17.07 25.01
CA GLU A 532 5.60 17.23 24.17
C GLU A 532 5.91 18.22 23.07
N LEU A 533 7.04 18.92 23.21
CA LEU A 533 7.55 19.81 22.18
C LEU A 533 7.71 19.06 20.86
N GLY A 534 7.84 17.73 20.94
CA GLY A 534 7.99 16.89 19.77
C GLY A 534 6.69 16.55 19.08
N ASP A 535 5.61 17.17 19.51
CA ASP A 535 4.32 16.91 18.88
C ASP A 535 3.89 17.95 17.83
N CYS A 536 4.67 19.04 17.71
CA CYS A 536 4.22 20.19 16.91
C CYS A 536 4.67 20.19 15.44
N ARG A 537 3.76 19.88 14.53
CA ARG A 537 4.12 19.65 13.14
C ARG A 537 4.70 20.87 12.46
N SER A 538 4.43 22.04 13.00
CA SER A 538 4.87 23.24 12.31
C SER A 538 6.16 23.84 12.87
N LEU A 539 6.66 23.34 14.00
CA LEU A 539 7.66 24.12 14.75
C LEU A 539 9.06 24.06 14.15
N ILE A 540 9.50 25.21 13.63
CA ILE A 540 10.86 25.38 13.14
C ILE A 540 11.81 26.29 13.89
N TRP A 541 11.40 27.09 14.83
CA TRP A 541 12.44 27.94 15.44
C TRP A 541 12.30 28.01 16.95
N LEU A 542 13.23 27.42 17.66
CA LEU A 542 13.01 27.42 19.08
C LEU A 542 14.13 28.14 19.81
N ASP A 543 13.84 29.33 20.30
CA ASP A 543 14.95 30.07 20.86
C ASP A 543 14.71 30.29 22.36
N LEU A 544 15.28 29.41 23.15
CA LEU A 544 15.07 29.35 24.61
C LEU A 544 16.14 30.08 25.45
N ASN A 545 17.00 30.86 24.80
CA ASN A 545 18.25 31.29 25.42
C ASN A 545 18.17 32.19 26.65
N THR A 546 19.27 32.29 27.38
CA THR A 546 19.46 33.18 28.53
C THR A 546 18.47 32.92 29.67
N ASN A 547 18.21 31.65 29.95
CA ASN A 547 17.14 31.38 30.90
C ASN A 547 17.47 30.44 32.05
N LEU A 548 16.43 30.15 32.82
CA LEU A 548 16.54 29.40 34.06
C LEU A 548 16.14 27.93 33.90
N PHE A 549 15.99 27.46 32.67
CA PHE A 549 15.53 26.07 32.46
C PHE A 549 16.30 24.92 33.15
N ASN A 550 15.57 24.01 33.77
CA ASN A 550 16.16 22.80 34.34
C ASN A 550 16.24 21.71 33.28
N GLY A 551 16.88 20.61 33.65
CA GLY A 551 16.68 19.32 33.00
C GLY A 551 17.69 18.83 31.99
N THR A 552 17.29 17.78 31.28
CA THR A 552 18.05 17.24 30.15
C THR A 552 17.23 17.28 28.87
N ILE A 553 17.91 17.55 27.75
CA ILE A 553 17.23 17.51 26.47
C ILE A 553 16.65 16.12 26.26
N PRO A 554 15.33 16.05 26.15
CA PRO A 554 14.60 14.80 25.95
C PRO A 554 14.78 14.29 24.54
N ALA A 555 14.61 13.00 24.35
CA ALA A 555 14.74 12.43 23.03
C ALA A 555 13.47 12.66 22.20
N ALA A 556 12.34 12.73 22.87
CA ALA A 556 11.08 12.90 22.19
C ALA A 556 11.06 14.27 21.52
N MET A 557 11.88 15.18 22.04
CA MET A 557 11.91 16.58 21.60
C MET A 557 12.02 16.76 20.09
N PHE A 558 12.62 15.81 19.41
CA PHE A 558 12.83 15.93 17.99
C PHE A 558 11.82 15.13 17.20
N LYS A 559 10.95 14.43 17.92
CA LYS A 559 10.29 13.25 17.37
C LYS A 559 9.70 13.46 15.97
N GLN A 560 9.29 14.69 15.69
CA GLN A 560 8.52 15.00 14.48
C GLN A 560 9.35 15.29 13.26
N SER A 561 10.64 15.53 13.49
CA SER A 561 11.55 15.96 12.45
C SER A 561 11.43 15.02 11.27
N GLY A 562 11.28 15.58 10.07
CA GLY A 562 11.25 14.78 8.85
C GLY A 562 9.87 14.63 8.27
N LYS A 563 8.88 14.84 9.14
CA LYS A 563 7.49 14.90 8.75
C LYS A 563 7.03 16.36 8.67
N ILE A 564 7.93 17.28 9.03
CA ILE A 564 7.59 18.69 9.24
C ILE A 564 7.12 19.47 8.00
N ALA A 565 6.04 20.24 8.18
CA ALA A 565 5.62 21.26 7.21
C ALA A 565 5.48 22.61 7.92
N ALA A 566 6.33 23.55 7.53
CA ALA A 566 6.31 24.92 8.04
C ALA A 566 5.74 26.01 7.13
N ASN A 567 5.12 25.65 6.01
CA ASN A 567 4.69 26.70 5.06
C ASN A 567 3.67 27.76 5.52
N PHE A 568 3.08 27.59 6.70
CA PHE A 568 2.16 28.60 7.22
C PHE A 568 2.87 29.88 7.66
N ILE A 569 3.92 29.76 8.46
CA ILE A 569 4.75 30.87 9.03
C ILE A 569 5.42 31.68 7.90
N ALA A 570 5.24 31.21 6.69
CA ALA A 570 5.99 31.79 5.59
C ALA A 570 5.47 33.11 5.03
N GLY A 571 6.36 34.10 4.97
CA GLY A 571 6.07 35.39 4.40
C GLY A 571 6.10 36.54 5.39
N LYS A 572 6.11 36.19 6.68
CA LYS A 572 6.20 37.21 7.71
C LYS A 572 7.55 37.94 7.67
N ARG A 573 7.58 39.28 7.64
CA ARG A 573 8.85 40.03 7.60
C ARG A 573 9.55 40.03 8.97
N TYR A 574 10.89 40.01 8.96
CA TYR A 574 11.71 39.94 10.18
C TYR A 574 13.06 40.64 10.08
N VAL A 575 13.73 40.65 11.24
CA VAL A 575 15.18 40.77 11.31
C VAL A 575 15.79 39.56 12.13
N TYR A 576 17.07 39.26 11.86
CA TYR A 576 17.95 38.48 12.73
C TYR A 576 19.12 39.39 13.12
N ILE A 577 19.28 39.71 14.40
CA ILE A 577 20.51 40.38 14.82
C ILE A 577 21.46 39.29 15.34
N LYS A 578 22.57 39.06 14.61
CA LYS A 578 23.50 37.96 14.95
C LYS A 578 24.50 38.34 16.07
N ASN A 579 24.61 37.45 17.05
CA ASN A 579 25.34 37.76 18.26
C ASN A 579 26.80 37.93 17.94
N ASP A 580 27.28 39.12 18.26
CA ASP A 580 28.64 39.53 18.02
C ASP A 580 29.62 38.62 18.79
N GLY A 581 29.26 38.28 20.03
CA GLY A 581 30.06 37.40 20.88
C GLY A 581 31.19 38.20 21.48
N MET A 582 31.50 39.29 20.79
CA MET A 582 32.49 40.29 21.16
C MET A 582 32.09 41.03 22.47
N LYS A 583 30.82 40.92 22.85
CA LYS A 583 30.43 41.43 24.17
C LYS A 583 30.08 40.25 25.13
N LYS A 584 30.67 40.30 26.33
CA LYS A 584 30.57 39.25 27.37
C LYS A 584 29.13 39.01 27.81
N GLU A 585 28.44 40.13 28.00
CA GLU A 585 27.12 40.24 28.58
C GLU A 585 26.03 39.63 27.70
N CYS A 586 26.19 39.79 26.39
CA CYS A 586 25.18 39.39 25.41
C CYS A 586 25.13 37.89 25.17
N HIS A 587 23.93 37.33 25.22
CA HIS A 587 23.74 35.88 25.15
C HIS A 587 23.08 35.43 23.85
N GLY A 588 22.82 34.12 23.76
CA GLY A 588 22.23 33.49 22.58
C GLY A 588 23.08 33.42 21.32
N ALA A 589 22.54 32.75 20.29
CA ALA A 589 23.12 32.87 18.96
C ALA A 589 22.70 34.18 18.32
N GLY A 590 21.42 34.52 18.43
CA GLY A 590 20.91 35.77 17.88
C GLY A 590 19.45 36.03 18.15
N ASN A 591 19.02 37.27 17.87
CA ASN A 591 17.62 37.69 18.07
C ASN A 591 16.80 37.70 16.77
N LEU A 592 15.79 36.82 16.67
CA LEU A 592 14.83 36.90 15.57
C LEU A 592 13.68 37.79 16.02
N LEU A 593 13.59 38.96 15.39
CA LEU A 593 12.56 39.90 15.75
C LEU A 593 11.57 40.09 14.62
N GLU A 594 10.30 40.28 14.99
CA GLU A 594 9.30 40.74 14.05
C GLU A 594 9.64 42.20 13.76
N PHE A 595 9.83 42.50 12.48
CA PHE A 595 9.88 43.86 11.99
C PHE A 595 8.90 43.80 10.88
N GLN A 596 7.72 44.44 11.01
CA GLN A 596 6.95 44.83 9.83
C GLN A 596 6.71 46.27 10.04
N GLY A 597 7.07 47.08 9.07
CA GLY A 597 6.81 48.49 9.21
C GLY A 597 7.55 49.20 10.35
N ILE A 598 8.32 48.48 11.15
CA ILE A 598 9.24 49.16 12.04
C ILE A 598 10.40 49.53 11.16
N ARG A 599 10.96 50.71 11.35
CA ARG A 599 12.07 51.15 10.53
C ARG A 599 13.40 50.52 10.95
N SER A 600 14.32 50.43 10.00
CA SER A 600 15.59 49.70 10.13
C SER A 600 16.48 50.42 11.14
N GLU A 601 16.61 51.73 10.91
CA GLU A 601 17.50 52.68 11.58
C GLU A 601 17.09 53.13 12.99
N GLN A 602 15.90 52.72 13.39
CA GLN A 602 15.44 52.98 14.75
C GLN A 602 15.76 51.77 15.59
N LEU A 603 16.50 50.82 15.02
CA LEU A 603 16.75 49.58 15.76
C LEU A 603 17.54 49.78 17.06
N ASN A 604 18.35 50.84 17.10
CA ASN A 604 19.13 51.19 18.28
C ASN A 604 18.27 51.53 19.48
N ARG A 605 17.01 51.88 19.23
CA ARG A 605 16.03 52.15 20.28
C ARG A 605 15.95 50.91 21.15
N LEU A 606 16.57 49.84 20.66
CA LEU A 606 16.64 48.63 21.42
C LEU A 606 17.73 48.73 22.44
N SER A 607 18.72 49.59 22.20
CA SER A 607 20.03 49.51 22.86
C SER A 607 19.96 49.25 24.35
N THR A 608 19.13 50.02 25.01
CA THR A 608 19.07 50.00 26.45
C THR A 608 18.45 48.72 27.03
N ARG A 609 17.60 48.06 26.26
CA ARG A 609 17.04 46.77 26.68
C ARG A 609 17.89 45.53 26.40
N ASN A 610 18.57 45.53 25.24
CA ASN A 610 19.47 44.44 24.80
C ASN A 610 20.91 44.90 24.73
N PRO A 611 21.82 44.21 25.45
CA PRO A 611 23.21 44.65 25.55
C PRO A 611 23.97 44.55 24.25
N CYS A 612 23.50 43.68 23.36
CA CYS A 612 24.25 43.26 22.17
C CYS A 612 24.65 44.42 21.25
N ASN A 613 25.68 44.19 20.45
CA ASN A 613 26.10 45.21 19.51
C ASN A 613 25.16 45.24 18.33
N ILE A 614 24.73 46.43 17.94
CA ILE A 614 24.15 46.62 16.61
C ILE A 614 25.26 47.12 15.65
N THR A 615 26.49 47.08 16.17
CA THR A 615 27.72 47.04 15.36
C THR A 615 27.71 45.71 14.59
N SER A 616 26.72 44.87 14.90
CA SER A 616 26.58 43.57 14.27
C SER A 616 26.13 43.66 12.81
N ARG A 617 26.01 42.49 12.20
CA ARG A 617 25.45 42.31 10.88
C ARG A 617 24.01 41.89 11.14
N VAL A 618 23.06 42.67 10.61
CA VAL A 618 21.63 42.35 10.79
C VAL A 618 21.10 41.66 9.54
N TYR A 619 20.85 40.36 9.68
CA TYR A 619 20.24 39.54 8.64
C TYR A 619 18.75 39.89 8.66
N GLY A 620 18.01 39.63 7.58
CA GLY A 620 16.60 39.94 7.58
C GLY A 620 15.87 40.02 6.24
N GLY A 621 14.54 40.07 6.28
CA GLY A 621 13.77 39.97 5.05
C GLY A 621 12.49 39.22 5.39
N HIS A 622 11.80 38.67 4.40
CA HIS A 622 10.57 37.92 4.69
C HIS A 622 10.84 36.45 5.03
N THR A 623 10.17 35.93 6.05
CA THR A 623 10.35 34.52 6.42
C THR A 623 10.08 33.56 5.22
N SER A 624 11.07 32.73 4.88
CA SER A 624 10.90 31.62 3.94
C SER A 624 11.65 30.37 4.36
N PRO A 625 10.94 29.43 5.03
CA PRO A 625 11.41 28.07 5.31
C PRO A 625 11.93 27.47 4.03
N THR A 626 13.02 26.72 4.15
CA THR A 626 13.74 26.16 2.99
C THR A 626 13.07 24.87 2.50
N PHE A 627 12.03 24.46 3.21
CA PHE A 627 11.28 23.30 2.78
C PHE A 627 9.77 23.51 2.83
N ASP A 628 9.08 22.72 2.00
CA ASP A 628 7.63 22.65 1.98
C ASP A 628 7.17 21.58 2.96
N ASN A 629 7.37 20.32 2.59
CA ASN A 629 6.94 19.26 3.46
C ASN A 629 8.07 18.32 3.79
N ASN A 630 7.91 17.59 4.88
CA ASN A 630 8.90 16.62 5.32
C ASN A 630 10.25 17.30 5.52
N GLY A 631 10.26 18.33 6.35
CA GLY A 631 11.50 18.96 6.78
C GLY A 631 11.79 18.76 8.24
N SER A 632 12.55 19.67 8.84
CA SER A 632 12.98 19.47 10.20
C SER A 632 12.97 20.78 10.92
N MET A 633 13.29 20.73 12.22
CA MET A 633 13.45 21.95 13.00
C MET A 633 14.61 22.75 12.45
N MET A 634 14.36 23.99 12.09
CA MET A 634 15.39 24.80 11.45
C MET A 634 16.37 25.52 12.39
N PHE A 635 15.98 25.79 13.65
CA PHE A 635 16.80 26.58 14.61
C PHE A 635 16.62 26.07 16.01
N LEU A 636 17.71 25.89 16.74
CA LEU A 636 17.59 25.67 18.17
C LEU A 636 18.64 26.36 19.02
N ASP A 637 18.21 27.26 19.88
CA ASP A 637 19.15 27.81 20.81
C ASP A 637 18.68 27.56 22.22
N MET A 638 19.31 26.63 22.92
CA MET A 638 19.09 26.46 24.34
C MET A 638 20.11 27.05 25.28
N SER A 639 20.89 28.00 24.78
CA SER A 639 22.02 28.51 25.53
C SER A 639 21.74 29.18 26.89
N TYR A 640 22.79 29.26 27.68
CA TYR A 640 22.83 30.01 28.93
C TYR A 640 21.97 29.52 30.11
N ASN A 641 21.62 28.24 30.12
CA ASN A 641 20.76 27.70 31.16
C ASN A 641 21.44 26.75 32.12
N MET A 642 20.68 26.19 33.03
CA MET A 642 21.19 25.12 33.86
C MET A 642 20.82 23.76 33.25
N LEU A 643 20.29 23.81 32.03
CA LEU A 643 19.99 22.62 31.23
C LEU A 643 21.24 21.73 31.26
N SER A 644 21.10 20.43 31.51
CA SER A 644 22.28 19.57 31.69
C SER A 644 22.09 18.10 31.29
N GLY A 645 23.17 17.30 31.37
CA GLY A 645 23.09 15.90 30.96
C GLY A 645 23.54 15.47 29.57
N TYR A 646 23.04 14.31 29.13
CA TYR A 646 23.46 13.73 27.86
C TYR A 646 22.68 14.28 26.68
N ILE A 647 23.37 14.91 25.73
CA ILE A 647 22.73 15.29 24.47
C ILE A 647 22.38 14.05 23.62
N PRO A 648 21.07 13.76 23.45
CA PRO A 648 20.70 12.50 22.78
C PRO A 648 21.14 12.33 21.33
N LYS A 649 21.35 11.07 20.98
CA LYS A 649 21.63 10.67 19.61
C LYS A 649 20.59 11.29 18.68
N GLU A 650 19.36 11.39 19.17
CA GLU A 650 18.27 11.91 18.36
C GLU A 650 18.52 13.35 17.87
N ILE A 651 19.41 14.09 18.54
CA ILE A 651 19.73 15.45 18.10
C ILE A 651 20.34 15.48 16.68
N GLY A 652 20.56 14.29 16.11
CA GLY A 652 21.03 14.21 14.72
C GLY A 652 19.94 14.22 13.67
N SER A 653 18.69 14.24 14.13
CA SER A 653 17.54 13.93 13.28
C SER A 653 17.02 15.13 12.50
N MET A 654 17.79 16.23 12.49
CA MET A 654 17.38 17.51 11.92
C MET A 654 18.19 17.95 10.68
N PRO A 655 17.82 17.40 9.50
CA PRO A 655 18.39 17.71 8.18
C PRO A 655 18.44 19.19 7.90
N TYR A 656 17.35 19.90 8.16
CA TYR A 656 17.30 21.30 7.78
C TYR A 656 17.77 22.27 8.87
N LEU A 657 18.26 21.78 10.01
CA LEU A 657 18.65 22.69 11.12
C LEU A 657 19.87 23.55 10.76
N PHE A 658 19.69 24.88 10.82
CA PHE A 658 20.74 25.85 10.50
C PHE A 658 21.70 26.21 11.61
N ILE A 659 21.19 26.39 12.82
CA ILE A 659 22.00 26.88 13.93
C ILE A 659 21.73 26.07 15.19
N LEU A 660 22.77 25.50 15.80
CA LEU A 660 22.57 24.83 17.08
C LEU A 660 23.42 25.43 18.21
N ASN A 661 22.81 26.17 19.14
CA ASN A 661 23.60 26.72 20.26
C ASN A 661 23.19 26.17 21.64
N LEU A 662 23.94 25.21 22.14
CA LEU A 662 23.71 24.58 23.46
C LEU A 662 24.64 25.14 24.55
N GLY A 663 25.31 26.28 24.26
CA GLY A 663 26.36 26.86 25.09
C GLY A 663 26.11 27.18 26.58
N HIS A 664 27.18 27.33 27.34
CA HIS A 664 27.10 27.73 28.77
C HIS A 664 26.23 26.89 29.71
N ASN A 665 26.12 25.61 29.41
CA ASN A 665 25.37 24.73 30.27
C ASN A 665 26.19 23.67 30.96
N ASP A 666 25.50 22.88 31.76
CA ASP A 666 26.09 21.77 32.49
C ASP A 666 25.92 20.45 31.72
N ILE A 667 25.53 20.58 30.47
CA ILE A 667 25.41 19.42 29.59
C ILE A 667 26.70 18.61 29.65
N SER A 668 26.57 17.32 29.96
CA SER A 668 27.75 16.48 30.17
C SER A 668 27.68 15.21 29.37
N GLY A 669 28.73 14.40 29.46
CA GLY A 669 28.82 13.23 28.61
C GLY A 669 29.61 13.60 27.37
N SER A 670 29.38 12.92 26.25
CA SER A 670 30.13 13.17 25.01
C SER A 670 29.29 13.28 23.72
N ILE A 671 29.80 14.12 22.80
CA ILE A 671 29.16 14.42 21.51
C ILE A 671 28.92 13.18 20.69
N PRO A 672 27.65 12.82 20.45
CA PRO A 672 27.30 11.63 19.67
C PRO A 672 27.78 11.76 18.26
N ASP A 673 28.18 10.64 17.64
CA ASP A 673 28.65 10.68 16.26
C ASP A 673 27.60 11.34 15.34
N GLU A 674 26.31 11.13 15.63
CA GLU A 674 25.25 11.54 14.71
C GLU A 674 25.23 13.02 14.43
N VAL A 675 25.96 13.79 15.23
CA VAL A 675 26.08 15.23 15.09
C VAL A 675 26.67 15.58 13.71
N GLY A 676 27.17 14.56 13.02
CA GLY A 676 27.71 14.74 11.69
C GLY A 676 26.65 14.82 10.61
N ASP A 677 25.44 14.40 10.98
CA ASP A 677 24.34 14.30 10.03
C ASP A 677 23.47 15.58 9.99
N LEU A 678 23.88 16.60 10.74
CA LEU A 678 23.19 17.86 10.61
C LEU A 678 23.97 18.53 9.51
N ARG A 679 23.48 18.31 8.30
CA ARG A 679 24.18 18.67 7.09
C ARG A 679 23.99 20.16 6.87
N GLY A 680 22.75 20.61 7.15
CA GLY A 680 22.38 22.00 7.00
C GLY A 680 22.84 22.84 8.16
N LEU A 681 23.65 22.25 9.03
CA LEU A 681 24.14 23.00 10.16
C LEU A 681 25.32 23.90 9.71
N ASN A 682 25.08 25.21 9.73
CA ASN A 682 26.09 26.24 9.49
C ASN A 682 26.85 26.77 10.72
N ILE A 683 26.19 26.71 11.88
CA ILE A 683 26.75 27.22 13.15
C ILE A 683 26.58 26.24 14.29
N LEU A 684 27.71 25.71 14.77
CA LEU A 684 27.66 24.76 15.89
C LEU A 684 28.40 25.30 17.10
N ASP A 685 27.62 25.59 18.15
CA ASP A 685 28.23 26.08 19.36
C ASP A 685 27.87 25.22 20.57
N LEU A 686 28.79 24.38 21.02
CA LEU A 686 28.65 23.60 22.26
C LEU A 686 29.43 24.21 23.41
N SER A 687 30.00 25.39 23.18
CA SER A 687 31.03 25.97 24.03
C SER A 687 30.62 26.19 25.50
N SER A 688 31.63 26.27 26.36
CA SER A 688 31.43 26.59 27.79
C SER A 688 30.54 25.61 28.58
N ASN A 689 30.88 24.32 28.47
CA ASN A 689 30.15 23.23 29.12
C ASN A 689 31.01 22.26 29.95
N LYS A 690 30.33 21.21 30.42
CA LYS A 690 30.95 20.05 31.04
C LYS A 690 31.14 18.81 30.13
N LEU A 691 30.89 18.96 28.81
CA LEU A 691 31.20 17.91 27.83
C LEU A 691 32.68 17.44 27.85
N ASP A 692 32.91 16.13 27.75
CA ASP A 692 34.27 15.56 27.79
C ASP A 692 34.52 14.65 26.59
N GLY A 693 35.67 13.96 26.59
CA GLY A 693 35.93 12.93 25.57
C GLY A 693 36.40 13.45 24.22
N ARG A 694 36.18 12.70 23.15
CA ARG A 694 36.73 13.14 21.86
C ARG A 694 35.70 13.56 20.81
N ILE A 695 36.12 14.52 19.96
CA ILE A 695 35.29 15.16 18.95
C ILE A 695 35.30 14.30 17.72
N PRO A 696 34.21 13.58 17.46
CA PRO A 696 34.21 12.52 16.44
C PRO A 696 34.51 13.01 15.03
N GLN A 697 35.47 12.38 14.35
CA GLN A 697 35.93 12.82 13.03
C GLN A 697 34.77 12.70 12.03
N ALA A 698 33.68 12.02 12.42
CA ALA A 698 32.52 11.90 11.54
C ALA A 698 31.84 13.28 11.44
N MET A 699 32.11 14.13 12.42
CA MET A 699 31.74 15.53 12.40
C MET A 699 32.46 16.31 11.29
N SER A 700 33.34 15.64 10.55
CA SER A 700 33.91 16.22 9.34
C SER A 700 32.81 16.49 8.34
N ALA A 701 31.68 15.82 8.53
CA ALA A 701 30.61 15.84 7.54
C ALA A 701 29.85 17.16 7.43
N LEU A 702 30.15 18.11 8.30
CA LEU A 702 29.41 19.37 8.24
C LEU A 702 30.17 20.27 7.27
N THR A 703 29.67 20.30 6.03
CA THR A 703 30.44 20.88 4.93
C THR A 703 30.05 22.35 4.68
N MET A 704 28.96 22.77 5.35
CA MET A 704 28.44 24.15 5.30
C MET A 704 28.76 25.07 6.48
N LEU A 705 29.38 24.49 7.51
CA LEU A 705 29.72 25.20 8.75
C LEU A 705 30.59 26.44 8.58
N THR A 706 30.10 27.63 8.95
CA THR A 706 31.03 28.76 8.94
C THR A 706 31.48 29.11 10.35
N GLU A 707 30.91 28.45 11.35
CA GLU A 707 31.30 28.76 12.71
C GLU A 707 31.29 27.58 13.65
N ILE A 708 32.41 27.36 14.34
CA ILE A 708 32.40 26.43 15.49
C ILE A 708 32.90 27.10 16.78
N ASP A 709 32.20 26.85 17.89
CA ASP A 709 32.84 27.04 19.20
C ASP A 709 32.62 25.84 20.11
N LEU A 710 33.69 25.04 20.28
CA LEU A 710 33.76 23.89 21.22
C LEU A 710 34.47 24.17 22.55
N SER A 711 34.83 25.44 22.77
CA SER A 711 35.63 25.89 23.90
C SER A 711 35.03 25.63 25.30
N ASN A 712 35.89 25.64 26.30
CA ASN A 712 35.51 25.51 27.72
C ASN A 712 34.89 24.21 28.22
N ASN A 713 35.49 23.10 27.81
CA ASN A 713 35.10 21.76 28.22
C ASN A 713 36.21 20.89 28.85
N ASN A 714 35.82 19.66 29.18
CA ASN A 714 36.72 18.59 29.62
C ASN A 714 37.18 17.79 28.40
N LEU A 715 36.84 18.30 27.21
CA LEU A 715 37.21 17.68 25.95
C LEU A 715 38.72 17.33 25.80
N SER A 716 38.96 16.14 25.26
CA SER A 716 40.30 15.62 25.04
C SER A 716 40.45 15.20 23.58
N GLY A 717 41.63 14.69 23.21
CA GLY A 717 41.86 14.19 21.87
C GLY A 717 42.21 15.23 20.81
N PRO A 718 42.52 14.77 19.59
CA PRO A 718 42.81 15.55 18.39
C PRO A 718 41.62 16.10 17.57
N ILE A 719 41.89 17.23 16.92
CA ILE A 719 40.98 17.95 16.03
C ILE A 719 41.00 17.27 14.67
N PRO A 720 39.83 16.91 14.13
CA PRO A 720 39.71 16.03 12.94
C PRO A 720 39.92 16.68 11.55
N GLU A 721 41.15 17.08 11.23
CA GLU A 721 41.44 18.03 10.15
C GLU A 721 40.72 17.88 8.80
N MET A 722 40.44 16.66 8.35
CA MET A 722 39.88 16.54 7.00
C MET A 722 38.44 17.02 7.06
N GLY A 723 38.06 17.99 6.24
CA GLY A 723 36.79 18.68 6.42
C GLY A 723 36.95 20.12 6.90
N GLN A 724 35.83 20.84 7.09
CA GLN A 724 35.86 22.29 7.41
C GLN A 724 36.67 22.71 8.67
N PHE A 725 37.03 21.74 9.50
CA PHE A 725 37.62 22.00 10.80
C PHE A 725 38.89 22.85 10.78
N GLU A 726 39.73 22.70 9.76
CA GLU A 726 41.04 23.36 9.76
C GLU A 726 40.92 24.84 9.54
N THR A 727 39.73 25.29 9.15
CA THR A 727 39.54 26.69 8.79
C THR A 727 39.22 27.56 10.00
N PHE A 728 39.11 26.90 11.14
CA PHE A 728 38.60 27.49 12.38
C PHE A 728 39.69 27.79 13.34
N PRO A 729 39.89 29.07 13.60
CA PRO A 729 40.90 29.60 14.52
C PRO A 729 40.93 28.80 15.82
N PRO A 730 42.12 28.58 16.40
CA PRO A 730 42.29 27.61 17.48
C PRO A 730 41.62 28.09 18.77
N ALA A 731 41.36 29.38 18.86
CA ALA A 731 40.68 29.93 20.00
C ALA A 731 39.45 29.09 20.25
N LYS A 732 38.68 28.81 19.20
CA LYS A 732 37.38 28.13 19.34
C LYS A 732 37.48 26.70 19.89
N PHE A 733 38.70 26.19 19.99
CA PHE A 733 38.94 24.96 20.74
C PHE A 733 39.58 25.14 22.13
N LEU A 734 39.81 26.40 22.54
CA LEU A 734 40.58 26.72 23.74
C LEU A 734 39.97 26.16 25.02
N ASN A 735 40.80 26.00 26.05
CA ASN A 735 40.34 25.47 27.34
C ASN A 735 39.73 24.06 27.32
N ASN A 736 40.34 23.19 26.52
CA ASN A 736 40.19 21.75 26.68
C ASN A 736 41.60 21.18 26.91
N PRO A 737 42.05 21.17 28.18
CA PRO A 737 43.43 20.80 28.53
C PRO A 737 43.88 19.51 27.87
N GLY A 738 42.97 18.53 27.80
CA GLY A 738 43.26 17.25 27.21
C GLY A 738 43.14 17.17 25.70
N LEU A 739 43.03 18.31 25.01
CA LEU A 739 42.82 18.27 23.56
C LEU A 739 44.15 18.28 22.80
N CYS A 740 44.25 17.46 21.74
CA CYS A 740 45.53 17.23 21.05
C CYS A 740 45.80 18.22 19.93
N GLY A 741 44.96 19.23 19.75
CA GLY A 741 45.20 19.99 18.55
C GLY A 741 45.06 21.49 18.42
N TYR A 742 45.76 21.89 17.36
CA TYR A 742 45.99 23.25 16.91
C TYR A 742 45.90 22.99 15.41
N PRO A 743 45.21 23.84 14.65
CA PRO A 743 45.28 23.47 13.23
C PRO A 743 45.41 24.66 12.23
N GLN B 7 -11.24 -3.01 -44.57
CA GLN B 7 -11.84 -2.76 -43.27
C GLN B 7 -11.01 -1.79 -42.47
N SER B 8 -11.68 -1.04 -41.59
CA SER B 8 -11.03 -0.04 -40.76
C SER B 8 -10.12 -0.71 -39.73
N LEU B 9 -8.84 -0.33 -39.74
CA LEU B 9 -7.91 -0.70 -38.71
C LEU B 9 -8.09 0.23 -37.50
N TYR B 10 -8.62 1.42 -37.78
CA TYR B 10 -8.90 2.48 -36.79
C TYR B 10 -10.06 2.10 -35.87
N ARG B 11 -11.18 1.70 -36.48
CA ARG B 11 -12.32 1.18 -35.74
C ARG B 11 -11.88 0.05 -34.78
N GLU B 12 -11.20 -0.94 -35.37
CA GLU B 12 -10.70 -2.12 -34.68
C GLU B 12 -9.79 -1.78 -33.48
N ILE B 13 -8.72 -1.02 -33.71
CA ILE B 13 -7.84 -0.62 -32.60
C ILE B 13 -8.64 0.07 -31.51
N HIS B 14 -9.49 1.02 -31.88
CA HIS B 14 -10.17 1.77 -30.85
C HIS B 14 -11.13 0.91 -30.04
N GLN B 15 -11.62 -0.16 -30.65
CA GLN B 15 -12.38 -1.16 -29.89
C GLN B 15 -11.46 -1.82 -28.88
N LEU B 16 -10.24 -2.12 -29.31
CA LEU B 16 -9.33 -2.84 -28.43
C LEU B 16 -8.92 -2.03 -27.18
N ILE B 17 -8.71 -0.73 -27.35
CA ILE B 17 -8.43 0.08 -26.17
C ILE B 17 -9.70 0.38 -25.38
N SER B 18 -10.82 0.54 -26.08
CA SER B 18 -12.10 0.73 -25.41
C SER B 18 -12.34 -0.44 -24.45
N PHE B 19 -11.95 -1.65 -24.86
CA PHE B 19 -12.02 -2.81 -23.98
C PHE B 19 -11.06 -2.45 -22.86
N LYS B 20 -9.84 -2.08 -23.26
CA LYS B 20 -8.73 -1.96 -22.30
C LYS B 20 -9.16 -1.13 -21.06
N ASP B 21 -10.02 -0.13 -21.30
CA ASP B 21 -10.55 0.76 -20.24
C ASP B 21 -11.28 0.01 -19.11
N VAL B 22 -12.14 -0.95 -19.48
CA VAL B 22 -13.04 -1.60 -18.50
C VAL B 22 -12.27 -2.44 -17.47
N LEU B 23 -11.03 -2.77 -17.81
CA LEU B 23 -10.17 -3.56 -16.93
C LEU B 23 -9.76 -2.87 -15.63
N PRO B 24 -9.93 -3.57 -14.50
CA PRO B 24 -9.49 -3.03 -13.22
C PRO B 24 -7.97 -2.77 -13.12
N ASP B 25 -7.13 -3.71 -13.54
CA ASP B 25 -5.70 -3.62 -13.21
C ASP B 25 -4.96 -2.54 -14.00
N LYS B 26 -5.56 -2.09 -15.10
CA LYS B 26 -5.05 -1.05 -16.01
C LYS B 26 -3.74 -1.48 -16.68
N ASN B 27 -3.04 -2.41 -16.03
CA ASN B 27 -1.72 -2.86 -16.47
C ASN B 27 -1.67 -4.13 -17.29
N LEU B 28 -2.76 -4.87 -17.31
CA LEU B 28 -2.71 -6.18 -17.95
C LEU B 28 -2.52 -6.14 -19.43
N LEU B 29 -2.70 -4.99 -20.07
CA LEU B 29 -2.51 -4.95 -21.53
C LEU B 29 -1.61 -3.81 -22.05
N PRO B 30 -0.32 -3.80 -21.61
CA PRO B 30 0.60 -2.70 -21.89
C PRO B 30 0.95 -2.51 -23.38
N ASP B 31 1.03 -3.57 -24.18
CA ASP B 31 1.43 -3.32 -25.56
C ASP B 31 0.22 -2.88 -26.37
N TRP B 32 -0.93 -2.79 -25.71
CA TRP B 32 -2.13 -2.26 -26.33
C TRP B 32 -2.07 -0.77 -26.07
N SER B 33 -1.88 0.01 -27.12
CA SER B 33 -1.74 1.46 -26.99
C SER B 33 -2.20 2.10 -28.29
N SER B 34 -2.79 3.30 -28.22
CA SER B 34 -3.40 3.89 -29.40
C SER B 34 -2.36 4.17 -30.47
N ASN B 35 -1.12 4.37 -30.03
CA ASN B 35 0.00 4.64 -30.93
C ASN B 35 0.34 3.45 -31.83
N LYS B 36 0.59 2.29 -31.23
CA LYS B 36 1.09 1.12 -31.96
C LYS B 36 0.07 0.53 -32.93
N ASN B 37 0.54 -0.26 -33.90
CA ASN B 37 -0.37 -0.95 -34.82
C ASN B 37 -0.93 -2.22 -34.17
N PRO B 38 -2.27 -2.40 -34.20
CA PRO B 38 -2.99 -3.37 -33.37
C PRO B 38 -2.36 -4.76 -33.29
N CYS B 39 -1.66 -5.18 -34.33
CA CYS B 39 -1.11 -6.53 -34.38
C CYS B 39 -0.03 -6.84 -33.35
N THR B 40 0.62 -5.81 -32.83
CA THR B 40 1.77 -5.99 -31.93
C THR B 40 1.30 -6.27 -30.51
N PHE B 41 -0.01 -6.28 -30.36
CA PHE B 41 -0.64 -6.41 -29.05
C PHE B 41 -0.52 -7.86 -28.56
N ASP B 42 -0.43 -8.04 -27.24
CA ASP B 42 -0.15 -9.34 -26.61
C ASP B 42 -1.04 -10.44 -27.16
N GLY B 43 -2.29 -10.48 -26.76
CA GLY B 43 -3.16 -11.56 -27.17
C GLY B 43 -3.47 -11.63 -28.65
N VAL B 44 -3.01 -10.66 -29.43
CA VAL B 44 -3.50 -10.53 -30.80
C VAL B 44 -2.77 -11.28 -31.93
N THR B 45 -3.53 -12.11 -32.64
CA THR B 45 -3.08 -12.89 -33.81
C THR B 45 -3.70 -12.32 -35.12
N CYS B 46 -2.84 -11.96 -36.07
CA CYS B 46 -3.32 -11.27 -37.28
C CYS B 46 -3.18 -12.04 -38.61
N ARG B 47 -4.03 -11.65 -39.54
CA ARG B 47 -4.01 -12.07 -40.94
C ARG B 47 -4.27 -10.84 -41.85
N ASP B 48 -3.28 -10.46 -42.65
CA ASP B 48 -3.31 -9.23 -43.46
C ASP B 48 -3.45 -7.97 -42.62
N ASP B 49 -2.76 -7.93 -41.47
CA ASP B 49 -2.88 -6.79 -40.55
C ASP B 49 -4.34 -6.52 -40.12
N LYS B 50 -5.07 -7.60 -39.81
CA LYS B 50 -6.44 -7.55 -39.27
C LYS B 50 -6.51 -8.62 -38.17
N VAL B 51 -7.32 -8.40 -37.12
CA VAL B 51 -7.25 -9.28 -35.94
C VAL B 51 -8.23 -10.46 -36.05
N THR B 52 -7.70 -11.67 -36.28
CA THR B 52 -8.56 -12.85 -36.31
C THR B 52 -8.77 -13.48 -34.96
N SER B 53 -7.85 -13.24 -34.04
CA SER B 53 -8.00 -13.82 -32.72
C SER B 53 -7.40 -13.01 -31.57
N ILE B 54 -8.15 -13.00 -30.44
CA ILE B 54 -7.65 -12.46 -29.17
C ILE B 54 -7.59 -13.65 -28.21
N ASP B 55 -6.49 -13.81 -27.51
CA ASP B 55 -6.46 -14.77 -26.43
C ASP B 55 -5.84 -14.11 -25.22
N LEU B 56 -6.69 -13.86 -24.23
CA LEU B 56 -6.26 -13.22 -23.01
C LEU B 56 -6.08 -14.19 -21.86
N SER B 57 -6.23 -15.49 -22.16
CA SER B 57 -6.41 -16.54 -21.16
C SER B 57 -5.43 -16.54 -20.01
N SER B 58 -5.94 -16.90 -18.85
CA SER B 58 -5.12 -16.95 -17.64
C SER B 58 -4.50 -15.60 -17.27
N LYS B 59 -5.11 -14.52 -17.76
CA LYS B 59 -4.85 -13.17 -17.25
C LYS B 59 -6.11 -12.76 -16.46
N PRO B 60 -5.93 -12.37 -15.21
CA PRO B 60 -7.12 -12.06 -14.41
C PRO B 60 -7.77 -10.78 -14.89
N LEU B 61 -8.54 -10.87 -15.97
CA LEU B 61 -9.26 -9.71 -16.52
C LEU B 61 -10.21 -9.01 -15.47
N ASN B 62 -10.81 -9.78 -14.55
CA ASN B 62 -11.72 -9.25 -13.52
C ASN B 62 -12.83 -8.39 -14.02
N VAL B 63 -13.53 -8.83 -15.04
CA VAL B 63 -14.65 -8.05 -15.53
C VAL B 63 -15.87 -8.93 -15.76
N GLY B 64 -17.00 -8.33 -16.10
CA GLY B 64 -18.18 -9.11 -16.32
C GLY B 64 -18.13 -9.57 -17.75
N PHE B 65 -18.98 -10.53 -18.12
CA PHE B 65 -19.06 -10.93 -19.52
C PHE B 65 -19.45 -9.77 -20.49
N SER B 66 -20.35 -8.91 -20.04
CA SER B 66 -20.90 -7.90 -20.93
C SER B 66 -19.90 -6.83 -21.34
N ALA B 67 -18.79 -6.73 -20.59
CA ALA B 67 -17.61 -5.92 -20.98
C ALA B 67 -16.96 -6.44 -22.27
N VAL B 68 -16.54 -7.69 -22.14
CA VAL B 68 -15.91 -8.42 -23.20
C VAL B 68 -16.76 -8.33 -24.43
N SER B 69 -18.03 -8.68 -24.31
CA SER B 69 -18.87 -8.73 -25.50
C SER B 69 -19.20 -7.36 -26.12
N SER B 70 -19.33 -6.34 -25.27
CA SER B 70 -19.58 -5.00 -25.80
C SER B 70 -18.47 -4.61 -26.73
N SER B 71 -17.22 -4.82 -26.27
CA SER B 71 -16.03 -4.39 -27.05
C SER B 71 -15.60 -5.33 -28.19
N LEU B 72 -15.20 -6.54 -27.79
CA LEU B 72 -14.66 -7.57 -28.67
C LEU B 72 -15.60 -8.27 -29.65
N LEU B 73 -16.73 -8.79 -29.18
CA LEU B 73 -17.60 -9.63 -30.02
C LEU B 73 -18.09 -8.91 -31.26
N SER B 74 -17.91 -7.59 -31.24
CA SER B 74 -18.33 -6.66 -32.28
C SER B 74 -17.25 -6.30 -33.31
N LEU B 75 -16.05 -6.87 -33.16
CA LEU B 75 -14.94 -6.68 -34.11
C LEU B 75 -15.40 -7.16 -35.48
N THR B 76 -15.35 -6.30 -36.49
CA THR B 76 -15.76 -6.80 -37.77
C THR B 76 -14.64 -7.75 -38.15
N GLY B 77 -15.00 -9.01 -38.36
CA GLY B 77 -14.04 -10.00 -38.79
C GLY B 77 -13.38 -10.94 -37.77
N LEU B 78 -13.45 -10.66 -36.47
CA LEU B 78 -12.81 -11.53 -35.46
C LEU B 78 -13.32 -12.97 -35.60
N GLU B 79 -12.42 -13.93 -35.82
CA GLU B 79 -12.79 -15.34 -35.96
C GLU B 79 -12.90 -16.18 -34.67
N SER B 80 -12.01 -15.94 -33.72
CA SER B 80 -12.11 -16.67 -32.46
C SER B 80 -11.73 -15.81 -31.29
N LEU B 81 -12.23 -16.21 -30.13
CA LEU B 81 -11.93 -15.53 -28.89
C LEU B 81 -11.70 -16.60 -27.81
N PHE B 82 -10.57 -16.49 -27.14
CA PHE B 82 -10.25 -17.41 -26.06
C PHE B 82 -10.05 -16.56 -24.83
N LEU B 83 -11.04 -16.62 -23.97
CA LEU B 83 -11.04 -15.97 -22.67
C LEU B 83 -10.87 -16.91 -21.48
N SER B 84 -10.61 -18.19 -21.76
CA SER B 84 -10.60 -19.22 -20.72
C SER B 84 -9.76 -18.83 -19.47
N ASN B 85 -10.31 -19.07 -18.28
CA ASN B 85 -9.65 -18.64 -17.04
C ASN B 85 -9.22 -17.17 -17.03
N SER B 86 -10.10 -16.25 -17.45
CA SER B 86 -9.85 -14.81 -17.36
C SER B 86 -10.49 -14.20 -16.10
N HIS B 87 -11.02 -15.08 -15.26
CA HIS B 87 -11.91 -14.65 -14.18
C HIS B 87 -12.99 -13.74 -14.74
N ILE B 88 -13.47 -14.06 -15.94
CA ILE B 88 -14.64 -13.40 -16.50
C ILE B 88 -15.81 -13.66 -15.53
N ASN B 89 -16.49 -12.56 -15.16
CA ASN B 89 -17.57 -12.51 -14.15
C ASN B 89 -18.89 -12.40 -14.87
N GLY B 90 -19.99 -12.49 -14.13
CA GLY B 90 -21.26 -12.13 -14.74
C GLY B 90 -22.14 -13.13 -15.48
N SER B 91 -22.86 -12.65 -16.50
CA SER B 91 -23.84 -13.48 -17.16
C SER B 91 -24.00 -13.13 -18.62
N VAL B 92 -24.20 -14.15 -19.45
CA VAL B 92 -24.11 -14.01 -20.90
C VAL B 92 -25.37 -13.45 -21.50
N SER B 93 -25.27 -12.27 -22.11
CA SER B 93 -26.47 -11.64 -22.63
C SER B 93 -26.54 -11.71 -24.14
N GLY B 94 -27.65 -11.23 -24.71
CA GLY B 94 -27.71 -11.00 -26.14
C GLY B 94 -26.70 -9.90 -26.43
N PHE B 95 -26.08 -9.94 -27.60
CA PHE B 95 -25.16 -8.88 -27.99
C PHE B 95 -25.01 -8.82 -29.49
N LYS B 96 -24.60 -7.66 -30.01
CA LYS B 96 -24.29 -7.54 -31.43
C LYS B 96 -23.01 -8.32 -31.53
N CYS B 97 -22.96 -9.24 -32.51
CA CYS B 97 -21.82 -10.15 -32.70
C CYS B 97 -21.58 -10.42 -34.17
N SER B 98 -20.30 -10.55 -34.52
CA SER B 98 -19.87 -10.69 -35.92
C SER B 98 -19.99 -12.12 -36.40
N ALA B 99 -20.34 -12.26 -37.67
CA ALA B 99 -20.68 -13.55 -38.26
C ALA B 99 -19.45 -14.40 -38.58
N SER B 100 -18.28 -13.80 -38.39
CA SER B 100 -16.99 -14.47 -38.53
C SER B 100 -16.48 -15.12 -37.23
N LEU B 101 -17.05 -14.76 -36.07
CA LEU B 101 -16.59 -15.33 -34.81
C LEU B 101 -17.20 -16.72 -34.75
N THR B 102 -16.30 -17.74 -34.84
CA THR B 102 -16.64 -19.17 -34.81
C THR B 102 -16.26 -19.94 -33.54
N SER B 103 -15.54 -19.32 -32.63
CA SER B 103 -15.07 -20.05 -31.47
C SER B 103 -14.98 -19.18 -30.25
N LEU B 104 -15.43 -19.74 -29.12
CA LEU B 104 -15.43 -19.01 -27.86
C LEU B 104 -15.00 -19.91 -26.70
N ASP B 105 -13.97 -19.50 -25.98
CA ASP B 105 -13.56 -20.29 -24.85
C ASP B 105 -13.83 -19.44 -23.63
N LEU B 106 -14.95 -19.69 -22.97
CA LEU B 106 -15.33 -18.90 -21.79
C LEU B 106 -15.11 -19.65 -20.50
N SER B 107 -14.50 -20.82 -20.64
CA SER B 107 -14.31 -21.80 -19.58
C SER B 107 -13.24 -21.49 -18.50
N ARG B 108 -13.25 -22.27 -17.41
CA ARG B 108 -12.42 -21.99 -16.23
C ARG B 108 -12.76 -20.56 -15.68
N ASN B 109 -14.04 -20.23 -15.76
CA ASN B 109 -14.55 -18.90 -15.42
C ASN B 109 -15.65 -18.86 -14.32
N SER B 110 -16.11 -17.63 -14.05
CA SER B 110 -17.12 -17.35 -13.04
C SER B 110 -18.53 -17.15 -13.58
N LEU B 111 -18.73 -17.34 -14.88
CA LEU B 111 -20.02 -17.07 -15.54
C LEU B 111 -21.25 -17.69 -14.84
N SER B 112 -22.32 -16.89 -14.75
CA SER B 112 -23.49 -17.21 -13.93
C SER B 112 -24.83 -16.97 -14.64
N GLY B 113 -25.91 -17.12 -13.88
CA GLY B 113 -27.28 -17.06 -14.41
C GLY B 113 -27.90 -18.43 -14.63
N PRO B 114 -29.00 -18.47 -15.36
CA PRO B 114 -29.53 -19.72 -15.90
C PRO B 114 -28.79 -20.11 -17.16
N VAL B 115 -28.83 -21.38 -17.53
CA VAL B 115 -28.13 -21.86 -18.73
C VAL B 115 -28.79 -21.34 -20.02
N THR B 116 -29.98 -20.81 -19.85
CA THR B 116 -30.69 -20.30 -20.98
C THR B 116 -29.98 -19.06 -21.51
N THR B 117 -29.16 -18.45 -20.66
CA THR B 117 -28.37 -17.29 -21.08
C THR B 117 -27.70 -17.64 -22.40
N LEU B 118 -27.23 -18.88 -22.51
CA LEU B 118 -26.33 -19.26 -23.61
C LEU B 118 -27.06 -19.18 -24.96
N THR B 119 -28.38 -19.32 -24.90
CA THR B 119 -29.21 -19.25 -26.08
C THR B 119 -28.92 -17.99 -26.87
N SER B 120 -28.59 -16.93 -26.12
CA SER B 120 -28.47 -15.57 -26.64
C SER B 120 -27.47 -15.49 -27.73
N LEU B 121 -26.47 -16.39 -27.64
CA LEU B 121 -25.30 -16.52 -28.56
C LEU B 121 -25.72 -16.94 -29.96
N GLY B 122 -27.03 -17.22 -30.11
CA GLY B 122 -27.70 -17.34 -31.40
C GLY B 122 -27.49 -16.06 -32.20
N SER B 123 -27.09 -14.97 -31.54
CA SER B 123 -26.70 -13.76 -32.28
C SER B 123 -25.33 -13.87 -32.95
N CYS B 124 -24.50 -14.83 -32.50
CA CYS B 124 -23.20 -15.09 -33.15
C CYS B 124 -23.41 -16.17 -34.21
N SER B 125 -23.33 -15.74 -35.46
CA SER B 125 -23.95 -16.49 -36.53
C SER B 125 -23.04 -17.55 -37.14
N GLY B 126 -21.75 -17.46 -36.86
CA GLY B 126 -20.79 -18.41 -37.40
C GLY B 126 -20.21 -19.40 -36.39
N LEU B 127 -20.65 -19.29 -35.14
CA LEU B 127 -19.94 -19.91 -34.00
C LEU B 127 -20.18 -21.40 -34.05
N LYS B 128 -19.12 -22.16 -34.29
CA LYS B 128 -19.19 -23.61 -34.24
C LYS B 128 -18.61 -24.18 -32.95
N PHE B 129 -17.92 -23.33 -32.19
CA PHE B 129 -17.22 -23.80 -30.99
C PHE B 129 -17.50 -22.97 -29.75
N LEU B 130 -18.12 -23.60 -28.75
CA LEU B 130 -18.42 -22.94 -27.48
C LEU B 130 -17.96 -23.84 -26.34
N ASN B 131 -17.10 -23.33 -25.45
CA ASN B 131 -16.80 -24.08 -24.24
C ASN B 131 -16.98 -23.21 -23.03
N VAL B 132 -18.07 -23.43 -22.31
CA VAL B 132 -18.44 -22.66 -21.11
C VAL B 132 -18.15 -23.41 -19.83
N SER B 133 -17.50 -24.54 -19.95
CA SER B 133 -17.39 -25.45 -18.85
C SER B 133 -16.62 -24.86 -17.67
N SER B 134 -16.78 -25.46 -16.50
CA SER B 134 -16.10 -25.01 -15.28
C SER B 134 -16.56 -23.63 -14.84
N ASN B 135 -17.85 -23.38 -14.99
CA ASN B 135 -18.49 -22.13 -14.58
C ASN B 135 -19.64 -22.48 -13.63
N THR B 136 -20.46 -21.48 -13.33
CA THR B 136 -21.58 -21.68 -12.43
C THR B 136 -22.96 -21.89 -13.03
N LEU B 137 -23.10 -21.96 -14.35
CA LEU B 137 -24.46 -22.03 -14.91
C LEU B 137 -25.37 -23.08 -14.27
N ASP B 138 -26.60 -22.65 -13.90
CA ASP B 138 -27.64 -23.53 -13.33
C ASP B 138 -28.87 -23.50 -14.20
N PHE B 139 -29.75 -24.47 -14.02
CA PHE B 139 -30.96 -24.51 -14.84
C PHE B 139 -32.18 -24.65 -13.95
N PRO B 140 -32.62 -23.53 -13.32
CA PRO B 140 -33.37 -23.45 -12.06
C PRO B 140 -34.82 -23.86 -12.15
N GLY B 141 -35.49 -23.37 -13.19
CA GLY B 141 -36.90 -23.64 -13.39
C GLY B 141 -36.96 -24.95 -14.12
N LYS B 142 -38.06 -25.70 -13.99
CA LYS B 142 -38.18 -26.97 -14.71
C LYS B 142 -38.12 -26.73 -16.23
N VAL B 143 -37.75 -27.77 -16.95
CA VAL B 143 -37.05 -27.64 -18.23
C VAL B 143 -37.86 -27.68 -19.53
N SER B 144 -37.89 -26.57 -20.27
CA SER B 144 -38.27 -26.66 -21.68
C SER B 144 -37.95 -25.44 -22.50
N GLY B 145 -38.33 -25.53 -23.77
CA GLY B 145 -37.91 -24.62 -24.81
C GLY B 145 -36.67 -25.22 -25.43
N GLY B 146 -35.96 -24.45 -26.24
CA GLY B 146 -34.66 -24.87 -26.73
C GLY B 146 -33.48 -24.04 -26.24
N LEU B 147 -32.28 -24.57 -26.47
CA LEU B 147 -31.04 -23.80 -26.41
C LEU B 147 -30.89 -22.98 -27.71
N LYS B 148 -31.29 -23.58 -28.84
CA LYS B 148 -31.26 -22.90 -30.13
C LYS B 148 -29.91 -22.19 -30.46
N LEU B 149 -28.81 -22.90 -30.17
CA LEU B 149 -27.45 -22.57 -30.63
C LEU B 149 -27.18 -23.53 -31.79
N ASN B 150 -27.11 -22.90 -32.97
CA ASN B 150 -27.67 -23.44 -34.20
C ASN B 150 -26.89 -24.58 -34.88
N SER B 151 -25.79 -24.26 -35.52
CA SER B 151 -24.95 -25.33 -35.95
C SER B 151 -23.68 -25.26 -35.12
N LEU B 152 -23.64 -26.06 -34.05
CA LEU B 152 -22.44 -26.15 -33.23
C LEU B 152 -21.79 -27.49 -33.57
N GLU B 153 -20.51 -27.48 -33.93
CA GLU B 153 -19.83 -28.74 -34.03
C GLU B 153 -19.41 -29.20 -32.65
N VAL B 154 -19.03 -28.26 -31.79
CA VAL B 154 -18.55 -28.61 -30.46
C VAL B 154 -19.16 -27.78 -29.30
N LEU B 155 -19.73 -28.44 -28.29
CA LEU B 155 -20.26 -27.69 -27.14
C LEU B 155 -19.88 -28.28 -25.78
N ASP B 156 -19.18 -27.52 -24.96
CA ASP B 156 -18.86 -28.07 -23.65
C ASP B 156 -19.37 -27.26 -22.49
N LEU B 157 -20.42 -27.80 -21.88
CA LEU B 157 -21.19 -27.28 -20.73
C LEU B 157 -20.75 -27.91 -19.42
N SER B 158 -19.61 -28.59 -19.40
CA SER B 158 -19.29 -29.40 -18.23
C SER B 158 -18.83 -28.68 -16.94
N ALA B 159 -19.03 -29.36 -15.80
CA ALA B 159 -18.67 -28.81 -14.51
C ALA B 159 -19.23 -27.41 -14.33
N ASN B 160 -20.54 -27.31 -14.54
CA ASN B 160 -21.31 -26.12 -14.25
C ASN B 160 -22.24 -26.54 -13.11
N SER B 161 -23.20 -25.67 -12.74
CA SER B 161 -24.12 -25.97 -11.62
C SER B 161 -25.41 -26.62 -12.07
N ILE B 162 -25.48 -26.94 -13.37
CA ILE B 162 -26.69 -27.39 -14.04
C ILE B 162 -27.40 -28.61 -13.40
N SER B 163 -28.65 -28.47 -12.94
CA SER B 163 -29.39 -29.60 -12.34
C SER B 163 -30.73 -29.80 -13.01
N GLY B 164 -31.04 -31.03 -13.43
CA GLY B 164 -32.30 -31.27 -14.13
C GLY B 164 -32.53 -32.65 -14.72
N ALA B 165 -33.46 -32.71 -15.69
CA ALA B 165 -33.68 -33.93 -16.49
C ALA B 165 -34.10 -33.62 -17.93
N ASN B 166 -33.51 -34.36 -18.87
CA ASN B 166 -33.64 -34.11 -20.31
C ASN B 166 -33.13 -32.76 -20.72
N VAL B 167 -32.29 -32.21 -19.86
CA VAL B 167 -31.48 -31.05 -20.18
C VAL B 167 -30.56 -31.43 -21.38
N VAL B 168 -30.26 -32.73 -21.49
CA VAL B 168 -29.54 -33.26 -22.65
C VAL B 168 -30.47 -33.24 -23.87
N GLY B 169 -31.74 -33.54 -23.61
CA GLY B 169 -32.79 -33.39 -24.62
C GLY B 169 -32.99 -31.93 -24.96
N TRP B 170 -32.77 -31.06 -23.97
CA TRP B 170 -32.95 -29.62 -24.17
C TRP B 170 -31.86 -29.05 -25.03
N VAL B 171 -30.63 -29.56 -24.85
CA VAL B 171 -29.47 -28.98 -25.56
C VAL B 171 -29.64 -29.23 -27.04
N LEU B 172 -29.94 -30.50 -27.35
CA LEU B 172 -30.07 -30.99 -28.72
C LEU B 172 -31.43 -30.66 -29.32
N SER B 173 -32.28 -29.96 -28.55
CA SER B 173 -33.72 -29.80 -28.85
C SER B 173 -34.12 -29.31 -30.24
N ASP B 174 -33.41 -28.33 -30.75
CA ASP B 174 -33.67 -27.83 -32.10
C ASP B 174 -32.89 -28.67 -33.15
N GLY B 175 -32.23 -29.72 -32.67
CA GLY B 175 -31.52 -30.67 -33.50
C GLY B 175 -30.02 -30.51 -33.53
N CYS B 176 -29.35 -31.65 -33.54
CA CYS B 176 -27.91 -31.75 -33.38
C CYS B 176 -27.09 -32.01 -34.63
N GLY B 177 -27.71 -32.06 -35.81
CA GLY B 177 -27.14 -32.77 -36.95
C GLY B 177 -25.65 -32.63 -37.24
N GLU B 178 -25.11 -31.44 -37.03
CA GLU B 178 -23.71 -31.16 -37.28
C GLU B 178 -22.78 -31.28 -36.08
N LEU B 179 -23.34 -31.73 -34.95
CA LEU B 179 -22.59 -31.73 -33.71
C LEU B 179 -21.66 -32.89 -33.71
N LYS B 180 -20.36 -32.59 -33.69
CA LYS B 180 -19.29 -33.58 -33.57
C LYS B 180 -19.03 -34.00 -32.12
N HIS B 181 -18.88 -33.03 -31.23
CA HIS B 181 -18.37 -33.24 -29.86
C HIS B 181 -19.29 -32.69 -28.77
N LEU B 182 -19.81 -33.54 -27.89
CA LEU B 182 -20.72 -33.04 -26.86
C LEU B 182 -20.29 -33.46 -25.50
N ALA B 183 -20.01 -32.51 -24.63
CA ALA B 183 -19.70 -32.89 -23.27
C ALA B 183 -20.37 -32.02 -22.20
N ILE B 184 -21.30 -32.67 -21.47
CA ILE B 184 -21.97 -32.24 -20.23
C ILE B 184 -21.54 -32.78 -18.86
N SER B 185 -20.36 -33.38 -18.70
CA SER B 185 -20.01 -33.97 -17.42
C SER B 185 -19.99 -33.08 -16.17
N GLY B 186 -20.22 -33.69 -15.00
CA GLY B 186 -19.97 -33.02 -13.72
C GLY B 186 -21.02 -32.02 -13.25
N ASN B 187 -22.22 -32.27 -13.74
CA ASN B 187 -23.41 -31.50 -13.45
C ASN B 187 -24.26 -32.49 -12.73
N LYS B 188 -25.50 -32.11 -12.47
CA LYS B 188 -26.51 -33.02 -11.95
C LYS B 188 -27.51 -33.52 -13.01
N ILE B 189 -27.28 -33.27 -14.30
CA ILE B 189 -28.31 -33.62 -15.31
C ILE B 189 -28.80 -35.09 -15.25
N SER B 190 -30.06 -35.37 -15.62
CA SER B 190 -30.60 -36.73 -15.42
C SER B 190 -31.50 -37.23 -16.56
N GLY B 191 -32.22 -38.32 -16.29
CA GLY B 191 -33.20 -38.80 -17.24
C GLY B 191 -32.64 -39.40 -18.51
N ASP B 192 -33.03 -38.84 -19.65
CA ASP B 192 -32.77 -39.47 -20.94
C ASP B 192 -31.72 -38.76 -21.76
N VAL B 193 -30.82 -39.57 -22.33
CA VAL B 193 -29.90 -39.13 -23.38
C VAL B 193 -30.34 -39.73 -24.71
N ASP B 194 -30.53 -38.91 -25.74
CA ASP B 194 -30.67 -39.44 -27.09
C ASP B 194 -29.77 -38.69 -28.01
N VAL B 195 -28.68 -39.28 -28.46
CA VAL B 195 -27.90 -38.63 -29.50
C VAL B 195 -28.12 -39.21 -30.90
N SER B 196 -29.10 -40.13 -31.00
CA SER B 196 -29.35 -40.90 -32.22
C SER B 196 -29.44 -40.03 -33.46
N ARG B 197 -30.03 -38.85 -33.32
CA ARG B 197 -30.03 -37.95 -34.44
C ARG B 197 -28.61 -37.42 -34.77
N CYS B 198 -27.68 -37.39 -33.82
CA CYS B 198 -26.45 -36.66 -34.12
C CYS B 198 -25.50 -37.59 -34.82
N VAL B 199 -25.42 -37.39 -36.13
CA VAL B 199 -24.77 -38.35 -37.00
C VAL B 199 -23.35 -37.94 -37.38
N ASN B 200 -22.89 -36.80 -36.92
CA ASN B 200 -21.45 -36.57 -37.00
C ASN B 200 -20.74 -36.79 -35.69
N LEU B 201 -21.48 -37.23 -34.68
CA LEU B 201 -21.01 -37.08 -33.31
C LEU B 201 -19.98 -38.13 -33.06
N GLU B 202 -18.73 -37.68 -32.88
CA GLU B 202 -17.60 -38.57 -32.63
C GLU B 202 -17.33 -38.74 -31.17
N PHE B 203 -17.87 -37.82 -30.38
CA PHE B 203 -17.56 -37.71 -28.95
C PHE B 203 -18.77 -37.29 -28.12
N LEU B 204 -19.13 -38.12 -27.14
CA LEU B 204 -20.20 -37.83 -26.17
C LEU B 204 -19.73 -38.06 -24.73
N ASP B 205 -19.62 -37.02 -23.92
CA ASP B 205 -19.23 -37.26 -22.53
C ASP B 205 -20.38 -36.90 -21.56
N VAL B 206 -21.11 -37.89 -21.04
CA VAL B 206 -22.15 -37.67 -20.00
C VAL B 206 -21.73 -38.01 -18.55
N SER B 207 -20.42 -38.12 -18.34
CA SER B 207 -19.84 -38.53 -17.06
C SER B 207 -20.21 -37.72 -15.83
N SER B 208 -20.22 -38.40 -14.68
CA SER B 208 -20.37 -37.73 -13.38
C SER B 208 -21.67 -36.91 -13.22
N ASN B 209 -22.80 -37.59 -13.38
CA ASN B 209 -24.13 -36.96 -13.46
C ASN B 209 -25.17 -37.69 -12.65
N ASN B 210 -26.43 -37.30 -12.81
CA ASN B 210 -27.52 -38.00 -12.16
C ASN B 210 -28.24 -39.04 -13.00
N PHE B 211 -27.74 -39.41 -14.20
CA PHE B 211 -28.52 -40.38 -15.01
C PHE B 211 -28.68 -41.74 -14.27
N SER B 212 -29.92 -42.05 -13.91
CA SER B 212 -30.23 -43.33 -13.31
C SER B 212 -31.00 -44.25 -14.23
N THR B 213 -31.35 -43.77 -15.42
CA THR B 213 -32.34 -44.55 -16.16
C THR B 213 -31.96 -45.01 -17.57
N GLY B 214 -32.09 -44.13 -18.54
CA GLY B 214 -31.87 -44.47 -19.93
C GLY B 214 -30.39 -44.64 -20.14
N ILE B 215 -30.02 -45.67 -20.91
CA ILE B 215 -28.67 -45.82 -21.48
C ILE B 215 -28.74 -45.23 -22.87
N PRO B 216 -27.90 -44.21 -23.15
CA PRO B 216 -28.17 -43.22 -24.22
C PRO B 216 -28.56 -43.84 -25.56
N PHE B 217 -29.36 -43.19 -26.39
CA PHE B 217 -29.59 -43.85 -27.65
C PHE B 217 -28.71 -43.25 -28.72
N LEU B 218 -27.70 -44.02 -29.12
CA LEU B 218 -26.69 -43.56 -30.07
C LEU B 218 -27.09 -43.73 -31.53
N GLY B 219 -28.00 -44.67 -31.80
CA GLY B 219 -28.48 -44.90 -33.16
C GLY B 219 -27.55 -45.50 -34.22
N ASP B 220 -27.39 -44.75 -35.31
CA ASP B 220 -26.51 -45.13 -36.44
C ASP B 220 -25.10 -45.27 -35.93
N CYS B 221 -24.73 -44.30 -35.10
CA CYS B 221 -23.45 -44.32 -34.41
C CYS B 221 -22.26 -44.30 -35.37
N SER B 222 -22.49 -43.79 -36.58
CA SER B 222 -21.51 -43.85 -37.66
C SER B 222 -20.15 -43.26 -37.29
N ALA B 223 -20.17 -42.09 -36.66
CA ALA B 223 -18.90 -41.40 -36.44
C ALA B 223 -18.31 -41.56 -35.04
N LEU B 224 -19.03 -42.21 -34.13
CA LEU B 224 -18.70 -42.02 -32.73
C LEU B 224 -17.50 -42.81 -32.30
N GLN B 225 -16.43 -42.12 -31.93
CA GLN B 225 -15.24 -42.78 -31.35
C GLN B 225 -15.13 -42.76 -29.82
N HIS B 226 -15.92 -41.91 -29.17
CA HIS B 226 -15.72 -41.63 -27.74
C HIS B 226 -17.03 -41.67 -27.01
N LEU B 227 -17.11 -42.56 -26.05
CA LEU B 227 -18.29 -42.63 -25.22
C LEU B 227 -17.80 -42.61 -23.77
N ASP B 228 -18.16 -41.58 -23.02
CA ASP B 228 -17.97 -41.64 -21.59
C ASP B 228 -19.33 -41.56 -20.91
N ILE B 229 -19.81 -42.68 -20.40
CA ILE B 229 -21.01 -42.71 -19.55
C ILE B 229 -20.71 -42.87 -18.04
N SER B 230 -19.44 -42.68 -17.68
CA SER B 230 -18.97 -42.93 -16.30
C SER B 230 -19.58 -42.08 -15.19
N GLY B 231 -19.58 -42.62 -13.97
CA GLY B 231 -20.02 -41.86 -12.82
C GLY B 231 -21.50 -41.51 -12.77
N ASN B 232 -22.33 -42.53 -12.82
CA ASN B 232 -23.77 -42.38 -12.76
C ASN B 232 -24.31 -43.52 -11.92
N LYS B 233 -25.62 -43.53 -11.71
CA LYS B 233 -26.29 -44.67 -11.08
C LYS B 233 -26.81 -45.50 -12.21
N LEU B 234 -26.35 -45.14 -13.41
CA LEU B 234 -26.72 -45.81 -14.66
C LEU B 234 -26.49 -47.34 -14.70
N SER B 235 -27.54 -48.04 -15.16
CA SER B 235 -27.52 -49.47 -15.42
C SER B 235 -28.42 -49.72 -16.62
N GLY B 236 -28.72 -50.97 -16.94
CA GLY B 236 -29.51 -51.30 -18.13
C GLY B 236 -28.58 -51.88 -19.18
N ASP B 237 -29.07 -52.27 -20.35
CA ASP B 237 -28.19 -53.03 -21.24
C ASP B 237 -27.44 -52.05 -22.10
N PHE B 238 -26.16 -51.88 -21.78
CA PHE B 238 -25.29 -50.96 -22.51
C PHE B 238 -24.66 -51.59 -23.75
N SER B 239 -24.36 -52.88 -23.62
CA SER B 239 -23.84 -53.67 -24.70
C SER B 239 -24.78 -53.52 -25.89
N ARG B 240 -26.06 -53.85 -25.68
CA ARG B 240 -27.01 -53.79 -26.77
C ARG B 240 -27.07 -52.37 -27.33
N ALA B 241 -26.82 -51.36 -26.49
CA ALA B 241 -26.87 -49.98 -26.98
C ALA B 241 -25.74 -49.69 -27.94
N ILE B 242 -24.54 -50.07 -27.53
CA ILE B 242 -23.33 -49.75 -28.28
C ILE B 242 -22.98 -50.79 -29.35
N SER B 243 -23.83 -51.81 -29.55
CA SER B 243 -23.52 -52.91 -30.48
C SER B 243 -23.07 -52.41 -31.84
N THR B 244 -23.50 -51.21 -32.19
CA THR B 244 -23.16 -50.67 -33.47
C THR B 244 -21.91 -49.80 -33.56
N CYS B 245 -21.29 -49.39 -32.44
CA CYS B 245 -20.24 -48.39 -32.62
C CYS B 245 -18.92 -49.05 -32.82
N THR B 246 -18.56 -49.20 -34.08
CA THR B 246 -17.36 -49.90 -34.47
C THR B 246 -16.24 -48.95 -34.90
N GLU B 247 -16.51 -47.66 -34.88
CA GLU B 247 -15.46 -46.69 -35.11
C GLU B 247 -14.87 -46.28 -33.75
N LEU B 248 -15.34 -46.94 -32.69
CA LEU B 248 -15.22 -46.46 -31.30
C LEU B 248 -13.82 -46.72 -30.73
N LYS B 249 -13.11 -45.65 -30.38
CA LYS B 249 -11.81 -45.73 -29.73
C LYS B 249 -11.74 -45.79 -28.18
N LEU B 250 -12.66 -45.11 -27.51
CA LEU B 250 -12.75 -45.13 -26.04
C LEU B 250 -14.16 -45.42 -25.57
N LEU B 251 -14.30 -46.34 -24.61
CA LEU B 251 -15.55 -46.59 -23.91
C LEU B 251 -15.31 -46.55 -22.40
N ASN B 252 -15.80 -45.49 -21.74
CA ASN B 252 -15.75 -45.44 -20.27
C ASN B 252 -17.15 -45.47 -19.61
N ILE B 253 -17.50 -46.67 -19.14
CA ILE B 253 -18.72 -47.00 -18.42
C ILE B 253 -18.45 -47.17 -16.92
N SER B 254 -17.27 -46.76 -16.47
CA SER B 254 -16.89 -46.95 -15.07
C SER B 254 -17.74 -46.21 -14.02
N SER B 255 -17.69 -46.69 -12.78
CA SER B 255 -18.39 -46.08 -11.61
C SER B 255 -19.93 -45.99 -11.72
N ASN B 256 -20.57 -47.12 -12.06
CA ASN B 256 -22.00 -47.21 -12.37
C ASN B 256 -22.62 -48.46 -11.75
N GLN B 257 -23.85 -48.77 -12.11
CA GLN B 257 -24.52 -49.88 -11.48
C GLN B 257 -24.54 -51.14 -12.30
N PHE B 258 -23.82 -51.17 -13.43
CA PHE B 258 -23.80 -52.37 -14.32
C PHE B 258 -23.49 -53.69 -13.60
N VAL B 259 -24.34 -54.68 -13.84
CA VAL B 259 -24.18 -56.01 -13.29
C VAL B 259 -23.94 -56.99 -14.43
N GLY B 260 -23.67 -58.24 -14.09
CA GLY B 260 -23.53 -59.28 -15.10
C GLY B 260 -22.13 -59.53 -15.61
N PRO B 261 -22.01 -60.51 -16.53
CA PRO B 261 -20.79 -60.94 -17.21
C PRO B 261 -20.41 -59.95 -18.31
N ILE B 262 -19.12 -59.79 -18.59
CA ILE B 262 -18.69 -58.81 -19.60
C ILE B 262 -19.21 -59.20 -20.98
N PRO B 263 -20.16 -58.42 -21.51
CA PRO B 263 -21.02 -58.64 -22.69
C PRO B 263 -20.36 -58.44 -24.03
N PRO B 264 -20.96 -58.96 -25.11
CA PRO B 264 -20.24 -58.65 -26.35
C PRO B 264 -20.27 -57.15 -26.62
N LEU B 265 -19.08 -56.61 -26.78
CA LEU B 265 -18.92 -55.18 -26.92
C LEU B 265 -17.89 -54.95 -28.03
N PRO B 266 -18.09 -53.90 -28.86
CA PRO B 266 -17.35 -53.77 -30.12
C PRO B 266 -15.82 -53.60 -30.01
N LEU B 267 -15.09 -54.51 -30.65
CA LEU B 267 -13.63 -54.56 -30.50
C LEU B 267 -12.71 -54.03 -31.60
N LYS B 268 -13.25 -53.61 -32.75
CA LYS B 268 -12.38 -53.31 -33.89
C LYS B 268 -11.37 -52.17 -33.70
N SER B 269 -11.84 -50.95 -33.44
CA SER B 269 -10.90 -49.84 -33.20
C SER B 269 -10.64 -49.48 -31.72
N LEU B 270 -11.24 -50.26 -30.83
CA LEU B 270 -11.20 -50.00 -29.40
C LEU B 270 -9.75 -49.85 -28.88
N GLN B 271 -9.47 -48.73 -28.22
CA GLN B 271 -8.13 -48.47 -27.68
C GLN B 271 -8.14 -48.42 -26.17
N TYR B 272 -8.91 -47.50 -25.60
CA TYR B 272 -9.20 -47.50 -24.15
C TYR B 272 -10.58 -48.05 -23.79
N LEU B 273 -10.61 -48.92 -22.80
CA LEU B 273 -11.84 -49.50 -22.29
C LEU B 273 -11.76 -49.58 -20.77
N SER B 274 -12.65 -48.87 -20.06
CA SER B 274 -12.83 -49.08 -18.61
C SER B 274 -14.24 -49.49 -18.25
N LEU B 275 -14.39 -50.72 -17.80
CA LEU B 275 -15.61 -51.31 -17.31
C LEU B 275 -15.61 -51.23 -15.80
N ALA B 276 -14.66 -50.46 -15.28
CA ALA B 276 -14.36 -50.44 -13.85
C ALA B 276 -15.48 -49.96 -12.92
N GLU B 277 -15.38 -50.38 -11.66
CA GLU B 277 -16.27 -49.93 -10.59
C GLU B 277 -17.72 -50.10 -10.89
N ASN B 278 -18.16 -51.34 -10.91
CA ASN B 278 -19.50 -51.68 -11.32
C ASN B 278 -19.83 -52.96 -10.62
N LYS B 279 -20.97 -53.56 -10.94
CA LYS B 279 -21.37 -54.80 -10.27
C LYS B 279 -20.95 -56.03 -11.07
N PHE B 280 -20.12 -55.79 -12.10
CA PHE B 280 -19.63 -56.80 -13.07
C PHE B 280 -18.96 -58.04 -12.48
N THR B 281 -19.44 -59.21 -12.90
CA THR B 281 -19.04 -60.50 -12.36
C THR B 281 -18.50 -61.41 -13.44
N GLY B 282 -17.79 -62.46 -13.02
CA GLY B 282 -17.36 -63.48 -13.93
C GLY B 282 -15.88 -63.49 -14.29
N GLU B 283 -15.54 -64.37 -15.25
CA GLU B 283 -14.16 -64.56 -15.65
C GLU B 283 -13.89 -63.78 -16.91
N ILE B 284 -12.69 -63.19 -17.00
CA ILE B 284 -12.37 -62.29 -18.11
C ILE B 284 -12.45 -62.98 -19.46
N PRO B 285 -13.38 -62.56 -20.32
CA PRO B 285 -13.69 -63.52 -21.39
C PRO B 285 -12.64 -63.66 -22.51
N ASP B 286 -12.56 -64.87 -23.05
CA ASP B 286 -11.66 -65.16 -24.15
C ASP B 286 -12.18 -64.48 -25.40
N PHE B 287 -13.52 -64.39 -25.50
CA PHE B 287 -14.20 -63.88 -26.69
C PHE B 287 -13.64 -62.51 -27.04
N LEU B 288 -13.06 -61.89 -26.02
CA LEU B 288 -12.64 -60.52 -26.11
C LEU B 288 -11.49 -60.45 -27.08
N SER B 289 -10.30 -60.80 -26.59
CA SER B 289 -9.07 -60.86 -27.39
C SER B 289 -9.16 -59.63 -28.28
N GLY B 290 -8.92 -59.80 -29.57
CA GLY B 290 -9.57 -59.05 -30.64
C GLY B 290 -9.47 -57.55 -30.59
N ALA B 291 -9.18 -57.06 -29.40
CA ALA B 291 -8.87 -55.67 -29.14
C ALA B 291 -7.37 -55.58 -29.08
N CYS B 292 -6.73 -56.74 -29.10
CA CYS B 292 -5.30 -56.77 -28.88
C CYS B 292 -4.48 -56.08 -29.96
N ASP B 293 -5.01 -56.05 -31.18
CA ASP B 293 -4.41 -55.29 -32.27
C ASP B 293 -4.30 -53.87 -31.78
N THR B 294 -5.47 -53.38 -31.43
CA THR B 294 -5.76 -51.98 -31.12
C THR B 294 -5.57 -51.48 -29.69
N LEU B 295 -6.09 -52.25 -28.73
CA LEU B 295 -6.23 -51.84 -27.33
C LEU B 295 -4.96 -51.33 -26.66
N THR B 296 -4.97 -50.07 -26.23
CA THR B 296 -3.84 -49.55 -25.48
C THR B 296 -4.03 -49.47 -23.97
N GLY B 297 -5.22 -49.75 -23.45
CA GLY B 297 -5.40 -49.78 -22.00
C GLY B 297 -6.73 -50.35 -21.52
N LEU B 298 -6.71 -50.96 -20.36
CA LEU B 298 -7.86 -51.73 -19.95
C LEU B 298 -8.03 -51.58 -18.45
N ASP B 299 -9.25 -51.24 -18.02
CA ASP B 299 -9.54 -51.20 -16.58
C ASP B 299 -10.75 -52.02 -16.21
N LEU B 300 -10.46 -53.16 -15.61
CA LEU B 300 -11.46 -54.05 -15.06
C LEU B 300 -11.57 -53.96 -13.53
N SER B 301 -10.85 -52.99 -12.93
CA SER B 301 -10.75 -52.89 -11.47
C SER B 301 -12.08 -52.61 -10.76
N GLY B 302 -12.18 -53.06 -9.52
CA GLY B 302 -13.39 -52.85 -8.74
C GLY B 302 -14.71 -53.47 -9.21
N ASN B 303 -14.72 -54.76 -9.39
CA ASN B 303 -15.91 -55.46 -9.81
C ASN B 303 -15.89 -56.83 -9.15
N HIS B 304 -16.68 -57.74 -9.69
CA HIS B 304 -16.71 -59.13 -9.20
C HIS B 304 -15.89 -60.20 -9.93
N PHE B 305 -15.03 -59.81 -10.87
CA PHE B 305 -14.23 -60.78 -11.68
C PHE B 305 -13.27 -61.73 -10.93
N TYR B 306 -13.09 -62.92 -11.52
CA TYR B 306 -12.14 -63.91 -10.99
C TYR B 306 -11.29 -64.72 -12.03
N GLY B 307 -10.58 -65.72 -11.50
CA GLY B 307 -9.74 -66.57 -12.33
C GLY B 307 -8.36 -65.98 -12.35
N ALA B 308 -7.56 -66.31 -13.38
CA ALA B 308 -6.29 -65.59 -13.62
C ALA B 308 -6.26 -64.89 -14.99
N VAL B 309 -5.34 -63.94 -15.11
CA VAL B 309 -5.24 -63.05 -16.25
C VAL B 309 -5.16 -63.92 -17.49
N PRO B 310 -6.18 -63.89 -18.36
CA PRO B 310 -6.15 -64.89 -19.43
C PRO B 310 -4.96 -64.61 -20.32
N PRO B 311 -4.25 -65.68 -20.72
CA PRO B 311 -2.91 -65.61 -21.33
C PRO B 311 -2.94 -64.84 -22.62
N PHE B 312 -4.10 -64.72 -23.28
CA PHE B 312 -4.19 -63.99 -24.54
C PHE B 312 -3.67 -62.56 -24.41
N PHE B 313 -3.59 -62.11 -23.16
CA PHE B 313 -3.07 -60.80 -22.79
C PHE B 313 -1.59 -60.60 -23.11
N GLY B 314 -0.94 -61.65 -23.61
CA GLY B 314 0.41 -61.52 -24.12
C GLY B 314 0.40 -60.79 -25.45
N SER B 315 -0.75 -60.77 -26.11
CA SER B 315 -0.87 -60.15 -27.44
C SER B 315 -1.02 -58.64 -27.47
N CYS B 316 -1.45 -58.04 -26.37
CA CYS B 316 -1.59 -56.60 -26.41
C CYS B 316 -0.26 -56.10 -25.92
N SER B 317 0.57 -55.79 -26.90
CA SER B 317 1.91 -55.31 -26.67
C SER B 317 1.78 -53.82 -26.88
N LEU B 318 0.55 -53.47 -27.23
CA LEU B 318 0.12 -52.09 -27.37
C LEU B 318 -0.58 -51.58 -26.12
N LEU B 319 -0.91 -52.50 -25.22
CA LEU B 319 -1.58 -52.19 -23.96
C LEU B 319 -0.54 -51.70 -22.98
N GLU B 320 -0.65 -50.45 -22.61
CA GLU B 320 0.29 -49.79 -21.72
C GLU B 320 -0.04 -50.04 -20.26
N SER B 321 -1.33 -50.20 -20.02
CA SER B 321 -1.79 -50.31 -18.66
C SER B 321 -2.85 -51.37 -18.54
N LEU B 322 -2.54 -52.42 -17.78
CA LEU B 322 -3.57 -53.38 -17.44
C LEU B 322 -3.77 -53.20 -15.96
N ALA B 323 -5.01 -52.80 -15.61
CA ALA B 323 -5.48 -52.57 -14.23
C ALA B 323 -6.68 -53.44 -13.91
N LEU B 324 -6.42 -54.50 -13.15
CA LEU B 324 -7.41 -55.48 -12.73
C LEU B 324 -7.86 -55.36 -11.27
N SER B 325 -7.41 -54.29 -10.59
CA SER B 325 -7.39 -54.19 -9.12
C SER B 325 -8.70 -54.34 -8.38
N SER B 326 -8.64 -55.06 -7.26
CA SER B 326 -9.84 -55.35 -6.50
C SER B 326 -10.90 -56.16 -7.22
N ASN B 327 -10.54 -57.42 -7.47
CA ASN B 327 -11.44 -58.48 -7.93
C ASN B 327 -11.01 -59.82 -7.29
N ASN B 328 -11.68 -60.89 -7.69
CA ASN B 328 -11.45 -62.16 -7.04
C ASN B 328 -10.32 -62.95 -7.68
N PHE B 329 -9.57 -62.30 -8.57
CA PHE B 329 -8.44 -62.91 -9.34
C PHE B 329 -7.40 -63.66 -8.46
N SER B 330 -7.14 -64.90 -8.84
CA SER B 330 -6.28 -65.77 -8.07
C SER B 330 -5.30 -66.46 -8.98
N GLY B 331 -4.50 -67.33 -8.40
CA GLY B 331 -3.42 -67.95 -9.15
C GLY B 331 -2.23 -67.07 -8.93
N GLU B 332 -1.05 -67.56 -9.31
CA GLU B 332 0.16 -66.83 -9.03
C GLU B 332 0.39 -65.85 -10.13
N LEU B 333 1.50 -65.14 -10.02
CA LEU B 333 1.76 -63.96 -10.81
C LEU B 333 2.03 -64.32 -12.28
N PRO B 334 1.10 -64.01 -13.19
CA PRO B 334 1.18 -64.65 -14.52
C PRO B 334 2.34 -64.12 -15.37
N MET B 335 3.57 -64.35 -14.90
CA MET B 335 4.83 -63.94 -15.53
C MET B 335 5.00 -64.31 -16.98
N ASP B 336 4.60 -65.54 -17.29
CA ASP B 336 4.70 -66.05 -18.64
C ASP B 336 3.92 -65.14 -19.57
N THR B 337 2.74 -64.71 -19.14
CA THR B 337 2.00 -63.76 -19.93
C THR B 337 2.66 -62.40 -19.83
N LEU B 338 2.88 -61.93 -18.61
CA LEU B 338 3.38 -60.55 -18.39
C LEU B 338 4.69 -60.10 -19.10
N LEU B 339 5.54 -61.04 -19.54
CA LEU B 339 6.79 -60.65 -20.23
C LEU B 339 6.53 -60.33 -21.71
N LYS B 340 5.43 -60.89 -22.20
CA LYS B 340 5.09 -60.80 -23.59
C LYS B 340 4.64 -59.43 -24.06
N MET B 341 3.99 -58.69 -23.16
CA MET B 341 3.43 -57.40 -23.53
C MET B 341 4.49 -56.40 -23.18
N ARG B 342 5.17 -55.93 -24.21
CA ARG B 342 6.24 -55.00 -24.00
C ARG B 342 5.63 -53.61 -24.01
N GLY B 343 4.31 -53.59 -24.16
CA GLY B 343 3.54 -52.35 -24.07
C GLY B 343 3.46 -51.85 -22.64
N LEU B 344 3.27 -52.81 -21.73
CA LEU B 344 2.99 -52.56 -20.31
C LEU B 344 4.02 -51.69 -19.61
N LYS B 345 3.45 -50.70 -18.91
CA LYS B 345 4.14 -49.58 -18.25
C LYS B 345 3.62 -49.55 -16.79
N VAL B 346 2.29 -49.59 -16.65
CA VAL B 346 1.62 -49.81 -15.35
C VAL B 346 0.72 -51.05 -15.26
N LEU B 347 1.04 -51.88 -14.29
CA LEU B 347 0.32 -53.09 -14.03
C LEU B 347 -0.22 -52.96 -12.65
N ASP B 348 -1.55 -52.97 -12.54
CA ASP B 348 -2.21 -52.86 -11.26
C ASP B 348 -2.87 -54.16 -10.92
N LEU B 349 -2.24 -54.90 -10.02
CA LEU B 349 -2.80 -56.15 -9.52
C LEU B 349 -3.43 -56.04 -8.11
N SER B 350 -3.47 -54.81 -7.58
CA SER B 350 -3.91 -54.48 -6.20
C SER B 350 -5.31 -54.95 -5.76
N PHE B 351 -5.37 -55.38 -4.50
CA PHE B 351 -6.59 -55.94 -3.93
C PHE B 351 -7.08 -57.22 -4.61
N ASN B 352 -6.30 -58.28 -4.47
CA ASN B 352 -6.74 -59.55 -5.03
C ASN B 352 -6.32 -60.78 -4.21
N GLU B 353 -6.76 -61.92 -4.73
CA GLU B 353 -6.42 -63.21 -4.20
C GLU B 353 -5.26 -63.88 -4.96
N PHE B 354 -4.55 -63.11 -5.78
CA PHE B 354 -3.25 -63.57 -6.29
C PHE B 354 -2.39 -64.04 -5.10
N SER B 355 -1.70 -65.15 -5.33
CA SER B 355 -0.99 -65.86 -4.27
C SER B 355 0.45 -66.20 -4.68
N GLY B 356 1.19 -66.84 -3.77
CA GLY B 356 2.50 -67.39 -4.08
C GLY B 356 3.71 -66.63 -3.59
N GLU B 357 4.90 -67.05 -4.02
CA GLU B 357 6.13 -66.30 -3.77
C GLU B 357 6.39 -65.38 -4.95
N LEU B 358 7.42 -64.56 -4.82
CA LEU B 358 7.63 -63.51 -5.81
C LEU B 358 8.60 -63.90 -6.97
N PRO B 359 8.08 -64.18 -8.19
CA PRO B 359 8.92 -64.69 -9.28
C PRO B 359 10.20 -63.90 -9.59
N GLU B 360 11.33 -64.62 -9.62
CA GLU B 360 12.66 -64.13 -9.97
C GLU B 360 12.65 -63.59 -11.37
N SER B 361 11.85 -64.30 -12.15
CA SER B 361 11.56 -64.07 -13.55
C SER B 361 11.01 -62.64 -13.76
N LEU B 362 10.70 -61.99 -12.64
CA LEU B 362 10.12 -60.65 -12.61
C LEU B 362 11.18 -59.56 -12.48
N THR B 363 12.44 -59.96 -12.44
CA THR B 363 13.47 -58.94 -12.35
C THR B 363 13.49 -58.08 -13.66
N ASN B 364 12.85 -58.61 -14.72
CA ASN B 364 12.73 -57.90 -16.00
C ASN B 364 11.69 -56.79 -15.94
N LEU B 365 10.54 -57.11 -15.34
CA LEU B 365 9.39 -56.20 -15.22
C LEU B 365 9.96 -54.97 -14.59
N SER B 366 10.70 -55.18 -13.50
CA SER B 366 11.33 -54.11 -12.75
C SER B 366 12.10 -53.13 -13.64
N ALA B 367 12.58 -53.63 -14.78
CA ALA B 367 13.16 -52.79 -15.82
C ALA B 367 12.18 -52.18 -16.82
N SER B 368 11.12 -52.90 -17.18
CA SER B 368 10.14 -52.42 -18.18
C SER B 368 9.06 -51.48 -17.59
N LEU B 369 8.63 -51.86 -16.40
CA LEU B 369 7.53 -51.27 -15.70
C LEU B 369 7.85 -49.90 -15.13
N LEU B 370 6.88 -48.99 -15.31
CA LEU B 370 6.78 -47.73 -14.59
C LEU B 370 6.16 -48.00 -13.24
N THR B 371 5.04 -48.72 -13.27
CA THR B 371 4.34 -48.99 -12.03
C THR B 371 3.80 -50.39 -11.83
N LEU B 372 4.31 -50.98 -10.76
CA LEU B 372 3.91 -52.30 -10.33
C LEU B 372 3.11 -52.11 -9.05
N ASP B 373 1.80 -52.39 -9.09
CA ASP B 373 0.98 -52.40 -7.87
C ASP B 373 0.44 -53.80 -7.62
N LEU B 374 1.14 -54.49 -6.72
CA LEU B 374 0.81 -55.86 -6.31
C LEU B 374 0.17 -55.88 -4.93
N SER B 375 -0.04 -54.70 -4.36
CA SER B 375 -0.53 -54.55 -2.97
C SER B 375 -1.92 -55.15 -2.69
N SER B 376 -2.14 -55.54 -1.44
CA SER B 376 -3.39 -56.16 -1.00
C SER B 376 -3.71 -57.50 -1.65
N ASN B 377 -2.72 -58.38 -1.65
CA ASN B 377 -2.88 -59.72 -2.19
C ASN B 377 -2.38 -60.74 -1.19
N ASN B 378 -2.32 -62.00 -1.63
CA ASN B 378 -1.89 -63.11 -0.77
C ASN B 378 -0.41 -63.48 -0.83
N PHE B 379 0.38 -62.69 -1.55
CA PHE B 379 1.80 -63.01 -1.77
C PHE B 379 2.58 -63.28 -0.47
N SER B 380 3.48 -64.28 -0.52
CA SER B 380 4.29 -64.72 0.63
C SER B 380 5.78 -64.75 0.34
N GLY B 381 6.58 -65.22 1.29
CA GLY B 381 8.03 -65.24 1.09
C GLY B 381 8.57 -63.82 1.15
N PRO B 382 9.86 -63.62 0.86
CA PRO B 382 10.46 -62.27 0.93
C PRO B 382 10.51 -61.51 -0.38
N ILE B 383 11.05 -60.29 -0.31
CA ILE B 383 11.18 -59.44 -1.49
C ILE B 383 12.47 -59.82 -2.17
N LEU B 384 12.40 -60.07 -3.49
CA LEU B 384 13.55 -60.53 -4.29
C LEU B 384 14.69 -59.58 -4.14
N PRO B 385 15.83 -60.06 -3.63
CA PRO B 385 16.91 -59.07 -3.49
C PRO B 385 17.41 -58.69 -4.88
N ASN B 386 17.15 -59.60 -5.81
CA ASN B 386 17.58 -59.46 -7.17
C ASN B 386 16.53 -58.78 -8.04
N LEU B 387 15.38 -58.44 -7.47
CA LEU B 387 14.36 -57.71 -8.22
C LEU B 387 14.93 -56.45 -8.87
N CYS B 388 15.71 -55.68 -8.13
CA CYS B 388 16.23 -54.45 -8.68
C CYS B 388 17.62 -54.56 -9.35
N GLN B 389 18.12 -55.80 -9.51
CA GLN B 389 19.45 -56.12 -10.14
C GLN B 389 19.72 -55.78 -11.62
N ASN B 390 18.72 -55.87 -12.48
CA ASN B 390 18.82 -55.30 -13.81
C ASN B 390 19.38 -53.88 -13.73
N PRO B 391 20.35 -53.51 -14.59
CA PRO B 391 20.82 -52.12 -14.75
C PRO B 391 19.78 -51.26 -15.53
N LYS B 392 18.89 -51.97 -16.21
CA LYS B 392 17.95 -51.33 -17.10
C LYS B 392 16.88 -50.52 -16.34
N ASN B 393 16.75 -50.71 -15.02
CA ASN B 393 15.42 -50.50 -14.31
C ASN B 393 14.63 -49.13 -14.29
N THR B 394 13.37 -49.18 -14.71
CA THR B 394 12.57 -47.96 -14.80
C THR B 394 11.60 -47.72 -13.67
N LEU B 395 11.46 -48.67 -12.73
CA LEU B 395 10.27 -48.82 -11.88
C LEU B 395 10.14 -47.63 -10.98
N GLN B 396 9.00 -46.93 -11.11
CA GLN B 396 8.66 -45.72 -10.30
C GLN B 396 7.97 -46.07 -9.00
N GLU B 397 7.00 -46.97 -9.14
CA GLU B 397 6.05 -47.15 -8.11
C GLU B 397 5.93 -48.60 -7.79
N LEU B 398 6.37 -48.90 -6.59
CA LEU B 398 6.36 -50.25 -6.07
C LEU B 398 5.39 -50.31 -4.87
N TYR B 399 4.23 -50.92 -5.09
CA TYR B 399 3.29 -51.07 -4.00
C TYR B 399 3.20 -52.54 -3.73
N LEU B 400 3.95 -52.91 -2.69
CA LEU B 400 3.93 -54.26 -2.17
C LEU B 400 3.16 -54.34 -0.85
N GLN B 401 2.59 -53.21 -0.41
CA GLN B 401 1.94 -53.10 0.90
C GLN B 401 0.66 -53.96 1.11
N ASN B 402 0.43 -54.35 2.37
CA ASN B 402 -0.56 -55.37 2.69
C ASN B 402 -0.35 -56.66 1.92
N ASN B 403 0.68 -57.38 2.29
CA ASN B 403 0.94 -58.71 1.77
C ASN B 403 1.52 -59.52 2.92
N GLY B 404 2.03 -60.71 2.65
CA GLY B 404 2.65 -61.54 3.67
C GLY B 404 4.18 -61.63 3.69
N PHE B 405 4.85 -60.65 3.11
CA PHE B 405 6.30 -60.75 2.87
C PHE B 405 7.11 -60.80 4.14
N THR B 406 7.89 -61.88 4.27
CA THR B 406 8.63 -62.15 5.49
C THR B 406 10.06 -61.63 5.33
N GLY B 407 10.82 -61.65 6.40
CA GLY B 407 12.24 -61.39 6.30
C GLY B 407 12.61 -59.97 5.86
N LYS B 408 13.91 -59.69 5.86
CA LYS B 408 14.42 -58.32 5.79
C LYS B 408 14.10 -57.59 4.49
N ILE B 409 14.20 -56.27 4.58
CA ILE B 409 14.10 -55.40 3.42
C ILE B 409 15.43 -55.55 2.68
N PRO B 410 15.39 -56.08 1.43
CA PRO B 410 16.61 -56.21 0.62
C PRO B 410 17.17 -54.84 0.33
N PRO B 411 18.43 -54.56 0.75
CA PRO B 411 19.01 -53.21 0.48
C PRO B 411 19.37 -53.00 -0.99
N THR B 412 19.58 -54.12 -1.68
CA THR B 412 19.87 -54.15 -3.12
C THR B 412 18.78 -53.42 -3.89
N LEU B 413 17.65 -53.25 -3.22
CA LEU B 413 16.48 -52.54 -3.74
C LEU B 413 16.85 -51.11 -4.17
N SER B 414 17.95 -50.61 -3.64
CA SER B 414 18.40 -49.24 -3.92
C SER B 414 18.77 -49.08 -5.37
N ASN B 415 19.10 -50.23 -5.99
CA ASN B 415 19.51 -50.31 -7.39
C ASN B 415 18.40 -49.85 -8.34
N CYS B 416 17.20 -49.61 -7.80
CA CYS B 416 16.09 -49.04 -8.60
C CYS B 416 16.16 -47.53 -8.47
N SER B 417 16.60 -46.87 -9.54
CA SER B 417 16.94 -45.45 -9.44
C SER B 417 15.81 -44.55 -9.89
N GLU B 418 14.74 -45.16 -10.41
CA GLU B 418 13.60 -44.36 -10.77
C GLU B 418 12.52 -44.40 -9.71
N LEU B 419 12.75 -45.20 -8.67
CA LEU B 419 11.71 -45.52 -7.70
C LEU B 419 11.49 -44.23 -6.94
N VAL B 420 10.27 -43.72 -7.05
CA VAL B 420 9.79 -42.54 -6.33
C VAL B 420 9.01 -43.01 -5.10
N SER B 421 7.96 -43.78 -5.36
CA SER B 421 7.18 -44.31 -4.28
C SER B 421 7.46 -45.76 -3.93
N LEU B 422 7.95 -45.97 -2.72
CA LEU B 422 8.12 -47.31 -2.13
C LEU B 422 7.15 -47.62 -0.95
N HIS B 423 6.19 -48.50 -1.18
CA HIS B 423 5.26 -48.89 -0.10
C HIS B 423 5.41 -50.40 0.21
N LEU B 424 6.08 -50.69 1.33
CA LEU B 424 6.28 -52.07 1.78
C LEU B 424 5.38 -52.54 2.94
N SER B 425 4.47 -51.68 3.38
CA SER B 425 3.76 -51.79 4.67
C SER B 425 2.65 -52.83 4.86
N PHE B 426 2.35 -53.09 6.13
CA PHE B 426 1.39 -54.12 6.52
C PHE B 426 1.91 -55.48 6.19
N ASN B 427 3.23 -55.61 6.28
CA ASN B 427 3.87 -56.90 6.08
C ASN B 427 4.64 -57.36 7.30
N TYR B 428 5.28 -58.50 7.14
CA TYR B 428 6.03 -59.12 8.22
C TYR B 428 7.54 -58.83 8.17
N LEU B 429 7.96 -57.88 7.32
CA LEU B 429 9.40 -57.60 7.13
C LEU B 429 10.19 -57.45 8.45
N SER B 430 11.30 -58.18 8.58
CA SER B 430 12.03 -58.18 9.84
C SER B 430 13.36 -57.45 9.73
N GLY B 431 14.01 -57.33 10.88
CA GLY B 431 15.34 -56.75 10.94
C GLY B 431 15.33 -55.34 10.41
N THR B 432 16.50 -54.74 10.22
CA THR B 432 16.55 -53.30 10.05
C THR B 432 16.05 -52.71 8.73
N ILE B 433 16.04 -51.37 8.73
CA ILE B 433 15.76 -50.54 7.58
C ILE B 433 17.09 -50.34 6.88
N PRO B 434 17.16 -50.66 5.59
CA PRO B 434 18.41 -50.45 4.87
C PRO B 434 18.80 -49.00 4.85
N SER B 435 20.00 -48.71 5.33
CA SER B 435 20.56 -47.38 5.25
C SER B 435 20.68 -47.09 3.77
N SER B 436 20.75 -48.19 3.02
CA SER B 436 20.90 -48.25 1.58
C SER B 436 19.97 -47.25 0.92
N LEU B 437 18.74 -47.23 1.42
CA LEU B 437 17.65 -46.47 0.84
C LEU B 437 17.93 -44.97 0.65
N GLY B 438 18.91 -44.43 1.40
CA GLY B 438 19.30 -43.02 1.27
C GLY B 438 19.72 -42.63 -0.14
N SER B 439 20.06 -43.64 -0.95
CA SER B 439 20.61 -43.42 -2.27
C SER B 439 19.53 -43.25 -3.33
N LEU B 440 18.27 -43.20 -2.90
CA LEU B 440 17.20 -43.08 -3.90
C LEU B 440 16.94 -41.61 -4.16
N SER B 441 17.50 -41.11 -5.26
CA SER B 441 17.65 -39.69 -5.40
C SER B 441 16.35 -39.08 -5.87
N LYS B 442 15.49 -39.93 -6.43
CA LYS B 442 14.15 -39.49 -6.80
C LYS B 442 12.99 -39.92 -5.88
N LEU B 443 13.30 -40.64 -4.80
CA LEU B 443 12.26 -41.13 -3.88
C LEU B 443 11.57 -40.05 -3.11
N ARG B 444 10.24 -40.14 -3.11
CA ARG B 444 9.35 -39.23 -2.40
C ARG B 444 8.59 -39.96 -1.30
N ASP B 445 7.69 -40.89 -1.64
CA ASP B 445 6.98 -41.64 -0.59
C ASP B 445 7.72 -42.89 -0.10
N LEU B 446 8.09 -42.91 1.19
CA LEU B 446 8.60 -44.14 1.84
C LEU B 446 7.64 -44.63 2.96
N LYS B 447 6.93 -45.74 2.74
CA LYS B 447 5.95 -46.19 3.75
C LYS B 447 6.22 -47.58 4.28
N LEU B 448 6.75 -47.65 5.50
CA LEU B 448 7.13 -48.93 6.12
C LEU B 448 6.21 -49.46 7.25
N TRP B 449 5.15 -48.72 7.59
CA TRP B 449 4.40 -48.91 8.85
C TRP B 449 3.66 -50.29 9.04
N LEU B 450 3.43 -50.66 10.31
CA LEU B 450 3.00 -52.02 10.71
C LEU B 450 3.94 -53.07 10.08
N ASN B 451 5.20 -53.01 10.49
CA ASN B 451 6.16 -54.04 10.15
C ASN B 451 6.98 -54.18 11.39
N MET B 452 7.80 -55.23 11.45
CA MET B 452 8.61 -55.58 12.62
C MET B 452 10.04 -55.01 12.60
N LEU B 453 10.30 -54.12 11.64
CA LEU B 453 11.58 -53.40 11.52
C LEU B 453 12.01 -52.77 12.82
N GLU B 454 13.31 -52.84 13.08
CA GLU B 454 13.91 -52.34 14.32
C GLU B 454 15.12 -51.45 14.13
N GLY B 455 15.82 -51.22 15.23
CA GLY B 455 17.02 -50.44 15.16
C GLY B 455 16.70 -48.99 14.99
N GLU B 456 17.29 -48.34 14.00
CA GLU B 456 17.18 -46.89 13.90
C GLU B 456 16.57 -46.50 12.59
N ILE B 457 16.18 -45.23 12.53
CA ILE B 457 15.70 -44.62 11.31
C ILE B 457 16.95 -44.05 10.66
N PRO B 458 17.34 -44.67 9.53
CA PRO B 458 18.65 -44.48 8.92
C PRO B 458 18.92 -43.05 8.50
N GLN B 459 19.98 -42.53 9.11
CA GLN B 459 20.29 -41.14 9.06
C GLN B 459 20.54 -40.70 7.61
N GLU B 460 21.09 -41.62 6.83
CA GLU B 460 21.52 -41.35 5.45
C GLU B 460 20.36 -40.91 4.58
N LEU B 461 19.13 -41.12 5.08
CA LEU B 461 17.93 -40.77 4.33
C LEU B 461 17.99 -39.27 4.02
N MET B 462 18.93 -38.58 4.65
CA MET B 462 19.17 -37.14 4.44
C MET B 462 19.60 -36.71 3.04
N TYR B 463 20.10 -37.65 2.25
CA TYR B 463 20.52 -37.29 0.90
C TYR B 463 19.30 -37.27 -0.04
N VAL B 464 18.11 -37.54 0.52
CA VAL B 464 16.90 -37.51 -0.31
C VAL B 464 16.34 -36.13 -0.28
N LYS B 465 16.47 -35.41 -1.38
CA LYS B 465 16.04 -34.02 -1.40
C LYS B 465 14.57 -33.95 -1.79
N THR B 466 14.02 -35.06 -2.30
CA THR B 466 12.59 -35.15 -2.64
C THR B 466 11.66 -35.82 -1.63
N LEU B 467 12.22 -36.41 -0.57
CA LEU B 467 11.41 -37.20 0.37
C LEU B 467 10.34 -36.30 0.90
N GLU B 468 9.10 -36.75 0.72
CA GLU B 468 7.92 -35.99 1.08
C GLU B 468 7.25 -36.70 2.25
N THR B 469 6.79 -37.90 1.98
CA THR B 469 6.22 -38.82 2.96
C THR B 469 7.25 -39.64 3.71
N LEU B 470 7.16 -39.78 5.02
CA LEU B 470 7.83 -40.89 5.69
C LEU B 470 6.92 -41.57 6.76
N ILE B 471 6.45 -42.80 6.54
CA ILE B 471 5.49 -43.38 7.48
C ILE B 471 6.00 -44.64 8.17
N LEU B 472 6.48 -44.49 9.39
CA LEU B 472 7.16 -45.59 10.08
C LEU B 472 6.40 -46.36 11.17
N ASP B 473 5.12 -46.04 11.34
CA ASP B 473 4.31 -46.48 12.47
C ASP B 473 4.28 -47.99 12.80
N PHE B 474 4.23 -48.32 14.09
CA PHE B 474 3.99 -49.69 14.58
C PHE B 474 5.10 -50.70 14.28
N ASN B 475 6.32 -50.17 14.33
CA ASN B 475 7.56 -50.92 14.19
C ASN B 475 8.24 -50.91 15.55
N ASP B 476 9.46 -51.45 15.64
CA ASP B 476 10.28 -51.47 16.86
C ASP B 476 11.34 -50.40 16.91
N LEU B 477 11.33 -49.54 15.89
CA LEU B 477 12.43 -48.59 15.64
C LEU B 477 12.73 -47.91 16.94
N THR B 478 14.00 -47.85 17.30
CA THR B 478 14.38 -47.31 18.58
C THR B 478 15.19 -46.04 18.37
N GLY B 479 15.70 -45.51 19.48
CA GLY B 479 16.61 -44.39 19.37
C GLY B 479 16.00 -43.11 18.88
N GLU B 480 16.80 -42.06 18.84
CA GLU B 480 16.26 -40.75 18.59
C GLU B 480 15.86 -40.52 17.15
N ILE B 481 15.49 -39.27 16.89
CA ILE B 481 15.23 -38.80 15.55
C ILE B 481 16.54 -38.61 14.79
N PRO B 482 16.60 -39.17 13.58
CA PRO B 482 17.72 -38.85 12.69
C PRO B 482 17.74 -37.37 12.34
N SER B 483 18.88 -36.76 12.61
CA SER B 483 19.06 -35.31 12.49
C SER B 483 19.14 -34.80 11.07
N GLY B 484 19.78 -35.58 10.22
CA GLY B 484 19.99 -35.22 8.84
C GLY B 484 18.70 -34.98 8.09
N LEU B 485 17.58 -35.48 8.61
CA LEU B 485 16.27 -35.24 7.97
C LEU B 485 16.02 -33.73 7.80
N SER B 486 16.71 -32.90 8.58
CA SER B 486 16.55 -31.44 8.50
C SER B 486 17.04 -30.89 7.17
N ASN B 487 17.64 -31.77 6.37
CA ASN B 487 18.02 -31.43 5.02
C ASN B 487 16.90 -31.71 4.01
N CYS B 488 15.76 -32.27 4.47
CA CYS B 488 14.66 -32.62 3.55
C CYS B 488 13.68 -31.45 3.47
N THR B 489 13.72 -30.75 2.34
CA THR B 489 12.93 -29.53 2.20
C THR B 489 11.48 -29.91 1.97
N ASN B 490 11.27 -31.05 1.30
CA ASN B 490 9.94 -31.46 0.88
C ASN B 490 9.20 -32.44 1.81
N LEU B 491 9.77 -32.76 2.96
CA LEU B 491 9.07 -33.59 3.94
C LEU B 491 7.76 -32.94 4.40
N ASN B 492 6.64 -33.64 4.23
CA ASN B 492 5.32 -33.14 4.70
C ASN B 492 4.66 -33.97 5.80
N TRP B 493 4.45 -35.26 5.53
CA TRP B 493 3.83 -36.17 6.48
C TRP B 493 4.84 -37.15 7.13
N ILE B 494 5.22 -36.91 8.38
CA ILE B 494 6.11 -37.82 9.10
C ILE B 494 5.30 -38.57 10.16
N SER B 495 5.11 -39.87 9.97
CA SER B 495 4.38 -40.61 10.99
C SER B 495 5.29 -41.66 11.64
N LEU B 496 5.74 -41.40 12.87
CA LEU B 496 6.64 -42.31 13.60
C LEU B 496 5.98 -43.18 14.69
N SER B 497 4.65 -43.09 14.82
CA SER B 497 3.89 -43.63 15.95
C SER B 497 4.02 -45.14 16.34
N ASN B 498 3.87 -45.41 17.65
CA ASN B 498 3.91 -46.76 18.21
C ASN B 498 5.29 -47.45 18.17
N ASN B 499 6.33 -46.66 18.35
CA ASN B 499 7.70 -47.17 18.39
C ASN B 499 8.34 -46.92 19.73
N ARG B 500 9.60 -47.30 19.88
CA ARG B 500 10.37 -47.00 21.09
C ARG B 500 11.25 -45.78 20.96
N LEU B 501 11.04 -45.02 19.90
CA LEU B 501 11.88 -43.88 19.56
C LEU B 501 12.11 -43.00 20.77
N THR B 502 13.32 -42.51 20.93
CA THR B 502 13.66 -41.78 22.15
C THR B 502 13.91 -40.30 21.79
N GLY B 503 14.36 -39.51 22.76
CA GLY B 503 14.93 -38.21 22.42
C GLY B 503 13.89 -37.14 22.27
N GLU B 504 14.27 -35.95 21.82
CA GLU B 504 13.32 -34.84 21.77
C GLU B 504 12.74 -34.59 20.39
N ILE B 505 11.82 -33.64 20.32
CA ILE B 505 11.50 -33.04 19.04
C ILE B 505 12.64 -32.11 18.73
N PRO B 506 13.16 -32.26 17.52
CA PRO B 506 14.21 -31.44 16.94
C PRO B 506 13.76 -30.02 16.81
N LYS B 507 14.54 -29.08 17.33
CA LYS B 507 14.21 -27.67 17.25
C LYS B 507 14.41 -27.14 15.82
N TRP B 508 14.88 -28.01 14.95
CA TRP B 508 14.94 -27.65 13.54
C TRP B 508 13.63 -27.91 12.82
N ILE B 509 12.71 -28.61 13.48
CA ILE B 509 11.49 -29.07 12.79
C ILE B 509 10.80 -27.89 12.14
N GLY B 510 10.97 -26.71 12.71
CA GLY B 510 10.32 -25.51 12.20
C GLY B 510 10.84 -25.06 10.84
N ARG B 511 11.84 -25.75 10.34
CA ARG B 511 12.42 -25.34 9.08
C ARG B 511 11.67 -25.90 7.87
N LEU B 512 10.83 -26.91 8.07
CA LEU B 512 10.27 -27.60 6.90
C LEU B 512 8.99 -26.88 6.50
N GLU B 513 9.10 -26.13 5.40
CA GLU B 513 8.02 -25.27 4.96
C GLU B 513 6.87 -26.16 4.55
N ASN B 514 7.17 -27.38 4.15
CA ASN B 514 6.10 -28.24 3.67
C ASN B 514 5.48 -29.24 4.67
N LEU B 515 6.08 -29.43 5.84
CA LEU B 515 5.60 -30.39 6.86
C LEU B 515 4.16 -30.15 7.28
N ALA B 516 3.31 -31.19 7.20
CA ALA B 516 1.89 -31.06 7.56
C ALA B 516 1.44 -31.94 8.68
N ILE B 517 1.50 -33.25 8.47
CA ILE B 517 1.05 -34.18 9.51
C ILE B 517 2.19 -34.86 10.28
N LEU B 518 2.38 -34.50 11.54
CA LEU B 518 3.43 -35.12 12.34
C LEU B 518 2.74 -35.95 13.45
N LYS B 519 2.97 -37.26 13.46
CA LYS B 519 2.29 -38.10 14.46
C LYS B 519 3.28 -38.92 15.31
N LEU B 520 3.39 -38.55 16.59
CA LEU B 520 4.34 -39.13 17.60
C LEU B 520 3.81 -40.16 18.69
N SER B 521 2.63 -40.72 18.47
CA SER B 521 2.01 -41.61 19.47
C SER B 521 2.81 -42.83 20.00
N ASN B 522 2.52 -43.17 21.25
CA ASN B 522 2.93 -44.41 21.92
C ASN B 522 4.42 -44.53 22.06
N ASN B 523 5.10 -43.40 22.09
CA ASN B 523 6.56 -43.43 22.15
C ASN B 523 7.13 -42.87 23.43
N SER B 524 8.45 -42.90 23.52
CA SER B 524 9.18 -42.31 24.62
C SER B 524 9.82 -40.93 24.41
N PHE B 525 9.55 -40.24 23.28
CA PHE B 525 10.17 -38.93 23.04
C PHE B 525 10.04 -38.07 24.28
N SER B 526 11.11 -37.40 24.69
CA SER B 526 11.03 -36.68 25.95
C SER B 526 11.31 -35.19 25.87
N GLY B 527 11.15 -34.52 27.02
CA GLY B 527 11.51 -33.12 27.14
C GLY B 527 10.54 -32.18 26.48
N ASN B 528 10.87 -30.89 26.53
CA ASN B 528 9.92 -29.82 26.26
C ASN B 528 9.34 -29.80 24.86
N ILE B 529 8.20 -29.17 24.74
CA ILE B 529 7.55 -28.96 23.45
C ILE B 529 8.25 -27.79 22.77
N PRO B 530 8.97 -28.06 21.68
CA PRO B 530 9.76 -27.02 21.01
C PRO B 530 8.93 -25.88 20.46
N ALA B 531 9.28 -24.65 20.84
CA ALA B 531 8.54 -23.48 20.41
C ALA B 531 8.79 -23.15 18.93
N GLU B 532 9.86 -23.69 18.38
CA GLU B 532 10.19 -23.46 16.98
C GLU B 532 9.14 -24.13 16.12
N LEU B 533 8.30 -24.94 16.78
CA LEU B 533 7.13 -25.53 16.14
C LEU B 533 6.21 -24.47 15.53
N GLY B 534 6.29 -23.25 16.05
CA GLY B 534 5.46 -22.17 15.55
C GLY B 534 6.00 -21.58 14.27
N ASP B 535 7.07 -22.18 13.75
CA ASP B 535 7.64 -21.69 12.52
C ASP B 535 7.15 -22.42 11.28
N CYS B 536 6.42 -23.54 11.46
CA CYS B 536 6.14 -24.43 10.33
C CYS B 536 4.84 -24.08 9.59
N ARG B 537 4.99 -23.47 8.43
CA ARG B 537 3.89 -22.90 7.69
C ARG B 537 2.85 -23.95 7.18
N SER B 538 3.24 -25.22 7.07
CA SER B 538 2.32 -26.18 6.49
C SER B 538 1.58 -27.06 7.50
N LEU B 539 1.97 -26.98 8.78
CA LEU B 539 1.58 -28.02 9.77
C LEU B 539 0.14 -27.91 10.27
N ILE B 540 -0.67 -28.89 9.86
CA ILE B 540 -2.04 -28.98 10.34
C ILE B 540 -2.42 -30.14 11.27
N TRP B 541 -1.59 -31.15 11.47
CA TRP B 541 -2.09 -32.19 12.34
C TRP B 541 -1.02 -32.68 13.27
N LEU B 542 -1.14 -32.39 14.55
CA LEU B 542 -0.04 -32.81 15.40
C LEU B 542 -0.48 -33.77 16.51
N ASP B 543 -0.11 -35.04 16.40
CA ASP B 543 -0.59 -35.98 17.39
C ASP B 543 0.56 -36.58 18.21
N LEU B 544 0.83 -35.94 19.33
CA LEU B 544 1.98 -36.20 20.20
C LEU B 544 1.68 -37.15 21.36
N ASN B 545 0.53 -37.82 21.31
CA ASN B 545 -0.04 -38.48 22.50
C ASN B 545 0.72 -39.68 23.12
N THR B 546 0.39 -40.02 24.35
CA THR B 546 0.92 -41.19 25.06
C THR B 546 2.44 -41.15 25.25
N ASN B 547 2.96 -40.02 25.70
CA ASN B 547 4.41 -39.84 25.71
C ASN B 547 5.07 -39.42 27.00
N LEU B 548 6.37 -39.15 26.89
CA LEU B 548 7.20 -38.67 28.00
C LEU B 548 7.49 -37.18 27.92
N PHE B 549 6.86 -36.45 27.01
CA PHE B 549 7.14 -35.02 26.88
C PHE B 549 7.04 -34.18 28.18
N ASN B 550 8.04 -33.35 28.43
CA ASN B 550 8.05 -32.40 29.56
C ASN B 550 7.42 -31.07 29.18
N GLY B 551 7.30 -30.17 30.16
CA GLY B 551 7.17 -28.75 29.87
C GLY B 551 5.84 -28.02 29.93
N THR B 552 5.83 -26.81 29.36
CA THR B 552 4.62 -26.03 29.18
C THR B 552 4.39 -25.71 27.70
N ILE B 553 3.13 -25.74 27.30
CA ILE B 553 2.74 -25.35 25.96
C ILE B 553 3.19 -23.93 25.71
N PRO B 554 4.08 -23.75 24.75
CA PRO B 554 4.58 -22.41 24.50
C PRO B 554 3.55 -21.58 23.81
N ALA B 555 3.67 -20.27 23.93
CA ALA B 555 2.78 -19.38 23.23
C ALA B 555 3.27 -19.32 21.80
N ALA B 556 4.56 -19.55 21.63
CA ALA B 556 5.15 -19.50 20.31
C ALA B 556 4.58 -20.63 19.47
N MET B 557 4.13 -21.69 20.14
CA MET B 557 3.62 -22.87 19.44
C MET B 557 2.52 -22.61 18.39
N PHE B 558 1.68 -21.61 18.62
CA PHE B 558 0.57 -21.42 17.71
C PHE B 558 0.87 -20.32 16.73
N LYS B 559 2.03 -19.73 16.93
CA LYS B 559 2.38 -18.40 16.43
C LYS B 559 2.11 -18.20 14.92
N GLN B 560 2.09 -19.28 14.15
CA GLN B 560 1.85 -19.17 12.71
C GLN B 560 0.38 -19.24 12.33
N SER B 561 -0.46 -19.68 13.26
CA SER B 561 -1.85 -19.97 12.95
C SER B 561 -2.51 -18.77 12.27
N GLY B 562 -3.16 -19.02 11.15
CA GLY B 562 -3.85 -17.96 10.42
C GLY B 562 -3.13 -17.54 9.16
N LYS B 563 -1.85 -17.85 9.08
CA LYS B 563 -1.07 -17.60 7.88
C LYS B 563 -0.89 -18.88 7.06
N ILE B 564 -1.40 -19.99 7.60
CA ILE B 564 -1.18 -21.36 7.12
C ILE B 564 -1.73 -21.75 5.75
N ALA B 565 -0.91 -22.47 4.99
CA ALA B 565 -1.33 -23.15 3.76
C ALA B 565 -1.00 -24.65 3.82
N ALA B 566 -2.06 -25.44 3.76
CA ALA B 566 -2.00 -26.89 3.65
C ALA B 566 -2.33 -27.48 2.27
N ASN B 567 -2.41 -26.67 1.23
CA ASN B 567 -2.78 -27.26 -0.05
C ASN B 567 -1.83 -28.37 -0.58
N PHE B 568 -0.64 -28.47 0.00
CA PHE B 568 0.34 -29.48 -0.42
C PHE B 568 -0.01 -30.90 0.00
N ILE B 569 -0.29 -31.07 1.29
CA ILE B 569 -0.66 -32.36 1.93
C ILE B 569 -1.97 -32.95 1.39
N ALA B 570 -2.66 -32.17 0.57
CA ALA B 570 -4.00 -32.53 0.19
C ALA B 570 -4.08 -33.64 -0.82
N GLY B 571 -4.86 -34.66 -0.52
CA GLY B 571 -5.11 -35.78 -1.40
C GLY B 571 -4.62 -37.18 -1.04
N LYS B 572 -3.73 -37.30 -0.06
CA LYS B 572 -3.28 -38.63 0.34
C LYS B 572 -4.44 -39.40 1.02
N ARG B 573 -4.69 -40.65 0.64
CA ARG B 573 -5.75 -41.43 1.27
C ARG B 573 -5.40 -41.94 2.66
N TYR B 574 -6.40 -41.99 3.56
CA TYR B 574 -6.21 -42.41 4.95
C TYR B 574 -7.38 -43.13 5.60
N VAL B 575 -7.09 -43.56 6.82
CA VAL B 575 -8.11 -43.80 7.82
C VAL B 575 -7.83 -42.98 9.11
N TYR B 576 -8.91 -42.72 9.88
CA TYR B 576 -8.91 -42.27 11.27
C TYR B 576 -9.63 -43.32 12.13
N ILE B 577 -8.93 -43.87 13.12
CA ILE B 577 -9.61 -44.71 14.11
C ILE B 577 -10.00 -43.86 15.31
N LYS B 578 -11.31 -43.65 15.51
CA LYS B 578 -11.78 -42.76 16.57
C LYS B 578 -11.77 -43.50 17.91
N ASN B 579 -11.14 -42.86 18.89
CA ASN B 579 -10.88 -43.52 20.15
C ASN B 579 -12.18 -43.75 20.86
N ASP B 580 -12.42 -45.02 21.14
CA ASP B 580 -13.65 -45.41 21.79
C ASP B 580 -13.73 -44.79 23.17
N GLY B 581 -12.60 -44.78 23.86
CA GLY B 581 -12.51 -44.25 25.21
C GLY B 581 -13.03 -45.30 26.17
N MET B 582 -13.83 -46.21 25.62
CA MET B 582 -14.44 -47.34 26.28
C MET B 582 -13.40 -48.35 26.81
N LYS B 583 -12.19 -48.27 26.26
CA LYS B 583 -11.07 -49.06 26.78
C LYS B 583 -10.07 -48.16 27.51
N LYS B 584 -9.70 -48.57 28.72
CA LYS B 584 -8.80 -47.80 29.59
C LYS B 584 -7.44 -47.66 28.95
N GLU B 585 -7.01 -48.77 28.37
CA GLU B 585 -5.68 -48.96 27.85
C GLU B 585 -5.38 -48.05 26.66
N CYS B 586 -6.38 -47.83 25.82
CA CYS B 586 -6.22 -47.06 24.58
C CYS B 586 -6.22 -45.54 24.78
N HIS B 587 -5.22 -44.87 24.24
CA HIS B 587 -5.04 -43.45 24.51
C HIS B 587 -5.27 -42.61 23.28
N GLY B 588 -5.06 -41.31 23.45
CA GLY B 588 -5.30 -40.30 22.42
C GLY B 588 -6.76 -39.99 22.10
N ALA B 589 -6.95 -39.00 21.24
CA ALA B 589 -8.24 -38.77 20.62
C ALA B 589 -8.53 -39.79 19.50
N GLY B 590 -7.52 -40.07 18.67
CA GLY B 590 -7.67 -41.06 17.62
C GLY B 590 -6.40 -41.27 16.81
N ASN B 591 -6.39 -42.34 16.00
CA ASN B 591 -5.24 -42.71 15.13
C ASN B 591 -5.37 -42.20 13.70
N LEU B 592 -4.51 -41.27 13.27
CA LEU B 592 -4.50 -40.93 11.84
C LEU B 592 -3.46 -41.81 11.12
N LEU B 593 -3.97 -42.72 10.29
CA LEU B 593 -3.10 -43.67 9.59
C LEU B 593 -3.18 -43.48 8.08
N GLU B 594 -2.02 -43.65 7.44
CA GLU B 594 -1.95 -43.77 6.00
C GLU B 594 -2.55 -45.13 5.61
N PHE B 595 -3.55 -45.09 4.75
CA PHE B 595 -4.03 -46.27 4.06
C PHE B 595 -4.03 -45.87 2.62
N GLN B 596 -3.11 -46.39 1.81
CA GLN B 596 -3.30 -46.39 0.34
C GLN B 596 -3.17 -47.84 0.03
N GLY B 597 -4.14 -48.37 -0.67
CA GLY B 597 -4.01 -49.73 -1.14
C GLY B 597 -3.90 -50.78 -0.05
N ILE B 598 -3.87 -50.38 1.22
CA ILE B 598 -4.04 -51.37 2.29
C ILE B 598 -5.52 -51.67 2.35
N ARG B 599 -5.87 -52.94 2.49
CA ARG B 599 -7.28 -53.28 2.44
C ARG B 599 -7.89 -52.85 3.74
N SER B 600 -9.17 -52.49 3.65
CA SER B 600 -9.93 -51.83 4.71
C SER B 600 -10.13 -52.81 5.89
N GLU B 601 -10.56 -54.02 5.53
CA GLU B 601 -10.97 -55.10 6.42
C GLU B 601 -9.86 -55.88 7.08
N GLN B 602 -8.63 -55.56 6.72
CA GLN B 602 -7.45 -56.19 7.33
C GLN B 602 -6.93 -55.36 8.48
N LEU B 603 -7.72 -54.38 8.90
CA LEU B 603 -7.25 -53.43 9.90
C LEU B 603 -6.92 -54.07 11.26
N ASN B 604 -7.53 -55.23 11.51
CA ASN B 604 -7.41 -56.03 12.73
C ASN B 604 -6.01 -56.57 13.00
N ARG B 605 -5.21 -56.67 11.93
CA ARG B 605 -3.80 -57.02 12.06
C ARG B 605 -3.15 -56.00 12.98
N LEU B 606 -3.91 -54.93 13.31
CA LEU B 606 -3.46 -53.90 14.22
C LEU B 606 -3.63 -54.32 15.64
N SER B 607 -4.50 -55.29 15.88
CA SER B 607 -5.03 -55.55 17.23
C SER B 607 -3.98 -55.54 18.33
N THR B 608 -2.92 -56.31 18.11
CA THR B 608 -1.93 -56.54 19.15
C THR B 608 -0.98 -55.36 19.44
N ARG B 609 -0.74 -54.51 18.45
CA ARG B 609 0.08 -53.34 18.69
C ARG B 609 -0.67 -52.14 19.32
N ASN B 610 -1.92 -51.92 18.89
CA ASN B 610 -2.83 -50.93 19.49
C ASN B 610 -4.14 -51.55 20.02
N PRO B 611 -4.41 -51.41 21.34
CA PRO B 611 -5.51 -52.01 22.11
C PRO B 611 -6.91 -51.51 21.73
N CYS B 612 -6.96 -50.36 21.06
CA CYS B 612 -8.20 -49.64 20.80
C CYS B 612 -9.22 -50.52 20.09
N ASN B 613 -10.48 -50.23 20.32
CA ASN B 613 -11.52 -51.01 19.69
C ASN B 613 -11.61 -50.64 18.23
N ILE B 614 -11.69 -51.64 17.35
CA ILE B 614 -12.22 -51.41 16.00
C ILE B 614 -13.73 -51.78 15.91
N THR B 615 -14.31 -51.99 17.11
CA THR B 615 -15.76 -51.87 17.37
C THR B 615 -16.22 -50.41 17.19
N SER B 616 -15.24 -49.51 17.05
CA SER B 616 -15.44 -48.08 16.87
C SER B 616 -15.84 -47.63 15.46
N ARG B 617 -15.88 -46.31 15.31
CA ARG B 617 -16.06 -45.65 14.03
C ARG B 617 -14.70 -45.26 13.43
N VAL B 618 -14.43 -45.79 12.22
CA VAL B 618 -13.23 -45.43 11.46
C VAL B 618 -13.66 -44.42 10.38
N TYR B 619 -13.31 -43.17 10.62
CA TYR B 619 -13.56 -42.09 9.67
C TYR B 619 -12.48 -42.27 8.61
N GLY B 620 -12.64 -41.71 7.42
CA GLY B 620 -11.58 -41.85 6.44
C GLY B 620 -11.95 -41.61 4.99
N GLY B 621 -10.95 -41.56 4.12
CA GLY B 621 -11.17 -41.13 2.74
C GLY B 621 -9.92 -40.39 2.31
N HIS B 622 -9.99 -39.57 1.27
CA HIS B 622 -8.77 -38.85 0.87
C HIS B 622 -8.57 -37.55 1.66
N THR B 623 -7.34 -37.25 2.09
CA THR B 623 -7.07 -36.00 2.84
C THR B 623 -7.52 -34.71 2.11
N SER B 624 -8.39 -33.92 2.75
CA SER B 624 -8.70 -32.56 2.29
C SER B 624 -8.85 -31.52 3.40
N PRO B 625 -7.78 -30.77 3.67
CA PRO B 625 -7.80 -29.57 4.52
C PRO B 625 -8.92 -28.69 4.07
N THR B 626 -9.60 -28.10 5.06
CA THR B 626 -10.84 -27.34 4.91
C THR B 626 -10.61 -25.92 4.42
N PHE B 627 -9.36 -25.53 4.30
CA PHE B 627 -9.08 -24.20 3.88
C PHE B 627 -8.03 -24.13 2.79
N ASP B 628 -8.11 -23.00 2.08
CA ASP B 628 -7.25 -22.65 0.97
C ASP B 628 -5.95 -22.05 1.47
N ASN B 629 -6.05 -20.81 1.93
CA ASN B 629 -4.96 -20.06 2.52
C ASN B 629 -5.43 -19.45 3.83
N ASN B 630 -4.48 -19.07 4.69
CA ASN B 630 -4.81 -18.46 5.97
C ASN B 630 -5.72 -19.30 6.85
N GLY B 631 -5.27 -20.52 7.12
CA GLY B 631 -5.91 -21.37 8.10
C GLY B 631 -5.05 -21.58 9.33
N SER B 632 -5.29 -22.67 10.02
CA SER B 632 -4.64 -22.90 11.28
C SER B 632 -4.39 -24.37 11.43
N MET B 633 -3.77 -24.73 12.55
CA MET B 633 -3.60 -26.15 12.89
C MET B 633 -4.98 -26.80 13.02
N MET B 634 -5.22 -27.85 12.26
CA MET B 634 -6.52 -28.51 12.23
C MET B 634 -6.71 -29.55 13.35
N PHE B 635 -5.62 -30.06 13.94
CA PHE B 635 -5.70 -31.12 14.96
C PHE B 635 -4.58 -30.93 15.98
N LEU B 636 -4.92 -31.03 17.26
CA LEU B 636 -3.88 -31.10 18.27
C LEU B 636 -4.15 -32.11 19.37
N ASP B 637 -3.30 -33.12 19.49
CA ASP B 637 -3.42 -33.99 20.64
C ASP B 637 -2.11 -34.03 21.40
N MET B 638 -2.04 -33.40 22.54
CA MET B 638 -0.91 -33.58 23.43
C MET B 638 -1.07 -34.53 24.60
N SER B 639 -2.08 -35.40 24.51
CA SER B 639 -2.47 -36.23 25.65
C SER B 639 -1.44 -37.22 26.24
N TYR B 640 -1.73 -37.61 27.47
CA TYR B 640 -1.03 -38.64 28.22
C TYR B 640 0.44 -38.40 28.68
N ASN B 641 0.81 -37.12 28.79
CA ASN B 641 2.16 -36.69 29.17
C ASN B 641 2.33 -36.05 30.54
N MET B 642 3.56 -35.66 30.85
CA MET B 642 3.87 -34.92 32.07
C MET B 642 3.94 -33.41 31.79
N LEU B 643 3.53 -33.06 30.57
CA LEU B 643 3.35 -31.68 30.12
C LEU B 643 2.50 -30.94 31.16
N SER B 644 2.90 -29.74 31.58
CA SER B 644 2.19 -29.05 32.67
C SER B 644 2.20 -27.51 32.63
N GLY B 645 1.47 -26.86 33.56
CA GLY B 645 1.34 -25.40 33.58
C GLY B 645 0.14 -24.68 32.91
N TYR B 646 0.36 -23.42 32.57
CA TYR B 646 -0.67 -22.58 31.96
C TYR B 646 -0.83 -22.81 30.47
N ILE B 647 -2.02 -23.23 30.07
CA ILE B 647 -2.39 -23.22 28.66
C ILE B 647 -2.48 -21.78 28.22
N PRO B 648 -1.57 -21.35 27.35
CA PRO B 648 -1.55 -19.92 27.00
C PRO B 648 -2.82 -19.48 26.29
N LYS B 649 -3.20 -18.23 26.52
CA LYS B 649 -4.33 -17.58 25.87
C LYS B 649 -4.26 -17.77 24.35
N GLU B 650 -3.04 -17.79 23.82
CA GLU B 650 -2.83 -17.93 22.38
C GLU B 650 -3.47 -19.19 21.76
N ILE B 651 -3.77 -20.20 22.59
CA ILE B 651 -4.45 -21.42 22.15
C ILE B 651 -5.85 -21.11 21.57
N GLY B 652 -6.27 -19.85 21.63
CA GLY B 652 -7.52 -19.52 20.98
C GLY B 652 -7.39 -19.15 19.51
N SER B 653 -6.16 -19.07 19.05
CA SER B 653 -5.86 -18.44 17.77
C SER B 653 -6.02 -19.37 16.56
N MET B 654 -6.65 -20.52 16.78
CA MET B 654 -6.82 -21.58 15.75
C MET B 654 -8.29 -21.82 15.32
N PRO B 655 -8.79 -20.96 14.38
CA PRO B 655 -10.14 -21.01 13.79
C PRO B 655 -10.50 -22.40 13.28
N TYR B 656 -9.60 -23.00 12.52
CA TYR B 656 -9.91 -24.23 11.83
C TYR B 656 -9.68 -25.53 12.66
N LEU B 657 -9.33 -25.40 13.95
CA LEU B 657 -8.97 -26.56 14.77
C LEU B 657 -10.15 -27.47 15.03
N PHE B 658 -10.06 -28.73 14.60
CA PHE B 658 -11.14 -29.71 14.80
C PHE B 658 -11.17 -30.43 16.15
N ILE B 659 -10.03 -30.84 16.67
CA ILE B 659 -10.03 -31.62 17.92
C ILE B 659 -8.93 -31.13 18.84
N LEU B 660 -9.22 -30.83 20.10
CA LEU B 660 -8.13 -30.52 21.00
C LEU B 660 -8.08 -31.45 22.21
N ASN B 661 -7.09 -32.36 22.31
CA ASN B 661 -7.01 -33.22 23.51
C ASN B 661 -5.75 -32.95 24.35
N LEU B 662 -5.89 -32.23 25.45
CA LEU B 662 -4.79 -31.99 26.39
C LEU B 662 -4.87 -32.94 27.63
N GLY B 663 -5.72 -33.98 27.51
CA GLY B 663 -6.07 -34.89 28.60
C GLY B 663 -4.95 -35.61 29.32
N HIS B 664 -5.22 -36.09 30.53
CA HIS B 664 -4.22 -36.87 31.32
C HIS B 664 -2.84 -36.26 31.60
N ASN B 665 -2.78 -34.94 31.70
CA ASN B 665 -1.56 -34.27 32.06
C ASN B 665 -1.58 -33.58 33.41
N ASP B 666 -0.48 -32.93 33.71
CA ASP B 666 -0.32 -32.14 34.92
C ASP B 666 -0.60 -30.66 34.67
N ILE B 667 -1.16 -30.35 33.49
CA ILE B 667 -1.55 -28.98 33.15
C ILE B 667 -2.36 -28.34 34.27
N SER B 668 -1.95 -27.15 34.71
CA SER B 668 -2.61 -26.48 35.84
C SER B 668 -2.98 -25.04 35.52
N GLY B 669 -3.60 -24.34 36.46
CA GLY B 669 -4.09 -22.99 36.18
C GLY B 669 -5.54 -23.01 35.73
N SER B 670 -5.95 -22.01 34.95
CA SER B 670 -7.34 -21.97 34.50
C SER B 670 -7.55 -21.67 33.01
N ILE B 671 -8.59 -22.31 32.45
CA ILE B 671 -8.96 -22.22 31.04
C ILE B 671 -9.20 -20.78 30.59
N PRO B 672 -8.42 -20.29 29.63
CA PRO B 672 -8.57 -18.94 29.12
C PRO B 672 -9.90 -18.74 28.45
N ASP B 673 -10.50 -17.56 28.61
CA ASP B 673 -11.80 -17.25 28.01
C ASP B 673 -11.75 -17.52 26.50
N GLU B 674 -10.60 -17.26 25.90
CA GLU B 674 -10.43 -17.28 24.45
C GLU B 674 -10.69 -18.65 23.80
N VAL B 675 -10.80 -19.69 24.64
CA VAL B 675 -11.14 -21.07 24.23
C VAL B 675 -12.53 -21.11 23.63
N GLY B 676 -13.26 -20.00 23.77
CA GLY B 676 -14.57 -19.87 23.16
C GLY B 676 -14.45 -19.53 21.68
N ASP B 677 -13.24 -19.14 21.29
CA ASP B 677 -12.95 -18.68 19.94
C ASP B 677 -12.48 -19.80 19.01
N LEU B 678 -12.48 -21.04 19.51
CA LEU B 678 -12.18 -22.14 18.62
C LEU B 678 -13.54 -22.51 18.10
N ARG B 679 -13.91 -21.94 16.96
CA ARG B 679 -15.29 -22.03 16.52
C ARG B 679 -15.53 -23.41 15.94
N GLY B 680 -14.54 -23.86 15.15
CA GLY B 680 -14.59 -25.14 14.48
C GLY B 680 -14.22 -26.30 15.37
N LEU B 681 -14.14 -26.06 16.67
CA LEU B 681 -13.77 -27.11 17.57
C LEU B 681 -14.97 -28.06 17.78
N ASN B 682 -14.83 -29.29 17.27
CA ASN B 682 -15.81 -30.35 17.48
C ASN B 682 -15.62 -31.23 18.72
N ILE B 683 -14.37 -31.39 19.15
CA ILE B 683 -14.07 -32.27 20.29
C ILE B 683 -13.11 -31.61 21.25
N LEU B 684 -13.58 -31.34 22.46
CA LEU B 684 -12.72 -30.74 23.47
C LEU B 684 -12.47 -31.67 24.66
N ASP B 685 -11.24 -32.15 24.81
CA ASP B 685 -10.95 -32.98 25.96
C ASP B 685 -9.82 -32.42 26.82
N LEU B 686 -10.17 -31.84 27.97
CA LEU B 686 -9.22 -31.35 29.00
C LEU B 686 -9.06 -32.30 30.20
N SER B 687 -9.68 -33.47 30.11
CA SER B 687 -9.91 -34.35 31.24
C SER B 687 -8.67 -34.86 32.02
N SER B 688 -8.89 -35.27 33.27
CA SER B 688 -7.85 -35.87 34.13
C SER B 688 -6.61 -34.99 34.44
N ASN B 689 -6.86 -33.77 34.90
CA ASN B 689 -5.81 -32.78 35.19
C ASN B 689 -5.81 -32.06 36.55
N LYS B 690 -4.90 -31.10 36.64
CA LYS B 690 -4.77 -30.11 37.71
C LYS B 690 -5.38 -28.71 37.39
N LEU B 691 -6.09 -28.58 36.28
CA LEU B 691 -6.88 -27.36 36.03
C LEU B 691 -7.86 -27.07 37.17
N ASP B 692 -7.90 -25.81 37.62
CA ASP B 692 -8.79 -25.36 38.71
C ASP B 692 -9.58 -24.12 38.32
N GLY B 693 -10.32 -23.56 39.27
CA GLY B 693 -11.04 -22.32 39.03
C GLY B 693 -12.36 -22.57 38.32
N ARG B 694 -12.84 -21.57 37.59
CA ARG B 694 -14.14 -21.69 36.95
C ARG B 694 -14.08 -21.72 35.43
N ILE B 695 -15.02 -22.47 34.85
CA ILE B 695 -15.05 -22.74 33.43
C ILE B 695 -15.71 -21.61 32.66
N PRO B 696 -14.91 -20.87 31.88
CA PRO B 696 -15.15 -19.53 31.31
C PRO B 696 -16.45 -19.40 30.57
N GLN B 697 -17.14 -18.31 30.87
CA GLN B 697 -18.51 -18.10 30.45
C GLN B 697 -18.73 -18.17 28.95
N ALA B 698 -17.66 -17.87 28.22
CA ALA B 698 -17.68 -17.77 26.77
C ALA B 698 -17.65 -19.10 26.01
N MET B 699 -17.31 -20.18 26.69
CA MET B 699 -17.29 -21.50 26.08
C MET B 699 -18.66 -22.00 25.61
N SER B 700 -19.72 -21.22 25.87
CA SER B 700 -21.02 -21.51 25.27
C SER B 700 -20.90 -21.35 23.76
N ALA B 701 -19.85 -20.65 23.34
CA ALA B 701 -19.57 -20.28 21.95
C ALA B 701 -19.09 -21.40 21.04
N LEU B 702 -18.83 -22.59 21.60
CA LEU B 702 -18.43 -23.72 20.76
C LEU B 702 -19.76 -24.38 20.38
N THR B 703 -20.19 -24.06 19.16
CA THR B 703 -21.53 -24.38 18.71
C THR B 703 -21.58 -25.68 17.90
N MET B 704 -20.38 -26.16 17.51
CA MET B 704 -20.17 -27.44 16.77
C MET B 704 -19.71 -28.65 17.57
N LEU B 705 -19.38 -28.40 18.84
CA LEU B 705 -18.89 -29.42 19.75
C LEU B 705 -19.83 -30.64 19.89
N THR B 706 -19.36 -31.83 19.54
CA THR B 706 -20.14 -33.01 19.86
C THR B 706 -19.61 -33.74 21.08
N GLU B 707 -18.46 -33.33 21.59
CA GLU B 707 -17.90 -34.01 22.75
C GLU B 707 -17.12 -33.14 23.73
N ILE B 708 -17.45 -33.20 25.02
CA ILE B 708 -16.56 -32.60 26.04
C ILE B 708 -16.12 -33.63 27.09
N ASP B 709 -14.86 -33.59 27.48
CA ASP B 709 -14.52 -34.20 28.77
C ASP B 709 -13.65 -33.25 29.59
N LEU B 710 -14.28 -32.64 30.60
CA LEU B 710 -13.60 -31.79 31.61
C LEU B 710 -13.33 -32.54 32.93
N SER B 711 -13.64 -33.83 32.92
CA SER B 711 -13.57 -34.66 34.11
C SER B 711 -12.20 -34.79 34.74
N ASN B 712 -12.22 -35.05 36.03
CA ASN B 712 -11.05 -35.29 36.88
C ASN B 712 -10.08 -34.15 37.10
N ASN B 713 -10.66 -32.97 37.36
CA ASN B 713 -9.93 -31.74 37.67
C ASN B 713 -10.23 -31.10 39.04
N ASN B 714 -9.52 -30.01 39.31
CA ASN B 714 -9.74 -29.16 40.48
C ASN B 714 -10.67 -28.03 40.08
N LEU B 715 -11.20 -28.10 38.86
CA LEU B 715 -12.18 -27.13 38.39
C LEU B 715 -13.33 -27.01 39.40
N SER B 716 -13.65 -25.78 39.74
CA SER B 716 -14.65 -25.53 40.75
C SER B 716 -15.66 -24.52 40.27
N GLY B 717 -16.55 -24.16 41.19
CA GLY B 717 -17.55 -23.14 40.99
C GLY B 717 -18.80 -23.59 40.27
N PRO B 718 -19.83 -22.74 40.26
CA PRO B 718 -21.00 -23.17 39.49
C PRO B 718 -20.62 -23.03 38.06
N ILE B 719 -21.14 -23.93 37.24
CA ILE B 719 -20.73 -23.99 35.84
C ILE B 719 -21.48 -22.99 34.97
N PRO B 720 -20.75 -22.09 34.27
CA PRO B 720 -21.26 -20.94 33.50
C PRO B 720 -21.62 -21.17 32.01
N GLU B 721 -22.64 -21.99 31.73
CA GLU B 721 -22.90 -22.41 30.35
C GLU B 721 -24.38 -22.53 29.82
N MET B 722 -24.68 -21.72 28.81
CA MET B 722 -25.99 -21.67 28.15
C MET B 722 -26.22 -22.75 27.09
N GLY B 723 -25.65 -22.56 25.89
CA GLY B 723 -25.98 -23.42 24.76
C GLY B 723 -24.95 -24.48 24.40
N GLN B 724 -25.40 -25.51 23.67
CA GLN B 724 -24.59 -26.70 23.30
C GLN B 724 -24.09 -27.58 24.50
N PHE B 725 -24.14 -27.02 25.71
CA PHE B 725 -23.70 -27.69 26.94
C PHE B 725 -24.66 -28.67 27.59
N GLU B 726 -25.94 -28.34 27.52
CA GLU B 726 -26.99 -29.05 28.25
C GLU B 726 -27.20 -30.44 27.65
N THR B 727 -26.51 -30.64 26.54
CA THR B 727 -26.57 -31.85 25.74
C THR B 727 -25.54 -32.91 26.17
N PHE B 728 -24.68 -32.55 27.12
CA PHE B 728 -23.56 -33.40 27.51
C PHE B 728 -23.72 -34.14 28.78
N PRO B 729 -23.92 -35.47 28.69
CA PRO B 729 -24.17 -36.30 29.86
C PRO B 729 -23.18 -35.93 30.96
N PRO B 730 -23.65 -35.87 32.21
CA PRO B 730 -22.94 -35.27 33.34
C PRO B 730 -21.73 -36.09 33.78
N ALA B 731 -21.69 -37.35 33.34
CA ALA B 731 -20.56 -38.21 33.63
C ALA B 731 -19.33 -37.40 33.27
N LYS B 732 -19.36 -36.82 32.07
CA LYS B 732 -18.21 -36.09 31.51
C LYS B 732 -17.83 -34.82 32.30
N PHE B 733 -18.65 -34.45 33.29
CA PHE B 733 -18.19 -33.45 34.27
C PHE B 733 -17.74 -33.95 35.65
N LEU B 734 -17.75 -35.27 35.85
CA LEU B 734 -17.46 -35.88 37.16
C LEU B 734 -16.07 -35.57 37.71
N ASN B 735 -15.93 -35.72 39.02
CA ASN B 735 -14.67 -35.48 39.73
C ASN B 735 -14.11 -34.05 39.71
N ASN B 736 -15.01 -33.09 39.81
CA ASN B 736 -14.65 -31.73 40.18
C ASN B 736 -15.44 -31.35 41.43
N PRO B 737 -14.88 -31.65 42.63
CA PRO B 737 -15.58 -31.44 43.89
C PRO B 737 -16.22 -30.05 43.95
N GLY B 738 -15.56 -29.07 43.36
CA GLY B 738 -16.08 -27.72 43.33
C GLY B 738 -17.09 -27.42 42.23
N LEU B 739 -17.60 -28.44 41.54
CA LEU B 739 -18.52 -28.17 40.42
C LEU B 739 -20.01 -28.22 40.78
N CYS B 740 -20.81 -27.29 40.24
CA CYS B 740 -22.24 -27.23 40.56
C CYS B 740 -23.12 -27.97 39.54
N ASN C 1 -28.48 -46.53 4.00
CA ASN C 1 -29.58 -46.65 4.94
C ASN C 1 -30.52 -45.46 4.84
N ALA C 2 -31.72 -45.61 5.37
CA ALA C 2 -32.74 -44.56 5.24
C ALA C 2 -32.30 -43.28 5.94
N GLU C 3 -31.43 -43.43 6.94
CA GLU C 3 -30.93 -42.27 7.68
C GLU C 3 -30.05 -41.36 6.82
N GLY C 4 -29.04 -41.95 6.17
CA GLY C 4 -28.15 -41.22 5.28
C GLY C 4 -28.97 -40.55 4.21
N ASP C 5 -30.00 -41.25 3.74
CA ASP C 5 -30.94 -40.70 2.78
C ASP C 5 -31.62 -39.46 3.33
N ALA C 6 -32.12 -39.59 4.56
CA ALA C 6 -32.84 -38.51 5.22
C ALA C 6 -31.96 -37.27 5.29
N LEU C 7 -30.87 -37.41 6.04
CA LEU C 7 -29.95 -36.31 6.23
C LEU C 7 -29.50 -35.71 4.90
N SER C 8 -29.38 -36.59 3.88
CA SER C 8 -29.09 -36.14 2.51
C SER C 8 -30.15 -35.15 2.07
N ALA C 9 -31.41 -35.57 2.15
CA ALA C 9 -32.53 -34.71 1.72
C ALA C 9 -32.40 -33.38 2.39
N LEU C 10 -31.92 -33.41 3.63
CA LEU C 10 -31.66 -32.15 4.36
C LEU C 10 -30.50 -31.33 3.76
N LYS C 11 -29.43 -32.00 3.37
CA LYS C 11 -28.28 -31.34 2.78
C LYS C 11 -28.75 -30.64 1.51
N ASN C 12 -29.78 -31.21 0.88
CA ASN C 12 -30.39 -30.60 -0.31
C ASN C 12 -31.33 -29.41 -0.08
N SER C 13 -32.26 -29.51 0.88
CA SER C 13 -33.15 -28.39 1.16
C SER C 13 -32.38 -27.20 1.74
N LEU C 14 -31.39 -27.53 2.54
CA LEU C 14 -30.48 -26.54 3.11
C LEU C 14 -29.54 -25.94 2.05
N ALA C 15 -28.88 -24.83 2.36
CA ALA C 15 -27.78 -24.29 1.55
C ALA C 15 -26.60 -24.04 2.47
N ASP C 16 -25.44 -24.56 2.12
CA ASP C 16 -24.34 -24.69 3.09
C ASP C 16 -23.19 -23.80 2.66
N PRO C 17 -23.32 -22.50 2.91
CA PRO C 17 -22.42 -21.49 2.37
C PRO C 17 -21.07 -21.59 3.05
N ASN C 18 -21.04 -22.21 4.22
CA ASN C 18 -19.78 -22.46 4.88
C ASN C 18 -19.26 -23.89 4.65
N LYS C 19 -19.95 -24.65 3.82
CA LYS C 19 -19.50 -26.02 3.44
C LYS C 19 -19.34 -26.92 4.67
N VAL C 20 -20.32 -26.87 5.56
CA VAL C 20 -20.32 -27.67 6.78
C VAL C 20 -20.80 -29.08 6.47
N LEU C 21 -21.74 -29.13 5.54
CA LEU C 21 -22.35 -30.41 5.18
C LEU C 21 -21.54 -31.15 4.11
N GLN C 22 -20.37 -30.61 3.78
CA GLN C 22 -19.53 -31.17 2.71
C GLN C 22 -19.29 -32.63 2.87
N SER C 23 -18.92 -33.02 4.07
CA SER C 23 -18.53 -34.40 4.33
C SER C 23 -19.69 -35.38 4.32
N TRP C 24 -20.92 -34.88 4.26
CA TRP C 24 -22.08 -35.78 4.24
C TRP C 24 -22.04 -36.47 2.88
N ASP C 25 -21.96 -37.78 2.91
CA ASP C 25 -21.54 -38.53 1.73
C ASP C 25 -22.68 -39.45 1.37
N ALA C 26 -23.41 -39.19 0.30
CA ALA C 26 -24.58 -40.03 0.07
C ALA C 26 -24.24 -41.44 -0.45
N THR C 27 -23.01 -41.64 -0.92
CA THR C 27 -22.63 -42.94 -1.44
C THR C 27 -22.30 -43.92 -0.33
N LEU C 28 -21.95 -43.37 0.82
CA LEU C 28 -21.47 -44.11 1.97
C LEU C 28 -22.45 -45.16 2.49
N VAL C 29 -21.95 -46.15 3.23
CA VAL C 29 -22.81 -47.17 3.89
C VAL C 29 -23.93 -46.67 4.84
N THR C 30 -23.55 -45.73 5.71
CA THR C 30 -24.34 -45.16 6.79
C THR C 30 -23.86 -43.74 6.84
N PRO C 31 -24.68 -42.78 7.36
CA PRO C 31 -24.01 -41.49 7.41
C PRO C 31 -23.28 -41.31 8.73
N CYS C 32 -22.64 -42.36 9.27
CA CYS C 32 -22.17 -42.30 10.65
C CYS C 32 -20.90 -41.51 10.80
N THR C 33 -20.24 -41.35 9.66
CA THR C 33 -18.94 -40.73 9.52
C THR C 33 -19.03 -39.27 9.13
N TRP C 34 -20.25 -38.76 8.95
CA TRP C 34 -20.40 -37.40 8.49
C TRP C 34 -20.03 -36.47 9.60
N PHE C 35 -19.62 -35.28 9.23
CA PHE C 35 -19.21 -34.37 10.24
C PHE C 35 -20.42 -33.78 10.90
N HIS C 36 -20.31 -33.65 12.21
CA HIS C 36 -21.34 -33.07 13.05
C HIS C 36 -22.53 -34.04 13.22
N VAL C 37 -22.70 -35.00 12.31
CA VAL C 37 -23.64 -36.10 12.55
C VAL C 37 -22.89 -37.11 13.41
N THR C 38 -23.57 -37.75 14.35
CA THR C 38 -22.97 -38.81 15.15
C THR C 38 -23.91 -40.01 15.29
N CYS C 39 -23.40 -41.12 15.82
CA CYS C 39 -24.23 -42.31 15.99
C CYS C 39 -24.07 -42.99 17.33
N ASN C 40 -24.89 -44.01 17.52
CA ASN C 40 -24.79 -44.86 18.69
C ASN C 40 -23.85 -46.00 18.36
N SER C 41 -23.68 -46.92 19.29
CA SER C 41 -22.80 -48.03 19.02
C SER C 41 -23.43 -48.91 17.96
N ASP C 42 -24.72 -48.72 17.71
CA ASP C 42 -25.39 -49.58 16.75
C ASP C 42 -25.53 -49.00 15.35
N ASN C 43 -24.88 -47.86 15.10
CA ASN C 43 -24.96 -47.17 13.79
C ASN C 43 -26.35 -46.62 13.42
N SER C 44 -26.94 -45.86 14.35
CA SER C 44 -28.11 -45.01 14.12
C SER C 44 -27.76 -43.59 14.57
N VAL C 45 -28.38 -42.56 13.99
CA VAL C 45 -27.95 -41.19 14.27
C VAL C 45 -28.42 -40.78 15.64
N THR C 46 -27.53 -40.45 16.57
CA THR C 46 -28.05 -39.80 17.77
C THR C 46 -27.91 -38.30 17.80
N ARG C 47 -27.14 -37.71 16.93
CA ARG C 47 -27.04 -36.25 16.99
C ARG C 47 -26.89 -35.72 15.58
N VAL C 48 -27.29 -34.48 15.35
CA VAL C 48 -26.86 -33.77 14.17
C VAL C 48 -26.60 -32.43 14.76
N ASP C 49 -25.37 -31.97 14.88
CA ASP C 49 -25.23 -30.64 15.48
C ASP C 49 -24.74 -29.75 14.41
N LEU C 50 -25.68 -29.04 13.82
CA LEU C 50 -25.46 -28.02 12.82
C LEU C 50 -25.54 -26.70 13.55
N GLY C 51 -25.46 -26.74 14.89
CA GLY C 51 -25.70 -25.54 15.68
C GLY C 51 -24.80 -24.37 15.31
N ASN C 52 -25.45 -23.30 14.84
CA ASN C 52 -24.77 -22.16 14.20
C ASN C 52 -23.92 -22.63 13.03
N ALA C 53 -24.58 -23.09 11.97
CA ALA C 53 -23.87 -23.55 10.79
C ALA C 53 -23.83 -22.43 9.76
N ASN C 54 -24.41 -21.30 10.11
CA ASN C 54 -24.57 -20.19 9.18
C ASN C 54 -25.31 -20.66 7.93
N LEU C 55 -26.04 -21.76 8.10
CA LEU C 55 -26.69 -22.43 6.98
C LEU C 55 -28.13 -21.99 6.82
N SER C 56 -28.59 -21.90 5.59
CA SER C 56 -29.89 -21.32 5.31
C SER C 56 -30.64 -22.38 4.55
N GLY C 57 -31.96 -22.25 4.41
CA GLY C 57 -32.68 -23.25 3.62
C GLY C 57 -34.00 -23.54 4.30
N GLN C 58 -34.67 -24.63 3.93
CA GLN C 58 -35.84 -25.06 4.68
C GLN C 58 -35.53 -26.36 5.39
N LEU C 59 -36.21 -26.67 6.48
CA LEU C 59 -36.07 -28.02 7.06
C LEU C 59 -36.80 -29.00 6.13
N VAL C 60 -36.79 -30.30 6.43
CA VAL C 60 -37.53 -31.23 5.55
C VAL C 60 -38.09 -32.51 6.19
N MET C 61 -39.16 -33.02 5.58
CA MET C 61 -39.99 -34.04 6.24
C MET C 61 -39.23 -35.31 6.49
N GLN C 62 -38.34 -35.68 5.59
CA GLN C 62 -37.57 -36.90 5.81
C GLN C 62 -36.79 -36.82 7.13
N LEU C 63 -36.73 -35.63 7.74
CA LEU C 63 -35.96 -35.42 8.95
C LEU C 63 -36.52 -36.29 10.05
N GLY C 64 -37.67 -36.90 9.77
CA GLY C 64 -38.34 -37.71 10.77
C GLY C 64 -37.82 -39.12 10.78
N GLN C 65 -36.91 -39.38 9.87
CA GLN C 65 -36.50 -40.74 9.60
C GLN C 65 -35.48 -41.21 10.63
N LEU C 66 -35.21 -40.40 11.64
CA LEU C 66 -34.09 -40.68 12.52
C LEU C 66 -34.58 -41.03 13.92
N PRO C 67 -35.20 -42.21 14.05
CA PRO C 67 -35.98 -42.54 15.24
C PRO C 67 -35.09 -42.66 16.44
N ASN C 68 -33.80 -42.77 16.20
CA ASN C 68 -32.93 -42.79 17.35
C ASN C 68 -32.23 -41.49 17.70
N LEU C 69 -32.58 -40.45 16.96
CA LEU C 69 -32.03 -39.13 17.18
C LEU C 69 -32.32 -38.73 18.62
N GLN C 70 -31.32 -38.20 19.31
CA GLN C 70 -31.65 -37.64 20.58
C GLN C 70 -31.54 -36.15 20.45
N TYR C 71 -30.34 -35.61 20.42
CA TYR C 71 -30.17 -34.15 20.47
C TYR C 71 -30.06 -33.65 19.03
N LEU C 72 -30.86 -32.65 18.65
CA LEU C 72 -30.82 -32.14 17.28
C LEU C 72 -30.70 -30.66 17.36
N GLU C 73 -29.57 -30.09 17.00
CA GLU C 73 -29.52 -28.65 17.12
C GLU C 73 -29.30 -27.96 15.78
N LEU C 74 -30.35 -27.46 15.20
CA LEU C 74 -30.30 -26.76 13.94
C LEU C 74 -30.20 -25.30 14.30
N TYR C 75 -29.97 -25.05 15.57
CA TYR C 75 -30.22 -23.73 16.10
C TYR C 75 -29.31 -22.60 15.62
N SER C 76 -29.87 -21.40 15.58
CA SER C 76 -29.17 -20.15 15.26
C SER C 76 -28.64 -20.09 13.83
N ASN C 77 -29.54 -20.38 12.91
CA ASN C 77 -29.19 -20.32 11.51
C ASN C 77 -30.08 -19.34 10.80
N ASN C 78 -29.90 -19.27 9.49
CA ASN C 78 -30.74 -18.50 8.61
C ASN C 78 -31.86 -19.35 8.01
N ILE C 79 -32.14 -20.51 8.62
CA ILE C 79 -33.23 -21.41 8.16
C ILE C 79 -34.64 -20.77 8.09
N THR C 80 -35.27 -20.82 6.92
CA THR C 80 -36.66 -20.42 6.72
C THR C 80 -37.48 -21.69 6.67
N GLY C 81 -38.77 -21.56 6.41
CA GLY C 81 -39.63 -22.73 6.30
C GLY C 81 -40.41 -22.99 7.57
N THR C 82 -41.25 -24.02 7.57
CA THR C 82 -42.04 -24.38 8.74
C THR C 82 -41.43 -25.60 9.47
N ILE C 83 -41.97 -25.95 10.63
CA ILE C 83 -41.47 -27.10 11.39
C ILE C 83 -42.30 -28.31 11.02
N PRO C 84 -41.68 -29.28 10.34
CA PRO C 84 -42.40 -30.42 9.75
C PRO C 84 -43.07 -31.25 10.84
N GLU C 85 -44.30 -31.70 10.63
CA GLU C 85 -44.97 -32.36 11.74
C GLU C 85 -44.49 -33.80 11.92
N GLN C 86 -43.72 -34.26 10.95
CA GLN C 86 -43.09 -35.56 11.11
C GLN C 86 -41.86 -35.43 12.02
N LEU C 87 -41.52 -34.20 12.45
CA LEU C 87 -40.54 -34.01 13.54
C LEU C 87 -41.04 -34.80 14.76
N GLY C 88 -42.36 -34.85 14.90
CA GLY C 88 -43.01 -35.67 15.90
C GLY C 88 -42.78 -37.16 15.71
N ASN C 89 -42.60 -37.59 14.47
CA ASN C 89 -42.30 -39.00 14.25
C ASN C 89 -40.92 -39.35 14.78
N LEU C 90 -40.14 -38.36 15.23
CA LEU C 90 -38.90 -38.69 15.90
C LEU C 90 -39.24 -38.86 17.33
N THR C 91 -39.36 -40.12 17.69
CA THR C 91 -40.00 -40.52 18.93
C THR C 91 -39.06 -40.37 20.10
N GLU C 92 -37.87 -40.90 19.95
CA GLU C 92 -36.84 -40.53 20.87
C GLU C 92 -36.59 -39.07 20.54
N LEU C 93 -36.01 -38.36 21.49
CA LEU C 93 -35.52 -37.01 21.33
C LEU C 93 -35.09 -36.67 22.75
N VAL C 94 -34.27 -35.66 22.94
CA VAL C 94 -34.07 -35.15 24.26
C VAL C 94 -34.28 -33.74 23.94
N SER C 95 -33.30 -33.12 23.28
CA SER C 95 -33.38 -31.69 23.05
C SER C 95 -33.81 -31.44 21.62
N LEU C 96 -34.71 -30.48 21.44
CA LEU C 96 -35.01 -30.02 20.10
C LEU C 96 -34.72 -28.54 20.08
N ASP C 97 -33.63 -28.11 19.44
CA ASP C 97 -33.35 -26.68 19.40
C ASP C 97 -33.45 -26.12 18.00
N LEU C 98 -34.59 -25.51 17.72
CA LEU C 98 -34.82 -24.78 16.51
C LEU C 98 -34.59 -23.30 16.80
N TYR C 99 -34.01 -23.00 17.97
CA TYR C 99 -33.95 -21.61 18.41
C TYR C 99 -33.11 -20.66 17.57
N LEU C 100 -33.50 -19.39 17.60
CA LEU C 100 -32.86 -18.29 16.87
C LEU C 100 -32.96 -18.33 15.35
N ASN C 101 -34.06 -18.83 14.82
CA ASN C 101 -34.18 -18.92 13.37
C ASN C 101 -35.34 -18.11 12.79
N ASN C 102 -35.49 -18.15 11.49
CA ASN C 102 -36.61 -17.52 10.82
C ASN C 102 -37.76 -18.42 10.42
N LEU C 103 -37.74 -19.64 10.98
CA LEU C 103 -38.76 -20.66 10.78
C LEU C 103 -40.12 -20.04 10.97
N SER C 104 -41.03 -20.20 10.01
CA SER C 104 -42.35 -19.56 10.10
C SER C 104 -43.48 -20.56 10.20
N GLY C 105 -44.60 -20.15 10.83
CA GLY C 105 -45.74 -21.04 10.97
C GLY C 105 -46.00 -21.61 12.35
N PRO C 106 -46.87 -22.63 12.41
CA PRO C 106 -47.45 -23.22 13.62
C PRO C 106 -46.46 -24.01 14.39
N ILE C 107 -46.51 -23.97 15.72
CA ILE C 107 -45.75 -24.95 16.48
C ILE C 107 -46.57 -26.25 16.43
N PRO C 108 -46.09 -27.25 15.70
CA PRO C 108 -46.98 -28.36 15.32
C PRO C 108 -47.37 -29.19 16.53
N SER C 109 -48.63 -29.59 16.62
CA SER C 109 -49.13 -30.31 17.79
C SER C 109 -48.44 -31.66 18.01
N THR C 110 -47.74 -32.12 16.98
CA THR C 110 -47.13 -33.44 16.97
C THR C 110 -45.98 -33.54 17.92
N LEU C 111 -45.43 -32.41 18.35
CA LEU C 111 -44.43 -32.42 19.40
C LEU C 111 -45.03 -33.01 20.70
N GLY C 112 -46.36 -33.13 20.78
CA GLY C 112 -46.97 -33.77 21.92
C GLY C 112 -46.63 -35.25 22.01
N ARG C 113 -45.99 -35.78 20.96
CA ARG C 113 -45.63 -37.19 20.83
C ARG C 113 -44.26 -37.59 21.38
N LEU C 114 -43.43 -36.61 21.70
CA LEU C 114 -42.10 -36.93 22.16
C LEU C 114 -42.14 -36.84 23.65
N LYS C 115 -42.33 -38.00 24.27
CA LYS C 115 -42.55 -38.06 25.69
C LYS C 115 -41.20 -37.91 26.37
N LYS C 116 -40.16 -38.33 25.64
CA LYS C 116 -38.82 -38.36 26.18
C LYS C 116 -38.14 -37.00 26.11
N LEU C 117 -38.73 -36.10 25.30
CA LEU C 117 -38.12 -34.82 25.01
C LEU C 117 -37.80 -34.09 26.34
N ARG C 118 -36.53 -33.81 26.59
CA ARG C 118 -36.16 -33.05 27.76
C ARG C 118 -35.94 -31.57 27.53
N PHE C 119 -35.87 -31.15 26.28
CA PHE C 119 -35.61 -29.72 25.97
C PHE C 119 -36.37 -29.21 24.75
N LEU C 120 -36.98 -28.02 24.85
CA LEU C 120 -37.57 -27.42 23.65
C LEU C 120 -37.16 -25.97 23.56
N ARG C 121 -36.38 -25.56 22.56
CA ARG C 121 -36.27 -24.14 22.29
C ARG C 121 -36.74 -23.86 20.89
N LEU C 122 -37.94 -23.33 20.81
CA LEU C 122 -38.50 -22.79 19.57
C LEU C 122 -38.28 -21.28 19.55
N ASN C 123 -37.48 -20.84 20.53
CA ASN C 123 -37.16 -19.46 20.88
C ASN C 123 -36.68 -18.53 19.75
N ASN C 124 -36.93 -17.24 19.92
CA ASN C 124 -36.31 -16.19 19.10
C ASN C 124 -36.55 -16.30 17.62
N ASN C 125 -37.52 -17.12 17.24
CA ASN C 125 -37.96 -17.33 15.87
C ASN C 125 -39.02 -16.33 15.39
N SER C 126 -39.60 -16.59 14.23
CA SER C 126 -40.94 -16.09 13.98
C SER C 126 -41.92 -17.26 13.70
N LEU C 127 -42.69 -17.63 14.72
CA LEU C 127 -43.68 -18.71 14.61
C LEU C 127 -45.10 -18.11 14.75
N SER C 128 -46.10 -18.80 14.19
CA SER C 128 -47.43 -18.25 14.11
C SER C 128 -48.46 -19.29 14.56
N GLY C 129 -49.15 -19.04 15.67
CA GLY C 129 -50.09 -20.03 16.17
C GLY C 129 -50.29 -20.16 17.69
N GLU C 130 -50.80 -21.33 18.08
CA GLU C 130 -51.44 -21.54 19.38
C GLU C 130 -50.60 -21.83 20.67
N ILE C 131 -49.54 -22.62 20.51
CA ILE C 131 -49.05 -23.68 21.44
C ILE C 131 -49.89 -24.92 21.15
N PRO C 132 -49.30 -26.13 21.25
CA PRO C 132 -50.17 -27.28 20.99
C PRO C 132 -51.09 -27.71 22.12
N ARG C 133 -50.73 -27.41 23.36
CA ARG C 133 -51.48 -27.83 24.57
C ARG C 133 -51.36 -29.37 24.73
N SER C 134 -50.78 -30.00 23.72
CA SER C 134 -50.37 -31.40 23.72
C SER C 134 -48.97 -31.38 24.28
N LEU C 135 -48.51 -30.16 24.54
CA LEU C 135 -47.24 -29.90 25.22
C LEU C 135 -47.44 -29.82 26.73
N THR C 136 -48.70 -29.91 27.15
CA THR C 136 -48.97 -30.20 28.53
C THR C 136 -48.66 -31.72 28.69
N ALA C 137 -48.74 -32.46 27.59
CA ALA C 137 -48.70 -33.94 27.65
C ALA C 137 -47.40 -34.51 28.12
N VAL C 138 -46.34 -33.79 27.81
CA VAL C 138 -45.01 -34.38 27.78
C VAL C 138 -44.31 -34.55 29.15
N LEU C 139 -44.34 -33.52 30.00
CA LEU C 139 -43.97 -33.66 31.43
C LEU C 139 -42.47 -33.68 31.81
N THR C 140 -41.58 -33.86 30.83
CA THR C 140 -40.15 -33.98 31.12
C THR C 140 -39.45 -32.64 31.16
N LEU C 141 -39.18 -32.09 29.97
CA LEU C 141 -39.03 -30.65 29.69
C LEU C 141 -38.48 -29.98 30.89
N GLN C 142 -37.28 -30.34 31.28
CA GLN C 142 -36.76 -29.75 32.47
C GLN C 142 -36.50 -28.28 32.11
N VAL C 143 -36.43 -27.99 30.80
CA VAL C 143 -36.49 -26.62 30.27
C VAL C 143 -37.20 -26.50 28.90
N LEU C 144 -38.04 -25.45 28.78
CA LEU C 144 -38.63 -24.91 27.53
C LEU C 144 -38.55 -23.38 27.47
N ASP C 145 -37.77 -22.86 26.53
CA ASP C 145 -37.57 -21.41 26.31
C ASP C 145 -38.32 -20.79 25.16
N LEU C 146 -39.30 -21.46 24.54
CA LEU C 146 -39.97 -20.77 23.40
C LEU C 146 -40.47 -19.37 23.82
N SER C 147 -39.78 -18.37 23.28
CA SER C 147 -40.04 -17.03 23.72
C SER C 147 -40.14 -16.27 22.44
N ASN C 148 -39.06 -15.70 22.00
CA ASN C 148 -39.17 -14.46 21.26
C ASN C 148 -39.99 -14.40 19.96
N ASN C 149 -40.60 -15.51 19.54
CA ASN C 149 -41.59 -15.48 18.43
C ASN C 149 -43.11 -15.38 18.80
N PRO C 150 -43.87 -14.58 18.02
CA PRO C 150 -45.27 -14.14 18.09
C PRO C 150 -46.39 -15.18 17.81
N LEU C 151 -46.95 -15.75 18.88
CA LEU C 151 -48.00 -16.81 18.83
C LEU C 151 -49.32 -16.40 19.51
N THR C 152 -49.21 -16.13 20.81
CA THR C 152 -50.32 -15.85 21.71
C THR C 152 -51.41 -16.90 21.83
N GLY C 153 -52.61 -16.37 22.05
CA GLY C 153 -53.82 -17.15 22.29
C GLY C 153 -54.07 -17.53 23.75
N ASP C 154 -53.02 -17.75 24.52
CA ASP C 154 -53.04 -17.90 26.00
C ASP C 154 -51.70 -18.49 26.42
N ILE C 155 -51.43 -18.61 27.73
CA ILE C 155 -50.31 -19.44 28.20
C ILE C 155 -50.77 -20.58 29.11
N PRO C 156 -50.78 -21.83 28.61
CA PRO C 156 -51.31 -22.91 29.47
C PRO C 156 -50.64 -23.18 30.82
N VAL C 157 -51.50 -23.42 31.82
CA VAL C 157 -51.17 -24.18 33.03
C VAL C 157 -51.77 -25.64 33.04
N ASN C 158 -52.34 -26.11 31.91
CA ASN C 158 -52.97 -27.46 31.74
C ASN C 158 -52.04 -28.57 32.31
N GLY C 159 -50.86 -28.15 32.75
CA GLY C 159 -50.05 -28.86 33.73
C GLY C 159 -48.65 -29.40 33.53
N SER C 160 -48.22 -29.64 32.30
CA SER C 160 -46.88 -30.13 32.06
C SER C 160 -46.10 -28.89 32.31
N PHE C 161 -46.81 -27.79 32.15
CA PHE C 161 -46.28 -26.45 32.19
C PHE C 161 -46.34 -25.87 33.58
N SER C 162 -46.69 -26.70 34.52
CA SER C 162 -46.78 -26.24 35.88
C SER C 162 -45.43 -25.72 36.30
N LEU C 163 -44.39 -26.40 35.88
CA LEU C 163 -43.02 -26.10 36.31
C LEU C 163 -42.38 -24.83 35.76
N PHE C 164 -42.99 -24.16 34.81
CA PHE C 164 -42.36 -23.00 34.20
C PHE C 164 -42.57 -21.60 34.75
N THR C 165 -41.49 -20.84 34.75
CA THR C 165 -41.52 -19.45 35.09
C THR C 165 -42.12 -18.93 33.84
N PRO C 166 -42.50 -17.68 33.82
CA PRO C 166 -43.11 -17.06 32.64
C PRO C 166 -42.04 -16.49 31.75
N ILE C 167 -40.79 -16.62 32.15
CA ILE C 167 -39.68 -16.05 31.41
C ILE C 167 -39.60 -16.84 30.16
N SER C 168 -40.38 -17.89 30.10
CA SER C 168 -40.39 -18.71 28.93
C SER C 168 -41.44 -18.20 27.99
N PHE C 169 -41.96 -17.01 28.22
CA PHE C 169 -42.95 -16.53 27.28
C PHE C 169 -42.70 -15.20 26.53
N ALA C 170 -42.13 -14.21 27.18
CA ALA C 170 -41.47 -13.09 26.53
C ALA C 170 -42.06 -12.39 25.32
N ASN C 171 -43.32 -12.01 25.32
CA ASN C 171 -43.89 -11.32 24.18
C ASN C 171 -44.80 -12.15 23.27
N THR C 172 -44.73 -13.45 23.33
CA THR C 172 -45.61 -14.18 22.47
C THR C 172 -46.97 -13.47 22.21
N LYS C 173 -47.10 -12.18 22.52
CA LYS C 173 -48.40 -11.52 22.49
C LYS C 173 -49.46 -12.31 23.27
N LEU C 174 -49.10 -12.86 24.44
CA LEU C 174 -49.73 -14.06 25.03
C LEU C 174 -51.03 -13.97 25.91
N THR C 175 -50.90 -13.45 27.14
CA THR C 175 -51.95 -13.44 28.17
C THR C 175 -51.37 -12.87 29.49
N ASN D 1 28.21 46.58 -3.84
CA ASN D 1 29.67 46.60 -3.94
C ASN D 1 30.17 45.68 -5.03
N ALA D 2 31.42 45.82 -5.42
CA ALA D 2 31.96 44.98 -6.49
C ALA D 2 31.99 43.52 -6.07
N GLU D 3 32.11 43.29 -4.77
CA GLU D 3 32.20 41.92 -4.25
C GLU D 3 30.91 41.11 -4.51
N GLY D 4 29.76 41.70 -4.13
CA GLY D 4 28.47 41.10 -4.38
C GLY D 4 28.29 40.85 -5.87
N ASP D 5 28.81 41.78 -6.68
CA ASP D 5 28.76 41.64 -8.12
C ASP D 5 29.49 40.37 -8.51
N ALA D 6 30.68 40.21 -7.95
CA ALA D 6 31.50 39.05 -8.25
C ALA D 6 30.74 37.76 -7.94
N LEU D 7 30.47 37.55 -6.65
CA LEU D 7 29.80 36.34 -6.21
C LEU D 7 28.51 36.09 -6.97
N SER D 8 27.85 37.17 -7.39
CA SER D 8 26.70 37.06 -8.27
C SER D 8 27.13 36.33 -9.54
N ALA D 9 28.19 36.83 -10.17
CA ALA D 9 28.67 36.23 -11.41
C ALA D 9 28.88 34.75 -11.20
N LEU D 10 29.34 34.40 -9.99
CA LEU D 10 29.47 32.97 -9.65
C LEU D 10 28.13 32.22 -9.57
N LYS D 11 27.11 32.85 -8.97
CA LYS D 11 25.77 32.25 -8.85
C LYS D 11 25.18 31.98 -10.21
N ASN D 12 25.59 32.76 -11.21
CA ASN D 12 25.26 32.51 -12.61
C ASN D 12 26.05 31.39 -13.31
N SER D 13 27.37 31.41 -13.18
CA SER D 13 28.18 30.37 -13.82
C SER D 13 27.86 29.01 -13.19
N LEU D 14 27.63 29.02 -11.88
CA LEU D 14 27.22 27.83 -11.14
C LEU D 14 25.82 27.41 -11.50
N ALA D 15 25.45 26.20 -11.07
CA ALA D 15 24.09 25.72 -11.17
C ALA D 15 23.70 25.22 -9.80
N ASP D 16 22.59 25.69 -9.25
CA ASP D 16 22.36 25.49 -7.81
C ASP D 16 21.13 24.63 -7.57
N PRO D 17 21.26 23.32 -7.76
CA PRO D 17 20.10 22.43 -7.75
C PRO D 17 19.54 22.25 -6.35
N ASN D 18 20.37 22.44 -5.34
CA ASN D 18 19.92 22.38 -3.97
C ASN D 18 19.64 23.77 -3.38
N LYS D 19 19.75 24.75 -4.26
CA LYS D 19 19.39 26.15 -3.99
C LYS D 19 20.09 26.72 -2.77
N VAL D 20 21.39 26.49 -2.71
CA VAL D 20 22.19 27.01 -1.61
C VAL D 20 22.49 28.49 -1.82
N LEU D 21 22.59 28.88 -3.08
CA LEU D 21 22.89 30.25 -3.43
C LEU D 21 21.65 31.13 -3.50
N GLN D 22 20.49 30.56 -3.15
CA GLN D 22 19.19 31.23 -3.30
C GLN D 22 19.21 32.56 -2.59
N SER D 23 19.76 32.55 -1.37
CA SER D 23 19.77 33.73 -0.51
C SER D 23 20.68 34.83 -1.02
N TRP D 24 21.51 34.52 -2.00
CA TRP D 24 22.38 35.53 -2.53
C TRP D 24 21.45 36.48 -3.26
N ASP D 25 21.47 37.75 -2.86
CA ASP D 25 20.45 38.73 -3.23
C ASP D 25 21.16 39.84 -3.97
N ALA D 26 20.93 39.96 -5.27
CA ALA D 26 21.71 40.89 -6.06
C ALA D 26 21.36 42.38 -5.88
N THR D 27 20.22 42.67 -5.29
CA THR D 27 19.87 44.06 -5.05
C THR D 27 20.55 44.61 -3.81
N LEU D 28 20.90 43.70 -2.91
CA LEU D 28 21.45 44.06 -1.62
C LEU D 28 22.71 44.95 -1.73
N VAL D 29 22.90 45.79 -0.71
CA VAL D 29 24.06 46.69 -0.60
C VAL D 29 25.46 46.03 -0.69
N THR D 30 25.59 44.89 -0.04
CA THR D 30 26.81 44.15 0.13
C THR D 30 26.33 42.71 0.09
N PRO D 31 27.20 41.74 -0.27
CA PRO D 31 26.58 40.44 -0.10
C PRO D 31 26.89 39.87 1.28
N CYS D 32 26.88 40.68 2.32
CA CYS D 32 27.41 40.23 3.62
C CYS D 32 26.48 39.32 4.34
N THR D 33 25.22 39.38 3.91
CA THR D 33 24.11 38.68 4.54
C THR D 33 23.81 37.37 3.87
N TRP D 34 24.54 37.08 2.80
CA TRP D 34 24.20 35.91 2.05
C TRP D 34 24.53 34.69 2.84
N PHE D 35 23.88 33.59 2.50
CA PHE D 35 24.14 32.37 3.22
C PHE D 35 25.42 31.74 2.76
N HIS D 36 26.15 31.28 3.75
CA HIS D 36 27.43 30.62 3.58
C HIS D 36 28.52 31.67 3.23
N VAL D 37 28.15 32.83 2.68
CA VAL D 37 29.12 33.91 2.50
C VAL D 37 29.22 34.58 3.86
N THR D 38 30.42 35.10 4.19
CA THR D 38 30.62 35.87 5.42
C THR D 38 31.53 37.12 5.25
N CYS D 39 31.59 37.98 6.25
CA CYS D 39 32.42 39.18 6.13
C CYS D 39 33.24 39.54 7.36
N ASN D 40 34.08 40.56 7.21
CA ASN D 40 34.84 41.09 8.35
C ASN D 40 34.08 42.20 9.01
N SER D 41 34.70 42.83 10.00
CA SER D 41 34.06 43.94 10.69
C SER D 41 33.96 45.11 9.73
N ASP D 42 34.64 45.03 8.60
CA ASP D 42 34.60 46.11 7.64
C ASP D 42 33.61 45.89 6.49
N ASN D 43 32.86 44.77 6.53
CA ASN D 43 31.93 44.39 5.45
C ASN D 43 32.57 44.15 4.08
N SER D 44 33.59 43.30 4.07
CA SER D 44 34.18 42.73 2.85
C SER D 44 34.13 41.22 3.04
N VAL D 45 34.15 40.44 1.97
CA VAL D 45 33.94 39.00 2.07
C VAL D 45 35.17 38.32 2.63
N THR D 46 35.10 37.62 3.77
CA THR D 46 36.25 36.77 4.09
C THR D 46 36.05 35.32 3.73
N ARG D 47 34.84 34.87 3.48
CA ARG D 47 34.68 33.44 3.24
C ARG D 47 33.63 33.22 2.18
N VAL D 48 33.63 32.08 1.50
CA VAL D 48 32.45 31.63 0.79
C VAL D 48 32.44 30.17 1.06
N ASP D 49 31.53 29.60 1.82
CA ASP D 49 31.68 28.14 1.94
C ASP D 49 30.49 27.46 1.32
N LEU D 50 30.64 27.11 0.06
CA LEU D 50 29.60 26.41 -0.68
C LEU D 50 29.97 24.97 -0.69
N GLY D 51 31.01 24.64 0.08
CA GLY D 51 31.63 23.33 -0.02
C GLY D 51 30.70 22.15 0.21
N ASN D 52 30.63 21.30 -0.82
CA ASN D 52 29.66 20.21 -0.94
C ASN D 52 28.18 20.67 -0.97
N ALA D 53 27.84 21.43 -2.01
CA ALA D 53 26.49 21.91 -2.24
C ALA D 53 25.73 21.10 -3.27
N ASN D 54 26.37 20.04 -3.76
CA ASN D 54 25.88 19.31 -4.92
C ASN D 54 25.82 20.26 -6.11
N LEU D 55 26.57 21.35 -6.00
CA LEU D 55 26.45 22.41 -6.98
C LEU D 55 27.40 22.17 -8.15
N SER D 56 26.94 22.48 -9.33
CA SER D 56 27.62 22.09 -10.54
C SER D 56 27.85 23.40 -11.25
N GLY D 57 28.70 23.46 -12.26
CA GLY D 57 28.82 24.72 -12.97
C GLY D 57 30.26 24.97 -13.33
N GLN D 58 30.61 26.19 -13.74
CA GLN D 58 32.01 26.53 -14.01
C GLN D 58 32.49 27.51 -12.95
N LEU D 59 33.79 27.56 -12.63
CA LEU D 59 34.20 28.67 -11.78
C LEU D 59 34.20 29.92 -12.64
N VAL D 60 34.55 31.08 -12.08
CA VAL D 60 34.50 32.27 -12.93
C VAL D 60 35.44 33.43 -12.59
N MET D 61 35.78 34.24 -13.60
CA MET D 61 36.88 35.20 -13.47
C MET D 61 36.62 36.28 -12.47
N GLN D 62 35.37 36.69 -12.41
CA GLN D 62 35.01 37.74 -11.47
C GLN D 62 35.33 37.31 -10.03
N LEU D 63 35.61 36.01 -9.83
CA LEU D 63 35.90 35.44 -8.51
C LEU D 63 37.18 36.03 -7.93
N GLY D 64 37.90 36.76 -8.77
CA GLY D 64 39.16 37.30 -8.35
C GLY D 64 38.94 38.59 -7.64
N GLN D 65 37.69 38.99 -7.62
CA GLN D 65 37.35 40.32 -7.15
C GLN D 65 37.25 40.42 -5.64
N LEU D 66 37.58 39.36 -4.91
CA LEU D 66 37.27 39.29 -3.49
C LEU D 66 38.52 39.33 -2.66
N PRO D 67 39.16 40.50 -2.62
CA PRO D 67 40.54 40.70 -2.21
C PRO D 67 40.76 40.47 -0.74
N ASN D 68 39.71 40.47 0.05
CA ASN D 68 39.90 40.06 1.43
C ASN D 68 39.46 38.65 1.77
N LEU D 69 39.07 37.94 0.73
CA LEU D 69 38.63 36.56 0.84
C LEU D 69 39.76 35.80 1.49
N GLN D 70 39.48 34.96 2.45
CA GLN D 70 40.53 34.10 2.93
C GLN D 70 40.22 32.68 2.57
N TYR D 71 39.27 32.08 3.27
CA TYR D 71 39.03 30.67 3.08
C TYR D 71 37.97 30.63 2.00
N LEU D 72 38.18 29.84 0.95
CA LEU D 72 37.23 29.72 -0.12
C LEU D 72 37.05 28.26 -0.30
N GLU D 73 35.89 27.69 -0.01
CA GLU D 73 35.79 26.25 -0.23
C GLU D 73 34.75 25.89 -1.28
N LEU D 74 35.21 25.61 -2.49
CA LEU D 74 34.29 25.23 -3.54
C LEU D 74 34.27 23.72 -3.57
N TYR D 75 34.89 23.14 -2.54
CA TYR D 75 35.28 21.74 -2.60
C TYR D 75 34.17 20.70 -2.59
N SER D 76 34.43 19.56 -3.24
CA SER D 76 33.54 18.39 -3.22
C SER D 76 32.21 18.65 -3.93
N ASN D 77 32.34 19.26 -5.10
CA ASN D 77 31.19 19.54 -5.91
C ASN D 77 31.32 18.86 -7.25
N ASN D 78 30.37 19.13 -8.11
CA ASN D 78 30.39 18.72 -9.50
C ASN D 78 30.94 19.83 -10.39
N ILE D 79 31.58 20.84 -9.78
CA ILE D 79 32.09 21.97 -10.57
C ILE D 79 33.05 21.56 -11.70
N THR D 80 32.72 21.93 -12.93
CA THR D 80 33.54 21.74 -14.13
C THR D 80 34.33 23.02 -14.40
N GLY D 81 35.08 23.05 -15.49
CA GLY D 81 35.82 24.26 -15.86
C GLY D 81 37.30 24.28 -15.49
N THR D 82 37.98 25.39 -15.79
CA THR D 82 39.40 25.55 -15.43
C THR D 82 39.53 26.45 -14.20
N ILE D 83 40.74 26.56 -13.66
CA ILE D 83 40.94 27.42 -12.50
C ILE D 83 41.47 28.75 -12.99
N PRO D 84 40.68 29.80 -12.87
CA PRO D 84 40.94 31.15 -13.43
C PRO D 84 42.18 31.77 -12.83
N GLU D 85 42.99 32.39 -13.67
CA GLU D 85 44.26 32.86 -13.19
C GLU D 85 44.13 34.13 -12.34
N GLN D 86 42.98 34.77 -12.44
CA GLN D 86 42.74 35.92 -11.59
C GLN D 86 42.41 35.45 -10.16
N LEU D 87 42.28 34.13 -9.95
CA LEU D 87 42.25 33.55 -8.59
C LEU D 87 43.49 34.03 -7.85
N GLY D 88 44.59 34.19 -8.59
CA GLY D 88 45.81 34.75 -8.04
C GLY D 88 45.69 36.21 -7.58
N ASN D 89 44.82 36.97 -8.22
CA ASN D 89 44.54 38.36 -7.82
C ASN D 89 43.86 38.44 -6.46
N LEU D 90 43.51 37.29 -5.88
CA LEU D 90 43.04 37.29 -4.52
C LEU D 90 44.26 37.14 -3.68
N THR D 91 44.75 38.27 -3.18
CA THR D 91 46.08 38.35 -2.61
C THR D 91 46.06 37.85 -1.19
N GLU D 92 45.13 38.35 -0.41
CA GLU D 92 44.95 37.73 0.87
C GLU D 92 44.38 36.39 0.45
N LEU D 93 44.52 35.37 1.32
CA LEU D 93 43.94 34.04 1.11
C LEU D 93 44.48 33.20 2.25
N VAL D 94 43.89 32.05 2.57
CA VAL D 94 44.55 31.13 3.48
C VAL D 94 44.39 29.88 2.75
N SER D 95 43.17 29.37 2.72
CA SER D 95 42.89 28.07 2.16
C SER D 95 42.28 28.20 0.78
N LEU D 96 42.73 27.35 -0.14
CA LEU D 96 42.05 27.22 -1.42
C LEU D 96 41.69 25.76 -1.58
N ASP D 97 40.42 25.42 -1.47
CA ASP D 97 40.02 24.03 -1.62
C ASP D 97 39.13 23.87 -2.84
N LEU D 98 39.71 23.39 -3.91
CA LEU D 98 38.99 23.00 -5.11
C LEU D 98 38.81 21.49 -5.11
N TYR D 99 39.17 20.84 -4.01
CA TYR D 99 39.28 19.39 -4.03
C TYR D 99 38.02 18.60 -4.30
N LEU D 100 38.19 17.39 -4.88
CA LEU D 100 37.08 16.48 -5.15
C LEU D 100 36.08 16.95 -6.21
N ASN D 101 36.59 17.57 -7.29
CA ASN D 101 35.75 18.09 -8.38
C ASN D 101 36.09 17.51 -9.75
N ASN D 102 35.38 17.97 -10.77
CA ASN D 102 35.73 17.71 -12.16
C ASN D 102 36.49 18.80 -12.95
N LEU D 103 37.00 19.81 -12.23
CA LEU D 103 37.75 20.94 -12.80
C LEU D 103 38.85 20.49 -13.78
N SER D 104 38.86 21.03 -15.00
CA SER D 104 39.83 20.57 -16.00
C SER D 104 40.85 21.65 -16.42
N GLY D 105 42.04 21.22 -16.82
CA GLY D 105 43.09 22.15 -17.25
C GLY D 105 44.27 22.34 -16.30
N PRO D 106 45.12 23.33 -16.58
CA PRO D 106 46.40 23.59 -15.90
C PRO D 106 46.29 24.14 -14.48
N ILE D 107 47.12 23.71 -13.54
CA ILE D 107 47.15 24.39 -12.22
C ILE D 107 47.89 25.73 -12.34
N PRO D 108 47.18 26.85 -12.21
CA PRO D 108 47.68 28.12 -12.74
C PRO D 108 48.90 28.62 -11.99
N SER D 109 49.91 29.13 -12.69
CA SER D 109 51.14 29.57 -12.05
C SER D 109 50.93 30.77 -11.14
N THR D 110 49.76 31.42 -11.30
CA THR D 110 49.43 32.67 -10.61
C THR D 110 49.22 32.51 -9.12
N LEU D 111 49.00 31.27 -8.70
CA LEU D 111 48.98 30.96 -7.29
C LEU D 111 50.35 31.30 -6.67
N GLY D 112 51.36 31.54 -7.49
CA GLY D 112 52.65 31.97 -6.94
C GLY D 112 52.57 33.34 -6.29
N ARG D 113 51.42 34.02 -6.44
CA ARG D 113 51.19 35.38 -5.93
C ARG D 113 50.56 35.44 -4.54
N LEU D 114 50.08 34.30 -4.06
CA LEU D 114 49.41 34.33 -2.78
C LEU D 114 50.38 33.86 -1.75
N LYS D 115 51.00 34.83 -1.08
CA LYS D 115 52.07 34.55 -0.15
C LYS D 115 51.50 34.09 1.18
N LYS D 116 50.29 34.54 1.47
CA LYS D 116 49.63 34.27 2.74
C LYS D 116 48.97 32.91 2.71
N LEU D 117 48.84 32.36 1.49
CA LEU D 117 48.12 31.11 1.29
C LEU D 117 48.76 30.07 2.23
N ARG D 118 47.96 29.58 3.16
CA ARG D 118 48.38 28.51 4.06
C ARG D 118 47.85 27.15 3.69
N PHE D 119 46.95 27.06 2.72
CA PHE D 119 46.40 25.77 2.30
C PHE D 119 46.09 25.64 0.79
N LEU D 120 46.50 24.53 0.20
CA LEU D 120 46.10 24.26 -1.17
C LEU D 120 45.66 22.82 -1.31
N ARG D 121 44.38 22.60 -1.63
CA ARG D 121 44.00 21.29 -2.11
C ARG D 121 43.40 21.44 -3.46
N LEU D 122 44.18 21.09 -4.46
CA LEU D 122 43.69 20.95 -5.83
C LEU D 122 43.40 19.48 -6.04
N ASN D 123 43.45 18.78 -4.91
CA ASN D 123 43.36 17.34 -4.74
C ASN D 123 42.18 16.68 -5.48
N ASN D 124 42.35 15.42 -5.87
CA ASN D 124 41.24 14.57 -6.38
C ASN D 124 40.53 14.96 -7.68
N ASN D 125 40.95 16.04 -8.33
CA ASN D 125 40.32 16.54 -9.57
C ASN D 125 40.79 15.83 -10.82
N SER D 126 40.48 16.38 -12.00
CA SER D 126 41.31 16.10 -13.19
C SER D 126 42.00 17.36 -13.72
N LEU D 127 43.28 17.50 -13.40
CA LEU D 127 44.05 18.65 -13.85
C LEU D 127 45.13 18.22 -14.85
N SER D 128 45.58 19.14 -15.69
CA SER D 128 46.50 18.80 -16.76
C SER D 128 47.61 19.82 -16.85
N GLY D 129 48.86 19.42 -16.56
CA GLY D 129 49.97 20.36 -16.61
C GLY D 129 51.08 20.18 -15.58
N GLU D 130 51.89 21.21 -15.40
CA GLU D 130 53.22 21.08 -14.79
C GLU D 130 53.38 20.96 -13.23
N ILE D 131 52.55 21.71 -12.47
CA ILE D 131 52.84 22.38 -11.17
C ILE D 131 53.57 23.68 -11.49
N PRO D 132 53.39 24.74 -10.71
CA PRO D 132 54.38 25.72 -11.16
C PRO D 132 55.63 25.60 -10.30
N ARG D 133 56.71 26.27 -10.66
CA ARG D 133 57.93 26.26 -9.84
C ARG D 133 57.82 27.51 -8.99
N SER D 134 56.70 28.21 -9.25
CA SER D 134 56.26 29.43 -8.60
C SER D 134 55.44 29.17 -7.34
N LEU D 135 55.07 27.92 -7.11
CA LEU D 135 54.45 27.50 -5.85
C LEU D 135 55.53 27.01 -4.89
N THR D 136 56.74 26.91 -5.39
CA THR D 136 57.88 26.73 -4.53
C THR D 136 58.02 28.06 -3.80
N ALA D 137 57.49 29.12 -4.39
CA ALA D 137 57.75 30.48 -3.92
C ALA D 137 57.25 30.78 -2.55
N VAL D 138 56.10 30.19 -2.23
CA VAL D 138 55.23 30.76 -1.22
C VAL D 138 55.61 30.50 0.25
N LEU D 139 55.96 29.26 0.57
CA LEU D 139 56.63 28.96 1.84
C LEU D 139 55.75 28.87 3.09
N THR D 140 54.48 29.22 3.00
CA THR D 140 53.63 29.13 4.20
C THR D 140 53.03 27.74 4.35
N LEU D 141 51.98 27.51 3.56
CA LEU D 141 51.52 26.19 3.11
C LEU D 141 51.73 25.12 4.13
N GLN D 142 51.09 25.18 5.28
CA GLN D 142 51.36 24.09 6.17
C GLN D 142 50.72 22.81 5.65
N VAL D 143 49.85 22.90 4.65
CA VAL D 143 49.46 21.71 3.88
C VAL D 143 49.20 22.04 2.40
N LEU D 144 49.69 21.13 1.52
CA LEU D 144 49.29 20.95 0.09
C LEU D 144 49.07 19.45 -0.19
N ASP D 145 47.81 19.09 -0.43
CA ASP D 145 47.32 17.72 -0.72
C ASP D 145 46.99 17.43 -2.18
N LEU D 146 47.37 18.30 -3.11
CA LEU D 146 47.07 17.99 -4.54
C LEU D 146 47.60 16.57 -4.95
N SER D 147 46.63 15.71 -5.25
CA SER D 147 46.84 14.29 -5.41
C SER D 147 45.93 14.07 -6.55
N ASN D 148 45.72 12.80 -6.86
CA ASN D 148 44.61 12.26 -7.63
C ASN D 148 44.27 12.84 -9.00
N ASN D 149 44.86 13.98 -9.38
CA ASN D 149 44.83 14.46 -10.78
C ASN D 149 46.15 14.42 -11.57
N PRO D 150 46.08 13.92 -12.82
CA PRO D 150 47.24 13.71 -13.71
C PRO D 150 48.01 14.96 -14.18
N LEU D 151 49.28 15.09 -13.77
CA LEU D 151 50.08 16.26 -14.13
C LEU D 151 51.46 15.97 -14.75
N THR D 152 52.33 15.32 -13.98
CA THR D 152 53.74 15.17 -14.31
C THR D 152 54.43 16.51 -14.49
N GLY D 153 55.37 16.53 -15.42
CA GLY D 153 56.22 17.66 -15.72
C GLY D 153 57.44 17.70 -14.81
N ASP D 154 57.27 17.27 -13.55
CA ASP D 154 58.33 16.95 -12.57
C ASP D 154 57.64 16.89 -11.20
N ILE D 155 58.38 16.57 -10.13
CA ILE D 155 57.93 16.92 -8.77
C ILE D 155 58.92 17.91 -8.13
N PRO D 156 58.54 19.15 -8.01
CA PRO D 156 59.49 20.14 -7.54
C PRO D 156 60.00 19.91 -6.16
N VAL D 157 61.28 20.24 -6.00
CA VAL D 157 61.93 20.43 -4.72
C VAL D 157 62.65 21.79 -4.63
N ASN D 158 62.16 22.78 -5.36
CA ASN D 158 62.74 24.13 -5.37
C ASN D 158 62.71 24.35 -3.90
N GLY D 159 61.96 23.51 -3.21
CA GLY D 159 62.09 23.34 -1.81
C GLY D 159 61.14 23.99 -0.87
N SER D 160 60.36 24.94 -1.31
CA SER D 160 59.39 25.45 -0.39
C SER D 160 58.54 24.22 -0.22
N PHE D 161 58.79 23.28 -1.11
CA PHE D 161 58.11 22.00 -1.20
C PHE D 161 58.95 21.01 -0.42
N SER D 162 59.92 21.57 0.27
CA SER D 162 60.82 20.83 1.10
C SER D 162 60.04 20.17 2.20
N LEU D 163 59.01 20.85 2.66
CA LEU D 163 58.27 20.45 3.82
C LEU D 163 57.21 19.42 3.58
N PHE D 164 57.09 18.91 2.36
CA PHE D 164 56.01 17.97 2.02
C PHE D 164 56.39 16.53 1.78
N THR D 165 55.59 15.64 2.34
CA THR D 165 55.69 14.23 2.13
C THR D 165 55.18 14.08 0.74
N PRO D 166 55.43 12.95 0.10
CA PRO D 166 54.98 12.69 -1.25
C PRO D 166 53.55 12.20 -1.13
N ILE D 167 53.11 12.03 0.09
CA ILE D 167 51.78 11.50 0.27
C ILE D 167 51.03 12.57 -0.43
N SER D 168 51.69 13.66 -0.70
CA SER D 168 51.08 14.77 -1.36
C SER D 168 51.07 14.58 -2.84
N PHE D 169 51.60 13.49 -3.36
CA PHE D 169 51.57 13.39 -4.81
C PHE D 169 50.82 12.22 -5.44
N ALA D 170 50.87 11.05 -4.88
CA ALA D 170 49.86 10.08 -5.21
C ALA D 170 49.32 9.92 -6.62
N ASN D 171 50.08 9.61 -7.65
CA ASN D 171 49.42 9.41 -8.94
C ASN D 171 49.43 10.55 -9.93
N THR D 172 50.23 11.54 -9.68
CA THR D 172 50.35 12.76 -10.49
C THR D 172 50.88 12.49 -11.92
N LYS D 173 51.11 11.21 -12.25
CA LYS D 173 51.93 10.80 -13.40
C LYS D 173 53.31 11.47 -13.28
N LEU D 174 53.87 11.47 -12.06
CA LEU D 174 54.81 12.50 -11.60
C LEU D 174 56.33 12.42 -11.90
N THR D 175 57.01 11.50 -11.19
CA THR D 175 58.47 11.43 -11.14
C THR D 175 58.89 10.34 -10.16
#